data_2KX2
#
_entry.id   2KX2
#
_entity_poly.entity_id   1
_entity_poly.type   'polypeptide(L)'
_entity_poly.pdbx_seq_one_letter_code
;MVFYLKVKVEDFGFREDMGLNYVRYRVSGLDEELTEKLIERLDEDTERDDGDLIITVFYEREYFPFGSEESKVKMADFIA
REEIEMMVFLSSVLED
;
_entity_poly.pdbx_strand_id   A
#
# COMPACT_ATOMS: atom_id res chain seq x y z
N MET A 1 20.42 2.38 -15.31
CA MET A 1 19.52 2.50 -16.45
C MET A 1 18.07 2.22 -16.01
N VAL A 2 17.91 1.32 -15.06
CA VAL A 2 16.59 0.97 -14.55
C VAL A 2 16.50 1.16 -13.04
N PHE A 3 15.35 1.63 -12.57
CA PHE A 3 15.14 1.86 -11.15
C PHE A 3 14.50 0.65 -10.49
N TYR A 4 14.84 0.40 -9.24
CA TYR A 4 14.30 -0.73 -8.50
C TYR A 4 13.49 -0.26 -7.30
N LEU A 5 12.19 -0.55 -7.32
CA LEU A 5 11.29 -0.15 -6.24
C LEU A 5 10.74 -1.38 -5.52
N LYS A 6 10.79 -1.36 -4.19
CA LYS A 6 10.29 -2.46 -3.38
C LYS A 6 9.27 -1.97 -2.37
N VAL A 7 8.05 -2.47 -2.47
CA VAL A 7 6.98 -2.08 -1.55
C VAL A 7 6.45 -3.29 -0.78
N LYS A 8 6.53 -3.21 0.55
CA LYS A 8 6.06 -4.29 1.41
C LYS A 8 5.22 -3.74 2.56
N VAL A 9 4.34 -4.57 3.10
CA VAL A 9 3.49 -4.18 4.22
C VAL A 9 4.30 -4.02 5.50
N GLU A 10 4.00 -2.97 6.26
CA GLU A 10 4.71 -2.71 7.51
C GLU A 10 3.75 -2.79 8.69
N ASP A 11 2.50 -2.39 8.46
CA ASP A 11 1.49 -2.40 9.51
C ASP A 11 0.08 -2.42 8.91
N PHE A 12 -0.65 -3.49 9.16
CA PHE A 12 -2.01 -3.62 8.64
C PHE A 12 -3.04 -3.56 9.78
N GLY A 13 -4.24 -3.09 9.45
CA GLY A 13 -5.28 -2.98 10.44
C GLY A 13 -6.65 -2.78 9.83
N PHE A 14 -7.68 -2.76 10.68
CA PHE A 14 -9.05 -2.59 10.20
C PHE A 14 -9.81 -1.61 11.09
N ARG A 15 -10.59 -0.74 10.47
CA ARG A 15 -11.38 0.24 11.20
C ARG A 15 -12.87 -0.11 11.19
N GLU A 16 -13.38 -0.49 12.35
CA GLU A 16 -14.79 -0.86 12.47
C GLU A 16 -15.69 0.36 12.34
N ASP A 17 -15.14 1.52 12.68
CA ASP A 17 -15.89 2.78 12.61
C ASP A 17 -16.24 3.11 11.17
N MET A 18 -15.42 2.63 10.23
CA MET A 18 -15.65 2.87 8.81
C MET A 18 -16.19 1.63 8.13
N GLY A 19 -15.58 0.48 8.41
CA GLY A 19 -16.03 -0.76 7.80
C GLY A 19 -15.12 -1.20 6.67
N LEU A 20 -13.90 -0.70 6.65
CA LEU A 20 -12.94 -1.05 5.61
C LEU A 20 -11.58 -1.40 6.22
N ASN A 21 -10.76 -2.10 5.45
CA ASN A 21 -9.43 -2.50 5.90
C ASN A 21 -8.36 -1.55 5.39
N TYR A 22 -7.32 -1.34 6.19
CA TYR A 22 -6.24 -0.45 5.82
C TYR A 22 -4.87 -1.11 6.08
N VAL A 23 -3.88 -0.69 5.32
CA VAL A 23 -2.53 -1.23 5.46
C VAL A 23 -1.47 -0.19 5.07
N ARG A 24 -0.35 -0.20 5.79
CA ARG A 24 0.73 0.73 5.52
C ARG A 24 1.87 0.05 4.78
N TYR A 25 2.34 0.69 3.71
CA TYR A 25 3.42 0.14 2.91
C TYR A 25 4.74 0.87 3.20
N ARG A 26 5.84 0.16 3.07
CA ARG A 26 7.16 0.73 3.31
C ARG A 26 7.93 0.90 2.00
N VAL A 27 8.16 2.15 1.61
CA VAL A 27 8.88 2.45 0.38
C VAL A 27 10.11 3.31 0.66
N SER A 28 11.24 2.91 0.10
CA SER A 28 12.49 3.64 0.28
C SER A 28 13.09 4.05 -1.06
N GLY A 29 13.55 5.29 -1.15
CA GLY A 29 14.14 5.78 -2.38
C GLY A 29 13.52 7.09 -2.83
N LEU A 30 12.28 7.33 -2.44
CA LEU A 30 11.59 8.55 -2.81
C LEU A 30 12.25 9.78 -2.18
N ASP A 31 11.79 10.96 -2.56
CA ASP A 31 12.34 12.21 -2.05
C ASP A 31 11.25 13.08 -1.44
N GLU A 32 11.66 14.09 -0.68
CA GLU A 32 10.71 15.00 -0.05
C GLU A 32 9.77 15.61 -1.07
N GLU A 33 10.33 16.04 -2.19
CA GLU A 33 9.54 16.65 -3.26
C GLU A 33 8.77 15.58 -4.05
N LEU A 34 9.46 14.48 -4.34
CA LEU A 34 8.86 13.39 -5.09
C LEU A 34 7.60 12.87 -4.39
N THR A 35 7.65 12.81 -3.07
CA THR A 35 6.51 12.34 -2.29
C THR A 35 5.25 13.10 -2.65
N GLU A 36 5.37 14.40 -2.86
CA GLU A 36 4.22 15.23 -3.22
C GLU A 36 3.60 14.76 -4.53
N LYS A 37 4.40 14.12 -5.37
CA LYS A 37 3.93 13.61 -6.65
C LYS A 37 3.03 12.40 -6.46
N LEU A 38 3.54 11.40 -5.75
CA LEU A 38 2.78 10.18 -5.49
C LEU A 38 1.56 10.48 -4.62
N ILE A 39 1.79 11.19 -3.51
CA ILE A 39 0.71 11.54 -2.60
C ILE A 39 -0.42 12.24 -3.33
N GLU A 40 -0.09 12.93 -4.41
CA GLU A 40 -1.08 13.64 -5.21
C GLU A 40 -1.86 12.68 -6.10
N ARG A 41 -1.14 11.81 -6.80
CA ARG A 41 -1.76 10.84 -7.69
C ARG A 41 -2.59 9.84 -6.91
N LEU A 42 -2.04 9.33 -5.82
CA LEU A 42 -2.73 8.36 -4.97
C LEU A 42 -3.72 9.06 -4.05
N ASP A 43 -3.43 10.30 -3.70
CA ASP A 43 -4.30 11.08 -2.83
C ASP A 43 -4.38 10.44 -1.44
N GLU A 44 -3.32 9.75 -1.04
CA GLU A 44 -3.28 9.09 0.26
C GLU A 44 -2.42 9.88 1.24
N ASP A 45 -2.19 9.29 2.40
CA ASP A 45 -1.38 9.93 3.44
C ASP A 45 0.07 9.45 3.39
N THR A 46 0.95 10.28 2.86
CA THR A 46 2.36 9.94 2.75
C THR A 46 3.20 10.76 3.72
N GLU A 47 4.22 10.11 4.30
CA GLU A 47 5.10 10.77 5.25
C GLU A 47 6.45 10.08 5.32
N ARG A 48 7.51 10.88 5.46
CA ARG A 48 8.86 10.33 5.54
C ARG A 48 9.17 9.84 6.95
N ASP A 49 9.66 8.61 7.04
CA ASP A 49 10.00 8.02 8.33
C ASP A 49 11.28 7.19 8.23
N ASP A 50 12.37 7.73 8.76
CA ASP A 50 13.66 7.04 8.73
C ASP A 50 14.08 6.75 7.29
N GLY A 51 13.59 7.55 6.35
CA GLY A 51 13.92 7.36 4.96
C GLY A 51 12.84 6.65 4.19
N ASP A 52 12.02 5.88 4.90
CA ASP A 52 10.92 5.15 4.27
C ASP A 52 9.67 6.01 4.17
N LEU A 53 8.68 5.52 3.43
CA LEU A 53 7.43 6.25 3.24
C LEU A 53 6.24 5.38 3.62
N ILE A 54 5.33 5.96 4.41
CA ILE A 54 4.15 5.24 4.86
C ILE A 54 2.93 5.62 4.01
N ILE A 55 2.26 4.61 3.46
CA ILE A 55 1.09 4.84 2.62
C ILE A 55 -0.08 3.96 3.08
N THR A 56 -1.15 4.61 3.54
CA THR A 56 -2.32 3.89 4.01
C THR A 56 -3.47 4.02 3.01
N VAL A 57 -3.93 2.89 2.49
CA VAL A 57 -5.03 2.87 1.52
C VAL A 57 -6.10 1.88 1.93
N PHE A 58 -7.31 2.39 2.20
CA PHE A 58 -8.42 1.55 2.61
C PHE A 58 -9.58 1.67 1.63
N TYR A 59 -10.29 0.57 1.41
CA TYR A 59 -11.43 0.56 0.50
C TYR A 59 -12.59 -0.24 1.08
N GLU A 60 -13.80 0.26 0.90
CA GLU A 60 -14.99 -0.41 1.40
C GLU A 60 -15.58 -1.32 0.34
N ARG A 61 -16.73 -1.93 0.66
CA ARG A 61 -17.40 -2.83 -0.27
C ARG A 61 -17.43 -2.24 -1.68
N GLU A 62 -17.60 -0.93 -1.77
CA GLU A 62 -17.64 -0.24 -3.05
C GLU A 62 -16.45 -0.64 -3.92
N TYR A 63 -15.30 -0.79 -3.28
CA TYR A 63 -14.08 -1.16 -3.99
C TYR A 63 -13.53 -2.50 -3.49
N PHE A 64 -14.36 -3.21 -2.72
CA PHE A 64 -13.96 -4.50 -2.17
C PHE A 64 -12.82 -4.34 -1.18
N PRO A 65 -13.15 -4.40 0.12
CA PRO A 65 -12.17 -4.27 1.19
C PRO A 65 -11.23 -5.46 1.28
N PHE A 66 -10.03 -5.25 1.82
CA PHE A 66 -9.04 -6.31 1.95
C PHE A 66 -9.29 -7.12 3.22
N GLY A 67 -9.89 -8.31 3.04
CA GLY A 67 -10.17 -9.16 4.18
C GLY A 67 -10.50 -10.59 3.77
N SER A 68 -9.87 -11.05 2.70
CA SER A 68 -10.10 -12.40 2.20
C SER A 68 -9.06 -13.37 2.74
N GLU A 69 -8.59 -13.12 3.96
CA GLU A 69 -7.59 -13.97 4.59
C GLU A 69 -8.16 -15.35 4.88
N GLU A 70 -9.48 -15.43 5.00
CA GLU A 70 -10.14 -16.69 5.28
C GLU A 70 -9.78 -17.74 4.24
N SER A 71 -9.40 -17.28 3.05
CA SER A 71 -9.03 -18.18 1.96
C SER A 71 -7.73 -18.91 2.28
N LYS A 72 -6.67 -18.14 2.51
CA LYS A 72 -5.37 -18.71 2.83
C LYS A 72 -5.35 -19.28 4.25
N VAL A 73 -6.26 -18.80 5.09
CA VAL A 73 -6.36 -19.26 6.46
C VAL A 73 -5.12 -18.85 7.27
N LYS A 74 -4.72 -17.60 7.12
CA LYS A 74 -3.55 -17.09 7.83
C LYS A 74 -3.31 -15.62 7.49
N MET A 75 -2.42 -14.98 8.24
CA MET A 75 -2.10 -13.58 8.01
C MET A 75 -1.33 -13.40 6.71
N ALA A 76 -0.63 -14.45 6.30
CA ALA A 76 0.15 -14.41 5.07
C ALA A 76 -0.69 -13.90 3.89
N ASP A 77 -1.99 -14.15 3.96
CA ASP A 77 -2.91 -13.72 2.91
C ASP A 77 -2.95 -12.19 2.83
N PHE A 78 -2.95 -11.55 3.98
CA PHE A 78 -2.99 -10.09 4.05
C PHE A 78 -1.74 -9.48 3.43
N ILE A 79 -0.58 -9.95 3.90
CA ILE A 79 0.70 -9.45 3.39
C ILE A 79 0.91 -9.85 1.94
N ALA A 80 0.42 -11.03 1.57
CA ALA A 80 0.55 -11.52 0.21
C ALA A 80 -0.36 -10.75 -0.75
N ARG A 81 -1.60 -10.52 -0.34
CA ARG A 81 -2.56 -9.80 -1.15
C ARG A 81 -2.23 -8.31 -1.19
N GLU A 82 -1.66 -7.81 -0.10
CA GLU A 82 -1.29 -6.40 -0.01
C GLU A 82 -0.02 -6.12 -0.80
N GLU A 83 0.98 -6.98 -0.64
CA GLU A 83 2.24 -6.83 -1.35
C GLU A 83 2.03 -6.79 -2.86
N ILE A 84 1.34 -7.81 -3.37
CA ILE A 84 1.06 -7.88 -4.80
C ILE A 84 0.18 -6.73 -5.26
N GLU A 85 -0.68 -6.26 -4.36
CA GLU A 85 -1.59 -5.16 -4.67
C GLU A 85 -0.80 -3.90 -5.03
N MET A 86 0.19 -3.57 -4.21
CA MET A 86 1.01 -2.39 -4.43
C MET A 86 2.00 -2.63 -5.57
N MET A 87 2.67 -3.77 -5.53
CA MET A 87 3.64 -4.12 -6.56
C MET A 87 3.00 -4.12 -7.94
N VAL A 88 1.89 -4.83 -8.08
CA VAL A 88 1.18 -4.91 -9.34
C VAL A 88 0.63 -3.54 -9.76
N PHE A 89 0.14 -2.79 -8.78
CA PHE A 89 -0.40 -1.46 -9.04
C PHE A 89 0.65 -0.56 -9.69
N LEU A 90 1.79 -0.42 -9.03
CA LEU A 90 2.87 0.41 -9.55
C LEU A 90 3.40 -0.12 -10.87
N SER A 91 3.77 -1.40 -10.88
CA SER A 91 4.28 -2.04 -12.09
C SER A 91 3.33 -1.83 -13.26
N SER A 92 2.03 -1.90 -12.98
CA SER A 92 1.02 -1.72 -14.01
C SER A 92 1.00 -0.28 -14.52
N VAL A 93 1.32 0.66 -13.63
CA VAL A 93 1.34 2.07 -13.97
C VAL A 93 2.59 2.42 -14.78
N LEU A 94 3.71 1.82 -14.41
CA LEU A 94 4.98 2.06 -15.09
C LEU A 94 5.03 1.31 -16.41
N GLU A 95 4.48 0.10 -16.42
CA GLU A 95 4.47 -0.73 -17.62
C GLU A 95 3.51 -0.16 -18.67
N ASP A 96 2.49 0.55 -18.19
CA ASP A 96 1.51 1.15 -19.09
C ASP A 96 1.57 2.68 -19.03
N MET A 1 21.96 4.17 -15.29
CA MET A 1 21.59 4.21 -13.88
C MET A 1 20.11 3.89 -13.70
N VAL A 2 19.80 3.19 -12.62
CA VAL A 2 18.41 2.81 -12.33
C VAL A 2 18.20 2.64 -10.83
N PHE A 3 17.00 2.99 -10.37
CA PHE A 3 16.65 2.88 -8.96
C PHE A 3 15.59 1.81 -8.74
N TYR A 4 15.91 0.83 -7.90
CA TYR A 4 14.98 -0.26 -7.61
C TYR A 4 14.31 -0.05 -6.26
N LEU A 5 12.99 0.05 -6.28
CA LEU A 5 12.22 0.26 -5.05
C LEU A 5 11.17 -0.84 -4.87
N LYS A 6 10.96 -1.27 -3.64
CA LYS A 6 9.99 -2.30 -3.34
C LYS A 6 8.99 -1.83 -2.28
N VAL A 7 7.75 -2.31 -2.37
CA VAL A 7 6.71 -1.93 -1.43
C VAL A 7 6.27 -3.13 -0.60
N LYS A 8 6.34 -2.98 0.72
CA LYS A 8 5.94 -4.05 1.63
C LYS A 8 5.09 -3.50 2.78
N VAL A 9 4.26 -4.37 3.35
CA VAL A 9 3.39 -3.97 4.46
C VAL A 9 4.18 -3.89 5.76
N GLU A 10 4.04 -2.76 6.46
CA GLU A 10 4.72 -2.56 7.72
C GLU A 10 3.75 -2.69 8.90
N ASP A 11 2.51 -2.27 8.69
CA ASP A 11 1.50 -2.34 9.72
C ASP A 11 0.11 -2.10 9.14
N PHE A 12 -0.71 -3.16 9.14
CA PHE A 12 -2.06 -3.07 8.61
C PHE A 12 -3.09 -3.45 9.67
N GLY A 13 -4.36 -3.21 9.36
CA GLY A 13 -5.43 -3.54 10.30
C GLY A 13 -6.80 -3.22 9.75
N PHE A 14 -7.83 -3.46 10.56
CA PHE A 14 -9.20 -3.19 10.15
C PHE A 14 -9.90 -2.27 11.14
N ARG A 15 -10.66 -1.32 10.62
CA ARG A 15 -11.38 -0.37 11.45
C ARG A 15 -12.89 -0.59 11.35
N GLU A 16 -13.51 -0.90 12.48
CA GLU A 16 -14.94 -1.14 12.52
C GLU A 16 -15.71 0.17 12.34
N ASP A 17 -15.18 1.24 12.91
CA ASP A 17 -15.82 2.55 12.81
C ASP A 17 -15.91 3.01 11.36
N MET A 18 -15.00 2.50 10.53
CA MET A 18 -14.98 2.86 9.12
C MET A 18 -15.57 1.74 8.26
N GLY A 19 -15.63 0.54 8.83
CA GLY A 19 -16.17 -0.60 8.10
C GLY A 19 -15.28 -1.05 6.97
N LEU A 20 -14.03 -0.58 6.98
CA LEU A 20 -13.07 -0.95 5.95
C LEU A 20 -11.73 -1.33 6.56
N ASN A 21 -10.83 -1.87 5.74
CA ASN A 21 -9.52 -2.28 6.21
C ASN A 21 -8.44 -1.35 5.66
N TYR A 22 -7.39 -1.14 6.45
CA TYR A 22 -6.29 -0.27 6.03
C TYR A 22 -4.95 -0.99 6.16
N VAL A 23 -3.96 -0.51 5.41
CA VAL A 23 -2.62 -1.11 5.44
C VAL A 23 -1.56 -0.08 5.10
N ARG A 24 -0.49 -0.06 5.90
CA ARG A 24 0.60 0.88 5.69
C ARG A 24 1.76 0.21 4.95
N TYR A 25 2.21 0.84 3.87
CA TYR A 25 3.31 0.29 3.09
C TYR A 25 4.60 1.06 3.35
N ARG A 26 5.73 0.37 3.25
CA ARG A 26 7.03 0.99 3.48
C ARG A 26 7.80 1.14 2.17
N VAL A 27 8.01 2.38 1.75
CA VAL A 27 8.73 2.65 0.52
C VAL A 27 9.94 3.54 0.78
N SER A 28 11.14 2.99 0.54
CA SER A 28 12.37 3.72 0.75
C SER A 28 13.13 3.90 -0.56
N GLY A 29 13.64 5.11 -0.79
CA GLY A 29 14.37 5.39 -2.01
C GLY A 29 13.76 6.51 -2.83
N LEU A 30 13.04 7.39 -2.15
CA LEU A 30 12.38 8.52 -2.82
C LEU A 30 12.90 9.84 -2.27
N ASP A 31 12.47 10.93 -2.88
CA ASP A 31 12.89 12.27 -2.46
C ASP A 31 11.69 13.16 -2.18
N GLU A 32 11.94 14.33 -1.60
CA GLU A 32 10.87 15.27 -1.28
C GLU A 32 10.13 15.71 -2.54
N GLU A 33 10.89 15.97 -3.61
CA GLU A 33 10.32 16.40 -4.87
C GLU A 33 9.55 15.26 -5.53
N LEU A 34 10.10 14.06 -5.47
CA LEU A 34 9.47 12.88 -6.06
C LEU A 34 8.21 12.51 -5.29
N THR A 35 8.25 12.65 -3.97
CA THR A 35 7.12 12.32 -3.12
C THR A 35 5.86 13.03 -3.59
N GLU A 36 6.01 14.28 -4.00
CA GLU A 36 4.88 15.07 -4.48
C GLU A 36 4.22 14.42 -5.69
N LYS A 37 5.01 13.64 -6.43
CA LYS A 37 4.52 12.94 -7.62
C LYS A 37 3.61 11.79 -7.23
N LEU A 38 4.11 10.90 -6.38
CA LEU A 38 3.34 9.74 -5.93
C LEU A 38 2.13 10.18 -5.11
N ILE A 39 2.38 11.06 -4.13
CA ILE A 39 1.31 11.56 -3.27
C ILE A 39 0.17 12.14 -4.09
N GLU A 40 0.50 12.65 -5.28
CA GLU A 40 -0.49 13.24 -6.17
C GLU A 40 -1.29 12.16 -6.88
N ARG A 41 -0.59 11.18 -7.44
CA ARG A 41 -1.24 10.08 -8.15
C ARG A 41 -2.07 9.22 -7.19
N LEU A 42 -1.49 8.90 -6.05
CA LEU A 42 -2.17 8.08 -5.05
C LEU A 42 -3.18 8.91 -4.27
N ASP A 43 -2.82 10.15 -3.97
CA ASP A 43 -3.70 11.05 -3.23
C ASP A 43 -3.98 10.52 -1.83
N GLU A 44 -3.05 9.70 -1.33
CA GLU A 44 -3.20 9.11 0.00
C GLU A 44 -2.36 9.87 1.02
N ASP A 45 -2.32 9.36 2.25
CA ASP A 45 -1.56 9.99 3.32
C ASP A 45 -0.10 9.53 3.29
N THR A 46 0.78 10.39 2.80
CA THR A 46 2.20 10.06 2.71
C THR A 46 3.01 10.88 3.72
N GLU A 47 4.03 10.25 4.29
CA GLU A 47 4.88 10.91 5.27
C GLU A 47 6.25 10.25 5.33
N ARG A 48 7.29 11.07 5.49
CA ARG A 48 8.65 10.56 5.57
C ARG A 48 9.01 10.16 7.00
N ASP A 49 9.45 8.92 7.16
CA ASP A 49 9.83 8.40 8.47
C ASP A 49 11.08 7.54 8.38
N ASP A 50 12.19 8.08 8.88
CA ASP A 50 13.46 7.36 8.84
C ASP A 50 13.91 7.10 7.41
N GLY A 51 13.42 7.92 6.49
CA GLY A 51 13.79 7.76 5.09
C GLY A 51 12.82 6.86 4.34
N ASP A 52 11.74 6.48 5.01
CA ASP A 52 10.74 5.61 4.40
C ASP A 52 9.45 6.39 4.10
N LEU A 53 8.54 5.75 3.37
CA LEU A 53 7.27 6.39 3.02
C LEU A 53 6.10 5.52 3.46
N ILE A 54 5.20 6.12 4.23
CA ILE A 54 4.02 5.41 4.71
C ILE A 54 2.80 5.71 3.85
N ILE A 55 2.18 4.66 3.33
CA ILE A 55 1.00 4.81 2.49
C ILE A 55 -0.16 3.96 3.00
N THR A 56 -1.25 4.63 3.37
CA THR A 56 -2.43 3.94 3.89
C THR A 56 -3.61 4.06 2.91
N VAL A 57 -4.08 2.92 2.43
CA VAL A 57 -5.20 2.88 1.50
C VAL A 57 -6.27 1.91 1.96
N PHE A 58 -7.45 2.44 2.27
CA PHE A 58 -8.57 1.62 2.73
C PHE A 58 -9.77 1.76 1.80
N TYR A 59 -10.51 0.68 1.63
CA TYR A 59 -11.69 0.68 0.77
C TYR A 59 -12.81 -0.14 1.37
N GLU A 60 -14.03 0.38 1.28
CA GLU A 60 -15.20 -0.31 1.83
C GLU A 60 -15.88 -1.16 0.75
N ARG A 61 -16.99 -1.80 1.12
CA ARG A 61 -17.73 -2.64 0.19
C ARG A 61 -17.90 -1.93 -1.16
N GLU A 62 -18.04 -0.62 -1.12
CA GLU A 62 -18.21 0.17 -2.34
C GLU A 62 -17.10 -0.14 -3.35
N TYR A 63 -15.90 -0.37 -2.84
CA TYR A 63 -14.75 -0.67 -3.70
C TYR A 63 -14.15 -2.03 -3.35
N PHE A 64 -14.90 -2.80 -2.56
CA PHE A 64 -14.45 -4.13 -2.15
C PHE A 64 -13.23 -4.03 -1.23
N PRO A 65 -13.47 -4.20 0.08
CA PRO A 65 -12.41 -4.14 1.09
C PRO A 65 -11.46 -5.32 1.01
N PHE A 66 -10.23 -5.13 1.48
CA PHE A 66 -9.22 -6.18 1.46
C PHE A 66 -9.37 -7.10 2.66
N GLY A 67 -9.96 -8.27 2.43
CA GLY A 67 -10.16 -9.23 3.50
C GLY A 67 -10.64 -10.58 3.00
N SER A 68 -9.71 -11.50 2.80
CA SER A 68 -10.04 -12.83 2.31
C SER A 68 -8.97 -13.84 2.71
N GLU A 69 -8.46 -13.69 3.92
CA GLU A 69 -7.42 -14.60 4.43
C GLU A 69 -7.97 -16.01 4.60
N GLU A 70 -9.29 -16.11 4.76
CA GLU A 70 -9.94 -17.40 4.94
C GLU A 70 -9.60 -18.34 3.79
N SER A 71 -9.25 -17.77 2.65
CA SER A 71 -8.91 -18.56 1.46
C SER A 71 -7.58 -19.29 1.67
N LYS A 72 -6.53 -18.52 1.94
CA LYS A 72 -5.21 -19.10 2.16
C LYS A 72 -5.14 -19.82 3.50
N VAL A 73 -6.01 -19.42 4.43
CA VAL A 73 -6.05 -20.02 5.76
C VAL A 73 -4.77 -19.72 6.54
N LYS A 74 -4.18 -18.56 6.26
CA LYS A 74 -2.96 -18.15 6.94
C LYS A 74 -2.73 -16.64 6.78
N MET A 75 -2.03 -16.06 7.75
CA MET A 75 -1.75 -14.62 7.73
C MET A 75 -1.04 -14.24 6.42
N ALA A 76 -0.34 -15.19 5.82
CA ALA A 76 0.37 -14.96 4.58
C ALA A 76 -0.54 -14.31 3.54
N ASP A 77 -1.83 -14.62 3.63
CA ASP A 77 -2.80 -14.06 2.69
C ASP A 77 -2.90 -12.55 2.83
N PHE A 78 -2.81 -12.07 4.07
CA PHE A 78 -2.88 -10.64 4.34
C PHE A 78 -1.68 -9.91 3.76
N ILE A 79 -0.49 -10.40 4.07
CA ILE A 79 0.74 -9.79 3.59
C ILE A 79 0.88 -9.97 2.08
N ALA A 80 0.42 -11.13 1.58
CA ALA A 80 0.49 -11.42 0.16
C ALA A 80 -0.50 -10.57 -0.63
N ARG A 81 -1.74 -10.55 -0.17
CA ARG A 81 -2.79 -9.78 -0.83
C ARG A 81 -2.46 -8.29 -0.82
N GLU A 82 -1.85 -7.83 0.27
CA GLU A 82 -1.49 -6.43 0.40
C GLU A 82 -0.26 -6.10 -0.44
N GLU A 83 0.78 -6.91 -0.30
CA GLU A 83 2.01 -6.71 -1.05
C GLU A 83 1.73 -6.68 -2.55
N ILE A 84 1.06 -7.72 -3.05
CA ILE A 84 0.73 -7.81 -4.47
C ILE A 84 -0.20 -6.68 -4.89
N GLU A 85 -1.03 -6.23 -3.96
CA GLU A 85 -1.98 -5.14 -4.23
C GLU A 85 -1.24 -3.88 -4.65
N MET A 86 -0.21 -3.51 -3.89
CA MET A 86 0.57 -2.33 -4.18
C MET A 86 1.54 -2.58 -5.32
N MET A 87 2.24 -3.71 -5.26
CA MET A 87 3.21 -4.07 -6.28
C MET A 87 2.55 -4.11 -7.66
N VAL A 88 1.36 -4.71 -7.73
CA VAL A 88 0.63 -4.81 -8.98
C VAL A 88 0.01 -3.47 -9.36
N PHE A 89 -0.47 -2.74 -8.37
CA PHE A 89 -1.09 -1.44 -8.60
C PHE A 89 -0.10 -0.48 -9.25
N LEU A 90 1.05 -0.29 -8.60
CA LEU A 90 2.08 0.60 -9.12
C LEU A 90 2.59 0.12 -10.48
N SER A 91 2.65 -1.20 -10.65
CA SER A 91 3.11 -1.78 -11.91
C SER A 91 2.25 -1.33 -13.07
N SER A 92 0.96 -1.10 -12.80
CA SER A 92 0.02 -0.66 -13.83
C SER A 92 0.34 0.75 -14.29
N VAL A 93 0.87 1.57 -13.37
CA VAL A 93 1.23 2.95 -13.69
C VAL A 93 2.58 3.02 -14.39
N LEU A 94 3.50 2.16 -13.97
CA LEU A 94 4.83 2.12 -14.56
C LEU A 94 4.82 1.42 -15.92
N GLU A 95 4.00 0.39 -16.04
CA GLU A 95 3.89 -0.36 -17.28
C GLU A 95 3.31 0.51 -18.39
N ASP A 96 2.43 1.43 -18.01
CA ASP A 96 1.81 2.33 -18.98
C ASP A 96 1.55 3.70 -18.36
N MET A 1 16.05 1.39 -17.76
CA MET A 1 15.25 2.18 -16.82
C MET A 1 14.46 1.26 -15.89
N VAL A 2 15.14 0.29 -15.30
CA VAL A 2 14.50 -0.65 -14.39
C VAL A 2 14.82 -0.32 -12.94
N PHE A 3 14.14 0.69 -12.41
CA PHE A 3 14.35 1.11 -11.03
C PHE A 3 14.01 -0.01 -10.05
N TYR A 4 14.73 -0.04 -8.93
CA TYR A 4 14.51 -1.08 -7.93
C TYR A 4 13.66 -0.54 -6.77
N LEU A 5 12.50 -1.15 -6.57
CA LEU A 5 11.59 -0.74 -5.50
C LEU A 5 10.80 -1.92 -4.98
N LYS A 6 10.81 -2.11 -3.66
CA LYS A 6 10.08 -3.20 -3.03
C LYS A 6 9.15 -2.68 -1.94
N VAL A 7 7.88 -3.10 -2.00
CA VAL A 7 6.90 -2.68 -1.02
C VAL A 7 6.59 -3.80 -0.04
N LYS A 8 6.59 -3.47 1.25
CA LYS A 8 6.30 -4.44 2.29
C LYS A 8 5.36 -3.86 3.34
N VAL A 9 4.45 -4.69 3.85
CA VAL A 9 3.50 -4.26 4.87
C VAL A 9 4.19 -4.01 6.20
N GLU A 10 4.07 -2.79 6.70
CA GLU A 10 4.69 -2.42 7.98
C GLU A 10 3.69 -2.58 9.12
N ASP A 11 2.43 -2.26 8.85
CA ASP A 11 1.38 -2.36 9.85
C ASP A 11 0.01 -2.22 9.22
N PHE A 12 -0.71 -3.33 9.13
CA PHE A 12 -2.05 -3.33 8.54
C PHE A 12 -3.12 -3.58 9.61
N GLY A 13 -4.38 -3.36 9.25
CA GLY A 13 -5.47 -3.56 10.18
C GLY A 13 -6.82 -3.24 9.57
N PHE A 14 -7.83 -3.09 10.42
CA PHE A 14 -9.18 -2.77 9.96
C PHE A 14 -9.81 -1.70 10.83
N ARG A 15 -10.39 -0.69 10.18
CA ARG A 15 -11.04 0.41 10.90
C ARG A 15 -12.55 0.23 10.92
N GLU A 16 -13.09 -0.08 12.09
CA GLU A 16 -14.53 -0.28 12.25
C GLU A 16 -15.28 1.04 12.11
N ASP A 17 -14.59 2.14 12.39
CA ASP A 17 -15.19 3.46 12.29
C ASP A 17 -15.69 3.73 10.88
N MET A 18 -15.08 3.07 9.90
CA MET A 18 -15.47 3.24 8.50
C MET A 18 -16.03 1.93 7.94
N GLY A 19 -15.48 0.82 8.40
CA GLY A 19 -15.94 -0.48 7.93
C GLY A 19 -15.11 -0.99 6.76
N LEU A 20 -13.86 -0.55 6.68
CA LEU A 20 -12.98 -0.96 5.60
C LEU A 20 -11.62 -1.39 6.14
N ASN A 21 -10.84 -2.08 5.32
CA ASN A 21 -9.52 -2.55 5.72
C ASN A 21 -8.43 -1.61 5.20
N TYR A 22 -7.39 -1.42 6.01
CA TYR A 22 -6.28 -0.54 5.64
C TYR A 22 -4.94 -1.23 5.88
N VAL A 23 -3.93 -0.82 5.12
CA VAL A 23 -2.60 -1.39 5.25
C VAL A 23 -1.53 -0.36 4.96
N ARG A 24 -0.48 -0.34 5.78
CA ARG A 24 0.62 0.60 5.61
C ARG A 24 1.80 -0.05 4.89
N TYR A 25 2.26 0.60 3.84
CA TYR A 25 3.38 0.08 3.06
C TYR A 25 4.63 0.94 3.25
N ARG A 26 5.78 0.29 3.39
CA ARG A 26 7.03 0.99 3.58
C ARG A 26 7.92 0.89 2.33
N VAL A 27 8.14 2.02 1.68
CA VAL A 27 8.97 2.06 0.48
C VAL A 27 10.14 3.01 0.64
N SER A 28 11.32 2.55 0.22
CA SER A 28 12.53 3.35 0.34
C SER A 28 13.07 3.73 -1.04
N GLY A 29 13.44 5.00 -1.20
CA GLY A 29 13.95 5.47 -2.47
C GLY A 29 13.39 6.82 -2.87
N LEU A 30 12.07 6.97 -2.77
CA LEU A 30 11.42 8.23 -3.12
C LEU A 30 12.06 9.40 -2.39
N ASP A 31 11.69 10.61 -2.77
CA ASP A 31 12.23 11.82 -2.15
C ASP A 31 11.12 12.62 -1.48
N GLU A 32 11.52 13.60 -0.67
CA GLU A 32 10.56 14.44 0.03
C GLU A 32 9.69 15.22 -0.94
N GLU A 33 10.32 15.75 -1.99
CA GLU A 33 9.62 16.53 -3.00
C GLU A 33 8.82 15.61 -3.93
N LEU A 34 9.46 14.53 -4.38
CA LEU A 34 8.81 13.58 -5.27
C LEU A 34 7.52 13.05 -4.66
N THR A 35 7.56 12.78 -3.35
CA THR A 35 6.40 12.26 -2.65
C THR A 35 5.17 13.14 -2.89
N GLU A 36 5.39 14.45 -2.88
CA GLU A 36 4.31 15.41 -3.10
C GLU A 36 3.65 15.19 -4.46
N LYS A 37 4.42 14.64 -5.40
CA LYS A 37 3.91 14.38 -6.75
C LYS A 37 2.94 13.21 -6.74
N LEU A 38 3.38 12.07 -6.21
CA LEU A 38 2.54 10.88 -6.14
C LEU A 38 1.34 11.10 -5.22
N ILE A 39 1.61 11.63 -4.02
CA ILE A 39 0.56 11.90 -3.05
C ILE A 39 -0.53 12.78 -3.65
N GLU A 40 -0.15 13.60 -4.63
CA GLU A 40 -1.09 14.49 -5.29
C GLU A 40 -1.94 13.74 -6.31
N ARG A 41 -1.38 12.65 -6.84
CA ARG A 41 -2.08 11.84 -7.82
C ARG A 41 -2.80 10.67 -7.16
N LEU A 42 -2.40 10.36 -5.93
CA LEU A 42 -3.00 9.25 -5.19
C LEU A 42 -3.92 9.77 -4.09
N ASP A 43 -3.70 11.02 -3.68
CA ASP A 43 -4.52 11.64 -2.64
C ASP A 43 -4.50 10.80 -1.37
N GLU A 44 -3.43 10.04 -1.18
CA GLU A 44 -3.30 9.18 -0.01
C GLU A 44 -2.46 9.87 1.07
N ASP A 45 -2.25 9.18 2.18
CA ASP A 45 -1.46 9.72 3.29
C ASP A 45 -0.02 9.25 3.21
N THR A 46 0.88 10.18 2.91
CA THR A 46 2.30 9.86 2.81
C THR A 46 3.11 10.62 3.84
N GLU A 47 4.13 9.97 4.40
CA GLU A 47 4.98 10.59 5.41
C GLU A 47 6.36 9.94 5.43
N ARG A 48 7.38 10.75 5.63
CA ARG A 48 8.76 10.25 5.68
C ARG A 48 9.10 9.72 7.07
N ASP A 49 9.62 8.50 7.12
CA ASP A 49 9.99 7.88 8.38
C ASP A 49 11.23 7.02 8.23
N ASP A 50 12.35 7.48 8.76
CA ASP A 50 13.61 6.76 8.68
C ASP A 50 14.04 6.57 7.22
N GLY A 51 13.57 7.47 6.36
CA GLY A 51 13.91 7.38 4.94
C GLY A 51 12.85 6.67 4.13
N ASP A 52 12.03 5.87 4.81
CA ASP A 52 10.97 5.12 4.14
C ASP A 52 9.70 5.96 4.04
N LEU A 53 8.74 5.47 3.27
CA LEU A 53 7.47 6.18 3.08
C LEU A 53 6.29 5.30 3.45
N ILE A 54 5.36 5.85 4.23
CA ILE A 54 4.18 5.12 4.65
C ILE A 54 2.98 5.42 3.77
N ILE A 55 2.33 4.38 3.27
CA ILE A 55 1.16 4.55 2.41
C ILE A 55 -0.01 3.72 2.90
N THR A 56 -1.12 4.39 3.22
CA THR A 56 -2.31 3.70 3.71
C THR A 56 -3.47 3.87 2.73
N VAL A 57 -3.96 2.74 2.20
CA VAL A 57 -5.06 2.76 1.26
C VAL A 57 -6.15 1.77 1.67
N PHE A 58 -7.33 2.30 2.00
CA PHE A 58 -8.45 1.46 2.40
C PHE A 58 -9.64 1.65 1.46
N TYR A 59 -10.39 0.57 1.24
CA TYR A 59 -11.55 0.62 0.37
C TYR A 59 -12.72 -0.15 0.97
N GLU A 60 -13.92 0.42 0.87
CA GLU A 60 -15.12 -0.21 1.41
C GLU A 60 -15.82 -1.05 0.34
N ARG A 61 -16.96 -1.60 0.69
CA ARG A 61 -17.73 -2.43 -0.23
C ARG A 61 -17.80 -1.78 -1.61
N GLU A 62 -17.90 -0.46 -1.64
CA GLU A 62 -17.97 0.28 -2.89
C GLU A 62 -16.84 -0.14 -3.83
N TYR A 63 -15.66 -0.38 -3.26
CA TYR A 63 -14.49 -0.77 -4.05
C TYR A 63 -14.02 -2.15 -3.63
N PHE A 64 -14.84 -2.86 -2.86
CA PHE A 64 -14.50 -4.20 -2.40
C PHE A 64 -13.30 -4.15 -1.46
N PRO A 65 -13.56 -4.25 -0.15
CA PRO A 65 -12.51 -4.22 0.88
C PRO A 65 -11.66 -5.48 0.87
N PHE A 66 -10.35 -5.31 1.06
CA PHE A 66 -9.43 -6.43 1.08
C PHE A 66 -9.39 -7.09 2.45
N GLY A 67 -9.44 -8.42 2.45
CA GLY A 67 -9.42 -9.16 3.70
C GLY A 67 -9.85 -10.61 3.54
N SER A 68 -9.44 -11.21 2.43
CA SER A 68 -9.80 -12.60 2.14
C SER A 68 -8.71 -13.55 2.64
N GLU A 69 -8.21 -13.29 3.84
CA GLU A 69 -7.16 -14.11 4.43
C GLU A 69 -7.69 -15.53 4.72
N GLU A 70 -9.01 -15.64 4.88
CA GLU A 70 -9.62 -16.92 5.17
C GLU A 70 -9.25 -17.95 4.11
N SER A 71 -8.91 -17.48 2.91
CA SER A 71 -8.53 -18.36 1.82
C SER A 71 -7.24 -19.10 2.13
N LYS A 72 -6.18 -18.34 2.39
CA LYS A 72 -4.88 -18.92 2.71
C LYS A 72 -4.87 -19.51 4.11
N VAL A 73 -5.78 -19.02 4.96
CA VAL A 73 -5.88 -19.51 6.33
C VAL A 73 -4.65 -19.13 7.14
N LYS A 74 -4.24 -17.87 7.01
CA LYS A 74 -3.06 -17.38 7.74
C LYS A 74 -2.83 -15.91 7.45
N MET A 75 -1.92 -15.29 8.20
CA MET A 75 -1.60 -13.88 8.01
C MET A 75 -0.84 -13.67 6.70
N ALA A 76 -0.15 -14.71 6.25
CA ALA A 76 0.62 -14.64 5.01
C ALA A 76 -0.25 -14.10 3.86
N ASP A 77 -1.54 -14.37 3.93
CA ASP A 77 -2.47 -13.93 2.91
C ASP A 77 -2.55 -12.40 2.87
N PHE A 78 -2.63 -11.79 4.05
CA PHE A 78 -2.71 -10.35 4.15
C PHE A 78 -1.46 -9.68 3.57
N ILE A 79 -0.30 -10.12 4.03
CA ILE A 79 0.97 -9.58 3.56
C ILE A 79 1.19 -9.90 2.08
N ALA A 80 0.70 -11.07 1.66
CA ALA A 80 0.84 -11.50 0.28
C ALA A 80 -0.04 -10.67 -0.65
N ARG A 81 -1.30 -10.50 -0.26
CA ARG A 81 -2.24 -9.72 -1.06
C ARG A 81 -1.93 -8.24 -0.98
N GLU A 82 -1.42 -7.81 0.18
CA GLU A 82 -1.08 -6.40 0.38
C GLU A 82 0.16 -6.02 -0.41
N GLU A 83 1.19 -6.87 -0.35
CA GLU A 83 2.43 -6.62 -1.07
C GLU A 83 2.21 -6.60 -2.57
N ILE A 84 1.58 -7.65 -3.08
CA ILE A 84 1.30 -7.76 -4.50
C ILE A 84 0.35 -6.66 -4.96
N GLU A 85 -0.53 -6.23 -4.07
CA GLU A 85 -1.50 -5.18 -4.37
C GLU A 85 -0.79 -3.91 -4.84
N MET A 86 0.24 -3.52 -4.10
CA MET A 86 1.01 -2.32 -4.44
C MET A 86 1.97 -2.59 -5.58
N MET A 87 2.69 -3.71 -5.49
CA MET A 87 3.65 -4.09 -6.52
C MET A 87 2.99 -4.14 -7.89
N VAL A 88 1.84 -4.81 -7.96
CA VAL A 88 1.09 -4.93 -9.21
C VAL A 88 0.47 -3.60 -9.62
N PHE A 89 -0.02 -2.86 -8.62
CA PHE A 89 -0.65 -1.57 -8.87
C PHE A 89 0.34 -0.60 -9.49
N LEU A 90 1.47 -0.40 -8.83
CA LEU A 90 2.51 0.50 -9.33
C LEU A 90 3.10 -0.01 -10.63
N SER A 91 3.19 -1.33 -10.75
CA SER A 91 3.76 -1.94 -11.95
C SER A 91 2.83 -1.75 -13.14
N SER A 92 1.53 -1.82 -12.89
CA SER A 92 0.54 -1.65 -13.95
C SER A 92 0.52 -0.21 -14.45
N VAL A 93 0.81 0.73 -13.56
CA VAL A 93 0.85 2.14 -13.91
C VAL A 93 2.15 2.52 -14.59
N LEU A 94 3.24 1.91 -14.13
CA LEU A 94 4.56 2.18 -14.70
C LEU A 94 4.75 1.47 -16.02
N GLU A 95 4.19 0.26 -16.12
CA GLU A 95 4.30 -0.53 -17.35
C GLU A 95 3.56 0.16 -18.50
N ASP A 96 2.52 0.90 -18.15
CA ASP A 96 1.72 1.60 -19.16
C ASP A 96 1.63 3.09 -18.83
N MET A 1 19.34 -0.04 -15.17
CA MET A 1 18.34 -0.99 -14.72
C MET A 1 18.72 -1.59 -13.38
N VAL A 2 19.12 -0.73 -12.44
CA VAL A 2 19.53 -1.18 -11.11
C VAL A 2 18.52 -0.71 -10.06
N PHE A 3 17.75 0.31 -10.39
CA PHE A 3 16.75 0.85 -9.48
C PHE A 3 15.46 0.04 -9.53
N TYR A 4 15.17 -0.68 -8.45
CA TYR A 4 13.97 -1.50 -8.38
C TYR A 4 13.24 -1.28 -7.06
N LEU A 5 12.42 -0.23 -7.01
CA LEU A 5 11.66 0.10 -5.81
C LEU A 5 10.88 -1.12 -5.32
N LYS A 6 10.86 -1.31 -4.01
CA LYS A 6 10.15 -2.43 -3.41
C LYS A 6 9.17 -1.94 -2.35
N VAL A 7 7.96 -2.51 -2.36
CA VAL A 7 6.93 -2.14 -1.41
C VAL A 7 6.51 -3.33 -0.55
N LYS A 8 6.60 -3.17 0.76
CA LYS A 8 6.23 -4.23 1.69
C LYS A 8 5.39 -3.68 2.84
N VAL A 9 4.59 -4.55 3.45
CA VAL A 9 3.74 -4.14 4.57
C VAL A 9 4.57 -3.88 5.82
N GLU A 10 4.28 -2.76 6.49
CA GLU A 10 5.00 -2.39 7.70
C GLU A 10 4.07 -2.37 8.91
N ASP A 11 2.78 -2.18 8.64
CA ASP A 11 1.78 -2.13 9.70
C ASP A 11 0.37 -2.15 9.12
N PHE A 12 -0.35 -3.25 9.37
CA PHE A 12 -1.71 -3.39 8.87
C PHE A 12 -2.73 -3.23 10.00
N GLY A 13 -3.97 -2.90 9.63
CA GLY A 13 -5.01 -2.73 10.63
C GLY A 13 -6.38 -2.56 10.00
N PHE A 14 -7.41 -2.98 10.73
CA PHE A 14 -8.78 -2.88 10.24
C PHE A 14 -9.61 -1.96 11.12
N ARG A 15 -10.45 -1.15 10.49
CA ARG A 15 -11.31 -0.21 11.21
C ARG A 15 -12.78 -0.59 11.07
N GLU A 16 -13.30 -1.30 12.06
CA GLU A 16 -14.70 -1.72 12.05
C GLU A 16 -15.63 -0.52 11.98
N ASP A 17 -15.14 0.63 12.45
CA ASP A 17 -15.93 1.86 12.45
C ASP A 17 -16.12 2.37 11.03
N MET A 18 -15.18 2.02 10.15
CA MET A 18 -15.26 2.45 8.75
C MET A 18 -15.75 1.32 7.86
N GLY A 19 -15.56 0.09 8.31
CA GLY A 19 -15.99 -1.06 7.53
C GLY A 19 -15.01 -1.44 6.45
N LEU A 20 -13.80 -0.90 6.54
CA LEU A 20 -12.76 -1.19 5.56
C LEU A 20 -11.44 -1.54 6.24
N ASN A 21 -10.48 -2.01 5.45
CA ASN A 21 -9.18 -2.39 5.98
C ASN A 21 -8.08 -1.49 5.42
N TYR A 22 -7.10 -1.16 6.27
CA TYR A 22 -5.99 -0.31 5.86
C TYR A 22 -4.66 -0.97 6.16
N VAL A 23 -3.63 -0.56 5.40
CA VAL A 23 -2.30 -1.12 5.59
C VAL A 23 -1.22 -0.12 5.18
N ARG A 24 -0.16 -0.04 5.98
CA ARG A 24 0.94 0.88 5.70
C ARG A 24 2.09 0.17 4.99
N TYR A 25 2.52 0.72 3.88
CA TYR A 25 3.62 0.13 3.11
C TYR A 25 4.91 0.93 3.30
N ARG A 26 6.04 0.25 3.13
CA ARG A 26 7.34 0.89 3.29
C ARG A 26 8.03 1.06 1.93
N VAL A 27 8.19 2.32 1.52
CA VAL A 27 8.83 2.62 0.24
C VAL A 27 10.05 3.52 0.44
N SER A 28 11.21 3.01 0.06
CA SER A 28 12.45 3.77 0.20
C SER A 28 13.05 4.08 -1.17
N GLY A 29 13.49 5.33 -1.34
CA GLY A 29 14.07 5.74 -2.60
C GLY A 29 13.34 6.92 -3.22
N LEU A 30 12.68 7.71 -2.39
CA LEU A 30 11.94 8.87 -2.86
C LEU A 30 12.46 10.15 -2.20
N ASP A 31 12.02 11.29 -2.73
CA ASP A 31 12.44 12.58 -2.20
C ASP A 31 11.25 13.34 -1.61
N GLU A 32 11.54 14.41 -0.87
CA GLU A 32 10.49 15.21 -0.25
C GLU A 32 9.61 15.87 -1.31
N GLU A 33 10.24 16.35 -2.39
CA GLU A 33 9.52 17.00 -3.46
C GLU A 33 8.79 15.98 -4.33
N LEU A 34 9.50 14.90 -4.68
CA LEU A 34 8.92 13.85 -5.50
C LEU A 34 7.66 13.28 -4.86
N THR A 35 7.72 13.06 -3.55
CA THR A 35 6.58 12.51 -2.81
C THR A 35 5.33 13.33 -3.06
N GLU A 36 5.48 14.65 -3.11
CA GLU A 36 4.35 15.55 -3.34
C GLU A 36 3.69 15.25 -4.68
N LYS A 37 4.47 14.71 -5.60
CA LYS A 37 3.95 14.36 -6.94
C LYS A 37 3.03 13.16 -6.87
N LEU A 38 3.52 12.06 -6.29
CA LEU A 38 2.74 10.85 -6.17
C LEU A 38 1.54 11.06 -5.25
N ILE A 39 1.81 11.63 -4.07
CA ILE A 39 0.76 11.89 -3.10
C ILE A 39 -0.37 12.71 -3.72
N GLU A 40 -0.04 13.51 -4.72
CA GLU A 40 -1.02 14.34 -5.40
C GLU A 40 -1.85 13.52 -6.38
N ARG A 41 -1.27 12.43 -6.88
CA ARG A 41 -1.96 11.56 -7.82
C ARG A 41 -2.62 10.40 -7.09
N LEU A 42 -2.19 10.15 -5.86
CA LEU A 42 -2.74 9.06 -5.06
C LEU A 42 -3.69 9.60 -3.99
N ASP A 43 -3.54 10.87 -3.66
CA ASP A 43 -4.39 11.51 -2.66
C ASP A 43 -4.37 10.72 -1.36
N GLU A 44 -3.28 10.01 -1.11
CA GLU A 44 -3.14 9.21 0.09
C GLU A 44 -2.33 9.95 1.16
N ASP A 45 -2.05 9.27 2.26
CA ASP A 45 -1.29 9.87 3.36
C ASP A 45 0.16 9.40 3.32
N THR A 46 1.05 10.26 2.84
CA THR A 46 2.47 9.93 2.76
C THR A 46 3.28 10.72 3.78
N GLU A 47 4.29 10.08 4.35
CA GLU A 47 5.14 10.73 5.34
C GLU A 47 6.53 10.09 5.37
N ARG A 48 7.55 10.92 5.54
CA ARG A 48 8.92 10.43 5.58
C ARG A 48 9.29 9.97 6.99
N ASP A 49 9.82 8.75 7.07
CA ASP A 49 10.22 8.18 8.36
C ASP A 49 11.48 7.34 8.21
N ASP A 50 12.57 7.83 8.79
CA ASP A 50 13.85 7.12 8.72
C ASP A 50 14.27 6.90 7.27
N GLY A 51 13.78 7.75 6.38
CA GLY A 51 14.11 7.62 4.98
C GLY A 51 13.07 6.84 4.20
N ASP A 52 12.24 6.10 4.92
CA ASP A 52 11.19 5.29 4.29
C ASP A 52 9.93 6.12 4.07
N LEU A 53 8.99 5.56 3.32
CA LEU A 53 7.73 6.24 3.04
C LEU A 53 6.53 5.38 3.43
N ILE A 54 5.58 5.96 4.13
CA ILE A 54 4.39 5.24 4.56
C ILE A 54 3.22 5.52 3.63
N ILE A 55 2.47 4.47 3.31
CA ILE A 55 1.31 4.60 2.43
C ILE A 55 0.13 3.78 2.95
N THR A 56 -0.94 4.48 3.33
CA THR A 56 -2.13 3.83 3.84
C THR A 56 -3.29 3.96 2.87
N VAL A 57 -3.77 2.82 2.37
CA VAL A 57 -4.88 2.79 1.43
C VAL A 57 -5.94 1.79 1.84
N PHE A 58 -7.13 2.30 2.16
CA PHE A 58 -8.23 1.45 2.58
C PHE A 58 -9.43 1.61 1.64
N TYR A 59 -10.16 0.51 1.44
CA TYR A 59 -11.33 0.53 0.56
C TYR A 59 -12.41 -0.42 1.08
N GLU A 60 -13.66 0.04 1.02
CA GLU A 60 -14.78 -0.76 1.49
C GLU A 60 -15.41 -1.55 0.34
N ARG A 61 -16.48 -2.28 0.63
CA ARG A 61 -17.16 -3.08 -0.37
C ARG A 61 -17.36 -2.28 -1.65
N GLU A 62 -17.59 -0.98 -1.51
CA GLU A 62 -17.80 -0.10 -2.65
C GLU A 62 -16.66 -0.24 -3.66
N TYR A 63 -15.45 -0.41 -3.15
CA TYR A 63 -14.28 -0.56 -4.00
C TYR A 63 -13.59 -1.91 -3.78
N PHE A 64 -14.29 -2.80 -3.09
CA PHE A 64 -13.76 -4.13 -2.80
C PHE A 64 -12.57 -4.04 -1.85
N PRO A 65 -12.81 -4.35 -0.57
CA PRO A 65 -11.76 -4.31 0.45
C PRO A 65 -10.73 -5.42 0.28
N PHE A 66 -9.53 -5.20 0.81
CA PHE A 66 -8.46 -6.18 0.70
C PHE A 66 -8.58 -7.24 1.79
N GLY A 67 -9.08 -8.42 1.41
CA GLY A 67 -9.25 -9.49 2.37
C GLY A 67 -9.57 -10.81 1.70
N SER A 68 -8.73 -11.82 1.95
CA SER A 68 -8.94 -13.14 1.35
C SER A 68 -8.53 -14.24 2.34
N GLU A 69 -8.42 -13.88 3.61
CA GLU A 69 -8.05 -14.83 4.64
C GLU A 69 -9.02 -15.99 4.69
N GLU A 70 -10.22 -15.77 4.19
CA GLU A 70 -11.26 -16.81 4.17
C GLU A 70 -10.84 -17.98 3.31
N SER A 71 -9.94 -17.72 2.35
CA SER A 71 -9.46 -18.76 1.46
C SER A 71 -8.11 -19.29 1.93
N LYS A 72 -7.14 -18.41 2.07
CA LYS A 72 -5.81 -18.78 2.51
C LYS A 72 -5.84 -19.36 3.93
N VAL A 73 -6.65 -18.75 4.79
CA VAL A 73 -6.79 -19.20 6.16
C VAL A 73 -5.48 -19.00 6.93
N LYS A 74 -4.95 -17.78 6.89
CA LYS A 74 -3.72 -17.46 7.59
C LYS A 74 -3.34 -16.00 7.38
N MET A 75 -2.61 -15.44 8.34
CA MET A 75 -2.19 -14.04 8.26
C MET A 75 -1.45 -13.77 6.94
N ALA A 76 -0.83 -14.81 6.41
CA ALA A 76 -0.09 -14.68 5.15
C ALA A 76 -0.95 -14.02 4.07
N ASP A 77 -2.26 -14.23 4.15
CA ASP A 77 -3.18 -13.66 3.19
C ASP A 77 -3.17 -12.14 3.26
N PHE A 78 -3.10 -11.61 4.48
CA PHE A 78 -3.08 -10.17 4.68
C PHE A 78 -1.82 -9.54 4.09
N ILE A 79 -0.67 -10.09 4.47
CA ILE A 79 0.61 -9.58 3.98
C ILE A 79 0.76 -9.83 2.49
N ALA A 80 0.21 -10.95 2.02
CA ALA A 80 0.28 -11.29 0.61
C ALA A 80 -0.62 -10.40 -0.22
N ARG A 81 -1.87 -10.24 0.21
CA ARG A 81 -2.82 -9.40 -0.49
C ARG A 81 -2.41 -7.93 -0.45
N GLU A 82 -1.76 -7.54 0.64
CA GLU A 82 -1.32 -6.17 0.82
C GLU A 82 -0.10 -5.88 -0.06
N GLU A 83 0.88 -6.78 -0.01
CA GLU A 83 2.10 -6.63 -0.80
C GLU A 83 1.78 -6.62 -2.30
N ILE A 84 1.07 -7.65 -2.75
CA ILE A 84 0.70 -7.78 -4.15
C ILE A 84 -0.15 -6.58 -4.59
N GLU A 85 -0.93 -6.04 -3.67
CA GLU A 85 -1.79 -4.91 -3.96
C GLU A 85 -0.96 -3.70 -4.40
N MET A 86 0.13 -3.45 -3.68
CA MET A 86 1.00 -2.32 -3.99
C MET A 86 1.89 -2.64 -5.20
N MET A 87 2.49 -3.83 -5.18
CA MET A 87 3.36 -4.25 -6.27
C MET A 87 2.61 -4.25 -7.60
N VAL A 88 1.42 -4.85 -7.59
CA VAL A 88 0.60 -4.92 -8.80
C VAL A 88 0.07 -3.54 -9.18
N PHE A 89 -0.28 -2.74 -8.19
CA PHE A 89 -0.81 -1.41 -8.43
C PHE A 89 0.18 -0.57 -9.24
N LEU A 90 1.41 -0.48 -8.75
CA LEU A 90 2.45 0.29 -9.43
C LEU A 90 2.85 -0.38 -10.74
N SER A 91 2.80 -1.71 -10.76
CA SER A 91 3.15 -2.47 -11.96
C SER A 91 2.16 -2.20 -13.08
N SER A 92 0.87 -2.12 -12.74
CA SER A 92 -0.17 -1.87 -13.71
C SER A 92 -0.08 -0.45 -14.26
N VAL A 93 0.39 0.47 -13.42
CA VAL A 93 0.53 1.87 -13.82
C VAL A 93 1.82 2.09 -14.60
N LEU A 94 2.86 1.37 -14.22
CA LEU A 94 4.16 1.48 -14.89
C LEU A 94 4.15 0.73 -16.21
N GLU A 95 3.47 -0.42 -16.22
CA GLU A 95 3.40 -1.24 -17.44
C GLU A 95 2.64 -0.50 -18.54
N ASP A 96 1.66 0.31 -18.14
CA ASP A 96 0.86 1.06 -19.10
C ASP A 96 1.35 2.50 -19.20
N MET A 1 25.59 2.43 -11.60
CA MET A 1 24.89 1.50 -10.72
C MET A 1 23.38 1.67 -10.85
N VAL A 2 22.65 0.57 -10.71
CA VAL A 2 21.19 0.59 -10.81
C VAL A 2 20.54 0.34 -9.46
N PHE A 3 19.36 0.91 -9.26
CA PHE A 3 18.64 0.75 -8.01
C PHE A 3 17.18 0.38 -8.26
N TYR A 4 16.56 -0.30 -7.31
CA TYR A 4 15.17 -0.72 -7.43
C TYR A 4 14.41 -0.47 -6.14
N LEU A 5 13.14 -0.11 -6.27
CA LEU A 5 12.29 0.15 -5.10
C LEU A 5 11.29 -0.98 -4.89
N LYS A 6 11.08 -1.34 -3.62
CA LYS A 6 10.14 -2.40 -3.28
C LYS A 6 9.11 -1.92 -2.27
N VAL A 7 7.90 -2.47 -2.35
CA VAL A 7 6.83 -2.09 -1.44
C VAL A 7 6.35 -3.30 -0.63
N LYS A 8 6.43 -3.19 0.69
CA LYS A 8 6.00 -4.27 1.58
C LYS A 8 5.19 -3.71 2.74
N VAL A 9 4.33 -4.55 3.31
CA VAL A 9 3.50 -4.15 4.44
C VAL A 9 4.33 -3.98 5.70
N GLU A 10 4.10 -2.89 6.43
CA GLU A 10 4.83 -2.63 7.66
C GLU A 10 3.90 -2.65 8.87
N ASP A 11 2.64 -2.31 8.64
CA ASP A 11 1.65 -2.30 9.71
C ASP A 11 0.24 -2.32 9.14
N PHE A 12 -0.48 -3.43 9.37
CA PHE A 12 -1.85 -3.57 8.87
C PHE A 12 -2.85 -3.46 10.02
N GLY A 13 -4.08 -3.09 9.69
CA GLY A 13 -5.12 -2.95 10.70
C GLY A 13 -6.49 -2.75 10.09
N PHE A 14 -7.52 -3.22 10.78
CA PHE A 14 -8.89 -3.10 10.30
C PHE A 14 -9.72 -2.24 11.26
N ARG A 15 -10.57 -1.39 10.70
CA ARG A 15 -11.41 -0.52 11.50
C ARG A 15 -12.89 -0.89 11.34
N GLU A 16 -13.48 -1.42 12.40
CA GLU A 16 -14.88 -1.83 12.37
C GLU A 16 -15.79 -0.61 12.33
N ASP A 17 -15.28 0.53 12.80
CA ASP A 17 -16.04 1.77 12.81
C ASP A 17 -16.24 2.30 11.41
N MET A 18 -15.33 1.94 10.51
CA MET A 18 -15.40 2.39 9.12
C MET A 18 -15.92 1.28 8.22
N GLY A 19 -15.70 0.04 8.62
CA GLY A 19 -16.14 -1.09 7.84
C GLY A 19 -15.17 -1.48 6.75
N LEU A 20 -13.95 -0.95 6.84
CA LEU A 20 -12.91 -1.25 5.85
C LEU A 20 -11.59 -1.56 6.53
N ASN A 21 -10.64 -2.06 5.75
CA ASN A 21 -9.32 -2.42 6.28
C ASN A 21 -8.24 -1.51 5.70
N TYR A 22 -7.23 -1.23 6.50
CA TYR A 22 -6.13 -0.37 6.07
C TYR A 22 -4.78 -1.05 6.31
N VAL A 23 -3.76 -0.62 5.56
CA VAL A 23 -2.43 -1.18 5.69
C VAL A 23 -1.37 -0.17 5.30
N ARG A 24 -0.28 -0.13 6.06
CA ARG A 24 0.82 0.80 5.78
C ARG A 24 1.94 0.11 5.01
N TYR A 25 2.35 0.71 3.91
CA TYR A 25 3.41 0.16 3.08
C TYR A 25 4.71 0.94 3.27
N ARG A 26 5.84 0.23 3.13
CA ARG A 26 7.14 0.86 3.29
C ARG A 26 7.84 1.00 1.94
N VAL A 27 8.01 2.24 1.48
CA VAL A 27 8.66 2.50 0.21
C VAL A 27 9.85 3.43 0.38
N SER A 28 11.03 2.96 -0.04
CA SER A 28 12.25 3.75 0.07
C SER A 28 12.91 3.94 -1.30
N GLY A 29 13.35 5.16 -1.57
CA GLY A 29 13.99 5.44 -2.84
C GLY A 29 13.43 6.70 -3.49
N LEU A 30 12.33 7.20 -2.97
CA LEU A 30 11.69 8.40 -3.52
C LEU A 30 12.32 9.66 -2.94
N ASP A 31 11.76 10.81 -3.29
CA ASP A 31 12.26 12.09 -2.80
C ASP A 31 11.16 12.88 -2.13
N GLU A 32 11.56 13.96 -1.44
CA GLU A 32 10.59 14.81 -0.74
C GLU A 32 9.65 15.49 -1.73
N GLU A 33 10.21 15.95 -2.84
CA GLU A 33 9.40 16.62 -3.87
C GLU A 33 8.61 15.61 -4.68
N LEU A 34 9.26 14.52 -5.07
CA LEU A 34 8.61 13.47 -5.86
C LEU A 34 7.37 12.95 -5.14
N THR A 35 7.49 12.76 -3.83
CA THR A 35 6.37 12.27 -3.03
C THR A 35 5.11 13.10 -3.25
N GLU A 36 5.30 14.41 -3.34
CA GLU A 36 4.18 15.32 -3.55
C GLU A 36 3.45 15.00 -4.85
N LYS A 37 4.17 14.41 -5.80
CA LYS A 37 3.60 14.05 -7.09
C LYS A 37 2.65 12.86 -6.95
N LEU A 38 3.15 11.78 -6.37
CA LEU A 38 2.35 10.58 -6.17
C LEU A 38 1.20 10.84 -5.20
N ILE A 39 1.53 11.44 -4.06
CA ILE A 39 0.52 11.74 -3.05
C ILE A 39 -0.61 12.57 -3.63
N GLU A 40 -0.31 13.35 -4.68
CA GLU A 40 -1.30 14.18 -5.32
C GLU A 40 -2.20 13.34 -6.24
N ARG A 41 -1.66 12.23 -6.74
CA ARG A 41 -2.40 11.35 -7.63
C ARG A 41 -3.06 10.22 -6.84
N LEU A 42 -2.59 9.99 -5.63
CA LEU A 42 -3.13 8.94 -4.77
C LEU A 42 -4.02 9.53 -3.69
N ASP A 43 -3.82 10.81 -3.40
CA ASP A 43 -4.61 11.50 -2.38
C ASP A 43 -4.57 10.74 -1.07
N GLU A 44 -3.49 9.99 -0.84
CA GLU A 44 -3.34 9.22 0.38
C GLU A 44 -2.49 9.97 1.41
N ASP A 45 -2.11 9.27 2.48
CA ASP A 45 -1.30 9.87 3.53
C ASP A 45 0.15 9.37 3.45
N THR A 46 1.03 10.23 2.94
CA THR A 46 2.44 9.87 2.82
C THR A 46 3.30 10.68 3.78
N GLU A 47 4.38 10.05 4.26
CA GLU A 47 5.28 10.71 5.19
C GLU A 47 6.64 10.03 5.21
N ARG A 48 7.70 10.82 5.33
CA ARG A 48 9.06 10.29 5.35
C ARG A 48 9.50 9.98 6.78
N ASP A 49 9.96 8.75 6.99
CA ASP A 49 10.41 8.33 8.30
C ASP A 49 11.62 7.41 8.19
N ASP A 50 12.78 7.91 8.63
CA ASP A 50 14.02 7.13 8.58
C ASP A 50 14.40 6.82 7.13
N GLY A 51 13.88 7.61 6.20
CA GLY A 51 14.18 7.40 4.79
C GLY A 51 13.15 6.53 4.11
N ASP A 52 12.13 6.12 4.86
CA ASP A 52 11.09 5.26 4.32
C ASP A 52 9.82 6.07 4.02
N LEU A 53 8.87 5.45 3.34
CA LEU A 53 7.62 6.12 3.00
C LEU A 53 6.42 5.27 3.42
N ILE A 54 5.49 5.90 4.14
CA ILE A 54 4.29 5.20 4.60
C ILE A 54 3.11 5.47 3.68
N ILE A 55 2.34 4.43 3.39
CA ILE A 55 1.18 4.55 2.52
C ILE A 55 0.00 3.76 3.07
N THR A 56 -1.06 4.47 3.46
CA THR A 56 -2.25 3.83 4.00
C THR A 56 -3.44 3.99 3.06
N VAL A 57 -3.94 2.86 2.56
CA VAL A 57 -5.08 2.87 1.65
C VAL A 57 -6.16 1.89 2.09
N PHE A 58 -7.33 2.41 2.44
CA PHE A 58 -8.44 1.59 2.88
C PHE A 58 -9.65 1.77 1.97
N TYR A 59 -10.40 0.69 1.79
CA TYR A 59 -11.59 0.72 0.94
C TYR A 59 -12.68 -0.19 1.49
N GLU A 60 -13.92 0.30 1.44
CA GLU A 60 -15.06 -0.47 1.94
C GLU A 60 -15.71 -1.27 0.81
N ARG A 61 -16.78 -1.98 1.14
CA ARG A 61 -17.49 -2.79 0.15
C ARG A 61 -17.73 -2.00 -1.13
N GLU A 62 -17.91 -0.69 -0.99
CA GLU A 62 -18.15 0.18 -2.14
C GLU A 62 -17.04 0.02 -3.17
N TYR A 63 -15.81 -0.16 -2.69
CA TYR A 63 -14.67 -0.32 -3.57
C TYR A 63 -13.99 -1.67 -3.35
N PHE A 64 -14.68 -2.56 -2.64
CA PHE A 64 -14.15 -3.89 -2.35
C PHE A 64 -12.93 -3.80 -1.43
N PRO A 65 -13.15 -4.11 -0.14
CA PRO A 65 -12.10 -4.07 0.87
C PRO A 65 -11.07 -5.19 0.69
N PHE A 66 -9.85 -4.96 1.18
CA PHE A 66 -8.79 -5.95 1.06
C PHE A 66 -8.89 -6.99 2.16
N GLY A 67 -9.40 -8.17 1.80
CA GLY A 67 -9.55 -9.23 2.79
C GLY A 67 -9.43 -10.61 2.15
N SER A 68 -10.50 -11.40 2.26
CA SER A 68 -10.51 -12.74 1.69
C SER A 68 -9.37 -13.58 2.27
N GLU A 69 -8.92 -13.20 3.46
CA GLU A 69 -7.83 -13.91 4.12
C GLU A 69 -8.25 -15.33 4.51
N GLU A 70 -9.56 -15.52 4.67
CA GLU A 70 -10.10 -16.82 5.04
C GLU A 70 -9.66 -17.89 4.06
N SER A 71 -9.35 -17.48 2.84
CA SER A 71 -8.91 -18.41 1.79
C SER A 71 -7.61 -19.10 2.20
N LYS A 72 -6.58 -18.31 2.46
CA LYS A 72 -5.29 -18.84 2.86
C LYS A 72 -5.33 -19.38 4.29
N VAL A 73 -6.29 -18.88 5.07
CA VAL A 73 -6.44 -19.31 6.46
C VAL A 73 -5.24 -18.88 7.30
N LYS A 74 -4.66 -17.74 6.94
CA LYS A 74 -3.51 -17.22 7.67
C LYS A 74 -3.27 -15.75 7.33
N MET A 75 -2.66 -15.02 8.26
CA MET A 75 -2.38 -13.60 8.05
C MET A 75 -1.60 -13.39 6.76
N ALA A 76 -0.84 -14.42 6.35
CA ALA A 76 -0.04 -14.33 5.15
C ALA A 76 -0.88 -13.86 3.96
N ASP A 77 -2.17 -14.18 3.99
CA ASP A 77 -3.08 -13.78 2.92
C ASP A 77 -3.20 -12.25 2.86
N PHE A 78 -3.28 -11.62 4.02
CA PHE A 78 -3.40 -10.17 4.10
C PHE A 78 -2.16 -9.49 3.53
N ILE A 79 -0.99 -9.89 4.00
CA ILE A 79 0.26 -9.33 3.55
C ILE A 79 0.53 -9.68 2.08
N ALA A 80 0.13 -10.89 1.70
CA ALA A 80 0.31 -11.35 0.32
C ALA A 80 -0.62 -10.63 -0.63
N ARG A 81 -1.85 -10.38 -0.18
CA ARG A 81 -2.84 -9.70 -1.00
C ARG A 81 -2.51 -8.21 -1.13
N GLU A 82 -1.97 -7.64 -0.06
CA GLU A 82 -1.61 -6.23 -0.05
C GLU A 82 -0.32 -5.99 -0.81
N GLU A 83 0.70 -6.81 -0.53
CA GLU A 83 1.98 -6.69 -1.19
C GLU A 83 1.82 -6.72 -2.71
N ILE A 84 1.15 -7.76 -3.20
CA ILE A 84 0.93 -7.91 -4.63
C ILE A 84 0.07 -6.77 -5.19
N GLU A 85 -0.83 -6.27 -4.34
CA GLU A 85 -1.71 -5.17 -4.74
C GLU A 85 -0.91 -3.92 -5.07
N MET A 86 0.11 -3.65 -4.27
CA MET A 86 0.96 -2.48 -4.48
C MET A 86 1.95 -2.72 -5.62
N MET A 87 2.60 -3.88 -5.60
CA MET A 87 3.57 -4.23 -6.63
C MET A 87 2.90 -4.27 -8.01
N VAL A 88 1.72 -4.88 -8.06
CA VAL A 88 0.98 -5.00 -9.31
C VAL A 88 0.41 -3.65 -9.74
N PHE A 89 -0.06 -2.88 -8.77
CA PHE A 89 -0.63 -1.57 -9.04
C PHE A 89 0.37 -0.68 -9.77
N LEU A 90 1.55 -0.52 -9.19
CA LEU A 90 2.59 0.31 -9.78
C LEU A 90 3.06 -0.28 -11.12
N SER A 91 3.13 -1.61 -11.17
CA SER A 91 3.56 -2.30 -12.38
C SER A 91 2.75 -1.85 -13.59
N SER A 92 1.47 -1.58 -13.36
CA SER A 92 0.58 -1.15 -14.43
C SER A 92 0.95 0.26 -14.90
N VAL A 93 1.45 1.07 -13.98
CA VAL A 93 1.85 2.43 -14.32
C VAL A 93 3.23 2.47 -14.95
N LEU A 94 4.11 1.59 -14.49
CA LEU A 94 5.47 1.53 -15.02
C LEU A 94 5.50 0.80 -16.37
N GLU A 95 4.66 -0.21 -16.50
CA GLU A 95 4.58 -0.98 -17.74
C GLU A 95 4.07 -0.12 -18.88
N ASP A 96 3.26 0.87 -18.55
CA ASP A 96 2.70 1.78 -19.55
C ASP A 96 2.62 3.20 -19.01
N MET A 1 20.26 2.66 -16.39
CA MET A 1 19.94 3.71 -15.44
C MET A 1 18.48 3.60 -14.99
N VAL A 2 18.21 2.67 -14.08
CA VAL A 2 16.87 2.46 -13.56
C VAL A 2 16.90 1.88 -12.15
N PHE A 3 15.96 2.30 -11.32
CA PHE A 3 15.88 1.83 -9.95
C PHE A 3 14.50 1.22 -9.65
N TYR A 4 14.51 -0.01 -9.15
CA TYR A 4 13.26 -0.71 -8.84
C TYR A 4 12.86 -0.47 -7.38
N LEU A 5 11.71 0.16 -7.19
CA LEU A 5 11.21 0.46 -5.86
C LEU A 5 10.58 -0.79 -5.22
N LYS A 6 10.60 -0.84 -3.90
CA LYS A 6 10.03 -1.97 -3.17
C LYS A 6 8.98 -1.51 -2.17
N VAL A 7 7.80 -2.12 -2.20
CA VAL A 7 6.73 -1.77 -1.29
C VAL A 7 6.26 -2.99 -0.49
N LYS A 8 6.35 -2.88 0.84
CA LYS A 8 5.93 -3.97 1.71
C LYS A 8 5.11 -3.44 2.88
N VAL A 9 4.27 -4.30 3.44
CA VAL A 9 3.42 -3.93 4.57
C VAL A 9 4.24 -3.87 5.86
N GLU A 10 4.31 -2.68 6.45
CA GLU A 10 5.06 -2.48 7.69
C GLU A 10 4.16 -2.72 8.91
N ASP A 11 2.92 -2.25 8.82
CA ASP A 11 1.96 -2.39 9.91
C ASP A 11 0.54 -2.11 9.43
N PHE A 12 -0.22 -3.18 9.21
CA PHE A 12 -1.61 -3.04 8.75
C PHE A 12 -2.59 -3.36 9.87
N GLY A 13 -3.86 -3.07 9.63
CA GLY A 13 -4.88 -3.33 10.64
C GLY A 13 -6.29 -3.16 10.08
N PHE A 14 -7.28 -3.30 10.95
CA PHE A 14 -8.68 -3.17 10.56
C PHE A 14 -9.40 -2.17 11.45
N ARG A 15 -10.26 -1.35 10.86
CA ARG A 15 -11.02 -0.36 11.61
C ARG A 15 -12.52 -0.65 11.52
N GLU A 16 -13.03 -1.31 12.56
CA GLU A 16 -14.46 -1.65 12.60
C GLU A 16 -15.32 -0.40 12.67
N ASP A 17 -14.74 0.69 13.17
CA ASP A 17 -15.45 1.96 13.29
C ASP A 17 -15.92 2.45 11.92
N MET A 18 -15.23 2.00 10.87
CA MET A 18 -15.58 2.40 9.52
C MET A 18 -16.12 1.21 8.72
N GLY A 19 -15.55 0.03 8.98
CA GLY A 19 -15.97 -1.17 8.29
C GLY A 19 -15.03 -1.55 7.16
N LEU A 20 -13.84 -0.99 7.18
CA LEU A 20 -12.84 -1.27 6.15
C LEU A 20 -11.50 -1.63 6.76
N ASN A 21 -10.57 -2.10 5.93
CA ASN A 21 -9.25 -2.48 6.41
C ASN A 21 -8.19 -1.54 5.86
N TYR A 22 -7.15 -1.29 6.65
CA TYR A 22 -6.07 -0.40 6.24
C TYR A 22 -4.71 -1.10 6.35
N VAL A 23 -3.73 -0.60 5.61
CA VAL A 23 -2.39 -1.18 5.62
C VAL A 23 -1.34 -0.13 5.30
N ARG A 24 -0.24 -0.15 6.04
CA ARG A 24 0.85 0.80 5.84
C ARG A 24 1.97 0.18 5.00
N TYR A 25 2.35 0.88 3.95
CA TYR A 25 3.41 0.40 3.06
C TYR A 25 4.71 1.18 3.29
N ARG A 26 5.84 0.49 3.16
CA ARG A 26 7.13 1.11 3.35
C ARG A 26 7.87 1.26 2.01
N VAL A 27 8.07 2.51 1.60
CA VAL A 27 8.76 2.80 0.34
C VAL A 27 9.99 3.65 0.58
N SER A 28 11.14 3.14 0.16
CA SER A 28 12.41 3.86 0.33
C SER A 28 13.01 4.22 -1.03
N GLY A 29 13.49 5.46 -1.15
CA GLY A 29 14.08 5.90 -2.39
C GLY A 29 13.38 7.12 -2.97
N LEU A 30 12.22 7.44 -2.42
CA LEU A 30 11.44 8.59 -2.89
C LEU A 30 12.13 9.90 -2.52
N ASP A 31 11.64 11.00 -3.08
CA ASP A 31 12.20 12.31 -2.80
C ASP A 31 11.13 13.28 -2.31
N GLU A 32 11.56 14.43 -1.80
CA GLU A 32 10.63 15.43 -1.29
C GLU A 32 9.70 15.92 -2.41
N GLU A 33 10.27 16.17 -3.58
CA GLU A 33 9.49 16.64 -4.72
C GLU A 33 8.71 15.50 -5.36
N LEU A 34 9.27 14.29 -5.31
CA LEU A 34 8.63 13.12 -5.87
C LEU A 34 7.42 12.70 -5.04
N THR A 35 7.53 12.86 -3.72
CA THR A 35 6.45 12.52 -2.82
C THR A 35 5.14 13.17 -3.24
N GLU A 36 5.22 14.42 -3.70
CA GLU A 36 4.04 15.15 -4.13
C GLU A 36 3.38 14.44 -5.31
N LYS A 37 4.16 13.70 -6.07
CA LYS A 37 3.65 12.97 -7.23
C LYS A 37 2.81 11.78 -6.80
N LEU A 38 3.39 10.93 -5.95
CA LEU A 38 2.69 9.74 -5.47
C LEU A 38 1.50 10.13 -4.59
N ILE A 39 1.74 11.03 -3.65
CA ILE A 39 0.70 11.49 -2.74
C ILE A 39 -0.50 12.01 -3.53
N GLU A 40 -0.24 12.52 -4.73
CA GLU A 40 -1.30 13.04 -5.57
C GLU A 40 -2.09 11.92 -6.23
N ARG A 41 -1.38 10.96 -6.81
CA ARG A 41 -2.01 9.83 -7.47
C ARG A 41 -2.74 8.94 -6.47
N LEU A 42 -2.06 8.65 -5.35
CA LEU A 42 -2.63 7.81 -4.31
C LEU A 42 -3.65 8.58 -3.49
N ASP A 43 -3.35 9.84 -3.21
CA ASP A 43 -4.24 10.69 -2.44
C ASP A 43 -4.49 10.11 -1.05
N GLU A 44 -3.40 9.75 -0.37
CA GLU A 44 -3.49 9.18 0.97
C GLU A 44 -2.51 9.85 1.93
N ASP A 45 -2.47 9.36 3.16
CA ASP A 45 -1.56 9.91 4.17
C ASP A 45 -0.13 9.48 3.90
N THR A 46 0.73 10.45 3.64
CA THR A 46 2.15 10.18 3.38
C THR A 46 3.05 10.93 4.33
N GLU A 47 4.17 10.31 4.71
CA GLU A 47 5.12 10.92 5.63
C GLU A 47 6.49 10.26 5.52
N ARG A 48 7.54 11.07 5.61
CA ARG A 48 8.90 10.56 5.52
C ARG A 48 9.41 10.13 6.90
N ASP A 49 9.85 8.88 6.99
CA ASP A 49 10.37 8.35 8.25
C ASP A 49 11.68 7.61 8.03
N ASP A 50 12.77 8.21 8.50
CA ASP A 50 14.09 7.60 8.35
C ASP A 50 14.41 7.33 6.88
N GLY A 51 13.77 8.09 6.00
CA GLY A 51 13.99 7.92 4.58
C GLY A 51 12.90 7.10 3.91
N ASP A 52 12.10 6.41 4.73
CA ASP A 52 11.02 5.59 4.21
C ASP A 52 9.73 6.41 4.07
N LEU A 53 8.76 5.85 3.37
CA LEU A 53 7.48 6.52 3.16
C LEU A 53 6.32 5.61 3.56
N ILE A 54 5.41 6.15 4.37
CA ILE A 54 4.25 5.40 4.82
C ILE A 54 3.01 5.72 3.98
N ILE A 55 2.27 4.69 3.61
CA ILE A 55 1.06 4.86 2.81
C ILE A 55 -0.08 4.01 3.34
N THR A 56 -1.16 4.66 3.76
CA THR A 56 -2.33 3.95 4.28
C THR A 56 -3.52 4.11 3.36
N VAL A 57 -4.00 2.98 2.83
CA VAL A 57 -5.15 2.99 1.93
C VAL A 57 -6.19 1.96 2.35
N PHE A 58 -7.37 2.43 2.73
CA PHE A 58 -8.45 1.55 3.16
C PHE A 58 -9.68 1.75 2.30
N TYR A 59 -10.43 0.68 2.08
CA TYR A 59 -11.64 0.73 1.26
C TYR A 59 -12.68 -0.26 1.78
N GLU A 60 -13.93 0.20 1.84
CA GLU A 60 -15.02 -0.63 2.31
C GLU A 60 -15.74 -1.31 1.15
N ARG A 61 -16.80 -2.05 1.46
CA ARG A 61 -17.57 -2.75 0.44
C ARG A 61 -17.81 -1.86 -0.77
N GLU A 62 -18.08 -0.58 -0.52
CA GLU A 62 -18.33 0.38 -1.60
C GLU A 62 -17.22 0.30 -2.65
N TYR A 63 -15.99 0.14 -2.19
CA TYR A 63 -14.84 0.06 -3.09
C TYR A 63 -14.19 -1.31 -3.03
N PHE A 64 -14.89 -2.26 -2.42
CA PHE A 64 -14.37 -3.62 -2.29
C PHE A 64 -13.11 -3.65 -1.44
N PRO A 65 -13.26 -4.06 -0.16
CA PRO A 65 -12.14 -4.13 0.78
C PRO A 65 -11.17 -5.25 0.43
N PHE A 66 -9.89 -5.04 0.75
CA PHE A 66 -8.86 -6.03 0.47
C PHE A 66 -8.80 -7.09 1.57
N GLY A 67 -8.56 -8.34 1.17
CA GLY A 67 -8.48 -9.42 2.14
C GLY A 67 -8.99 -10.73 1.57
N SER A 68 -8.06 -11.57 1.12
CA SER A 68 -8.42 -12.87 0.55
C SER A 68 -8.23 -13.98 1.57
N GLU A 69 -8.66 -13.73 2.80
CA GLU A 69 -8.52 -14.71 3.87
C GLU A 69 -9.40 -15.93 3.60
N GLU A 70 -10.43 -15.74 2.78
CA GLU A 70 -11.35 -16.81 2.44
C GLU A 70 -10.64 -17.90 1.63
N SER A 71 -9.57 -17.50 0.94
CA SER A 71 -8.81 -18.44 0.13
C SER A 71 -7.55 -18.90 0.86
N LYS A 72 -6.72 -17.94 1.26
CA LYS A 72 -5.49 -18.24 1.98
C LYS A 72 -5.79 -18.82 3.35
N VAL A 73 -6.74 -18.22 4.05
CA VAL A 73 -7.12 -18.69 5.38
C VAL A 73 -5.99 -18.45 6.38
N LYS A 74 -5.48 -17.22 6.42
CA LYS A 74 -4.41 -16.87 7.33
C LYS A 74 -4.02 -15.41 7.17
N MET A 75 -3.47 -14.83 8.23
CA MET A 75 -3.04 -13.43 8.20
C MET A 75 -2.17 -13.15 6.98
N ALA A 76 -1.43 -14.16 6.54
CA ALA A 76 -0.56 -14.02 5.38
C ALA A 76 -1.33 -13.48 4.18
N ASP A 77 -2.62 -13.80 4.12
CA ASP A 77 -3.48 -13.35 3.02
C ASP A 77 -3.58 -11.83 3.01
N PHE A 78 -3.59 -11.23 4.20
CA PHE A 78 -3.69 -9.78 4.32
C PHE A 78 -2.42 -9.10 3.84
N ILE A 79 -1.28 -9.54 4.35
CA ILE A 79 0.01 -8.98 3.96
C ILE A 79 0.33 -9.30 2.51
N ALA A 80 -0.07 -10.49 2.08
CA ALA A 80 0.19 -10.93 0.71
C ALA A 80 -0.69 -10.16 -0.28
N ARG A 81 -1.99 -10.10 0.01
CA ARG A 81 -2.93 -9.41 -0.85
C ARG A 81 -2.54 -7.94 -1.01
N GLU A 82 -2.07 -7.34 0.08
CA GLU A 82 -1.66 -5.94 0.06
C GLU A 82 -0.32 -5.77 -0.64
N GLU A 83 0.66 -6.57 -0.25
CA GLU A 83 1.99 -6.52 -0.84
C GLU A 83 1.92 -6.64 -2.36
N ILE A 84 1.25 -7.69 -2.82
CA ILE A 84 1.10 -7.93 -4.26
C ILE A 84 0.27 -6.84 -4.91
N GLU A 85 -0.68 -6.30 -4.15
CA GLU A 85 -1.56 -5.25 -4.66
C GLU A 85 -0.75 -4.00 -5.02
N MET A 86 0.19 -3.63 -4.16
CA MET A 86 1.02 -2.46 -4.38
C MET A 86 2.11 -2.77 -5.41
N MET A 87 2.76 -3.92 -5.26
CA MET A 87 3.81 -4.33 -6.17
C MET A 87 3.29 -4.47 -7.59
N VAL A 88 2.14 -5.13 -7.73
CA VAL A 88 1.53 -5.33 -9.04
C VAL A 88 0.98 -4.02 -9.59
N PHE A 89 0.41 -3.20 -8.71
CA PHE A 89 -0.16 -1.93 -9.12
C PHE A 89 0.89 -1.07 -9.84
N LEU A 90 2.02 -0.85 -9.18
CA LEU A 90 3.09 -0.05 -9.75
C LEU A 90 3.71 -0.75 -10.96
N SER A 91 3.78 -2.07 -10.90
CA SER A 91 4.35 -2.86 -11.99
C SER A 91 3.63 -2.58 -13.29
N SER A 92 2.33 -2.31 -13.20
CA SER A 92 1.52 -2.02 -14.38
C SER A 92 1.91 -0.67 -14.99
N VAL A 93 2.34 0.25 -14.14
CA VAL A 93 2.74 1.58 -14.59
C VAL A 93 4.17 1.57 -15.12
N LEU A 94 5.02 0.76 -14.49
CA LEU A 94 6.41 0.66 -14.89
C LEU A 94 6.57 -0.21 -16.14
N GLU A 95 5.76 -1.26 -16.21
CA GLU A 95 5.79 -2.17 -17.35
C GLU A 95 5.41 -1.45 -18.64
N ASP A 96 4.48 -0.49 -18.52
CA ASP A 96 4.02 0.27 -19.66
C ASP A 96 4.74 1.61 -19.76
N MET A 1 15.24 4.35 -16.71
CA MET A 1 14.48 3.26 -16.10
C MET A 1 15.16 2.77 -14.84
N VAL A 2 14.42 2.74 -13.74
CA VAL A 2 14.95 2.28 -12.46
C VAL A 2 13.98 1.33 -11.77
N PHE A 3 14.51 0.23 -11.24
CA PHE A 3 13.69 -0.77 -10.55
C PHE A 3 14.37 -1.22 -9.27
N TYR A 4 14.64 -0.28 -8.38
CA TYR A 4 15.29 -0.59 -7.10
C TYR A 4 14.39 -0.20 -5.93
N LEU A 5 13.09 -0.17 -6.18
CA LEU A 5 12.12 0.18 -5.14
C LEU A 5 11.34 -1.05 -4.69
N LYS A 6 11.26 -1.24 -3.38
CA LYS A 6 10.55 -2.38 -2.81
C LYS A 6 9.49 -1.91 -1.81
N VAL A 7 8.23 -2.24 -2.10
CA VAL A 7 7.13 -1.85 -1.22
C VAL A 7 6.55 -3.07 -0.51
N LYS A 8 6.57 -3.04 0.82
CA LYS A 8 6.04 -4.13 1.62
C LYS A 8 5.21 -3.61 2.79
N VAL A 9 4.28 -4.43 3.26
CA VAL A 9 3.42 -4.04 4.37
C VAL A 9 4.21 -3.94 5.67
N GLU A 10 3.97 -2.87 6.42
CA GLU A 10 4.67 -2.65 7.69
C GLU A 10 3.70 -2.77 8.86
N ASP A 11 2.49 -2.29 8.68
CA ASP A 11 1.46 -2.34 9.72
C ASP A 11 0.07 -2.36 9.12
N PHE A 12 -0.62 -3.49 9.26
CA PHE A 12 -1.96 -3.65 8.73
C PHE A 12 -2.98 -3.77 9.86
N GLY A 13 -4.21 -3.35 9.59
CA GLY A 13 -5.25 -3.42 10.59
C GLY A 13 -6.63 -3.16 10.01
N PHE A 14 -7.65 -3.21 10.87
CA PHE A 14 -9.03 -2.98 10.44
C PHE A 14 -9.76 -2.07 11.41
N ARG A 15 -10.46 -1.07 10.88
CA ARG A 15 -11.20 -0.13 11.71
C ARG A 15 -12.69 -0.47 11.72
N GLU A 16 -13.18 -0.91 12.87
CA GLU A 16 -14.59 -1.28 13.01
C GLU A 16 -15.48 -0.04 12.98
N ASP A 17 -14.90 1.10 13.34
CA ASP A 17 -15.63 2.36 13.34
C ASP A 17 -15.94 2.82 11.92
N MET A 18 -15.11 2.40 10.98
CA MET A 18 -15.29 2.77 9.58
C MET A 18 -15.86 1.61 8.78
N GLY A 19 -15.63 0.39 9.26
CA GLY A 19 -16.12 -0.79 8.57
C GLY A 19 -15.25 -1.18 7.40
N LEU A 20 -14.02 -0.68 7.38
CA LEU A 20 -13.09 -0.98 6.30
C LEU A 20 -11.73 -1.41 6.85
N ASN A 21 -10.87 -1.90 5.97
CA ASN A 21 -9.54 -2.34 6.37
C ASN A 21 -8.46 -1.43 5.78
N TYR A 22 -7.42 -1.18 6.56
CA TYR A 22 -6.32 -0.33 6.12
C TYR A 22 -4.98 -1.01 6.33
N VAL A 23 -3.96 -0.56 5.60
CA VAL A 23 -2.63 -1.13 5.72
C VAL A 23 -1.57 -0.09 5.36
N ARG A 24 -0.47 -0.10 6.12
CA ARG A 24 0.62 0.83 5.89
C ARG A 24 1.75 0.17 5.10
N TYR A 25 2.17 0.82 4.01
CA TYR A 25 3.25 0.29 3.18
C TYR A 25 4.54 1.06 3.40
N ARG A 26 5.67 0.36 3.27
CA ARG A 26 6.97 0.97 3.45
C ARG A 26 7.70 1.13 2.13
N VAL A 27 7.90 2.38 1.71
CA VAL A 27 8.58 2.65 0.45
C VAL A 27 9.80 3.55 0.68
N SER A 28 10.98 3.00 0.40
CA SER A 28 12.22 3.74 0.57
C SER A 28 12.92 3.95 -0.76
N GLY A 29 13.41 5.17 -0.98
CA GLY A 29 14.09 5.49 -2.22
C GLY A 29 13.53 6.72 -2.90
N LEU A 30 12.27 7.05 -2.59
CA LEU A 30 11.62 8.21 -3.17
C LEU A 30 12.34 9.49 -2.79
N ASP A 31 11.89 10.61 -3.36
CA ASP A 31 12.49 11.91 -3.07
C ASP A 31 11.45 12.90 -2.57
N GLU A 32 11.91 13.99 -1.98
CA GLU A 32 11.01 15.02 -1.45
C GLU A 32 10.07 15.53 -2.54
N GLU A 33 10.62 15.79 -3.71
CA GLU A 33 9.83 16.29 -4.83
C GLU A 33 9.02 15.16 -5.47
N LEU A 34 9.65 14.01 -5.63
CA LEU A 34 8.98 12.85 -6.23
C LEU A 34 7.75 12.46 -5.42
N THR A 35 7.86 12.57 -4.09
CA THR A 35 6.75 12.22 -3.20
C THR A 35 5.48 12.97 -3.60
N GLU A 36 5.63 14.23 -3.97
CA GLU A 36 4.49 15.05 -4.38
C GLU A 36 3.78 14.44 -5.58
N LYS A 37 4.53 13.68 -6.38
CA LYS A 37 3.97 13.03 -7.57
C LYS A 37 3.06 11.88 -7.18
N LEU A 38 3.58 10.96 -6.37
CA LEU A 38 2.80 9.80 -5.93
C LEU A 38 1.64 10.24 -5.04
N ILE A 39 1.94 11.07 -4.05
CA ILE A 39 0.92 11.56 -3.13
C ILE A 39 -0.24 12.20 -3.89
N GLU A 40 0.05 12.73 -5.07
CA GLU A 40 -0.97 13.37 -5.90
C GLU A 40 -1.82 12.33 -6.61
N ARG A 41 -1.16 11.35 -7.22
CA ARG A 41 -1.87 10.30 -7.94
C ARG A 41 -2.67 9.42 -6.98
N LEU A 42 -2.04 9.05 -5.86
CA LEU A 42 -2.69 8.21 -4.87
C LEU A 42 -3.66 9.03 -4.01
N ASP A 43 -3.26 10.26 -3.70
CA ASP A 43 -4.09 11.15 -2.90
C ASP A 43 -4.29 10.59 -1.49
N GLU A 44 -3.35 9.76 -1.06
CA GLU A 44 -3.43 9.15 0.26
C GLU A 44 -2.58 9.92 1.26
N ASP A 45 -2.40 9.33 2.45
CA ASP A 45 -1.61 9.97 3.50
C ASP A 45 -0.16 9.50 3.44
N THR A 46 0.71 10.34 2.88
CA THR A 46 2.13 10.01 2.76
C THR A 46 2.97 10.86 3.71
N GLU A 47 4.02 10.25 4.26
CA GLU A 47 4.90 10.95 5.20
C GLU A 47 6.26 10.26 5.27
N ARG A 48 7.31 11.05 5.36
CA ARG A 48 8.67 10.52 5.44
C ARG A 48 9.01 10.12 6.88
N ASP A 49 9.50 8.90 7.04
CA ASP A 49 9.87 8.39 8.35
C ASP A 49 11.15 7.56 8.29
N ASP A 50 12.25 8.16 8.72
CA ASP A 50 13.55 7.48 8.71
C ASP A 50 13.97 7.17 7.28
N GLY A 51 13.47 7.95 6.33
CA GLY A 51 13.81 7.73 4.93
C GLY A 51 12.81 6.84 4.22
N ASP A 52 11.79 6.40 4.95
CA ASP A 52 10.76 5.53 4.38
C ASP A 52 9.48 6.33 4.12
N LEU A 53 8.54 5.70 3.42
CA LEU A 53 7.27 6.35 3.09
C LEU A 53 6.10 5.49 3.52
N ILE A 54 5.21 6.06 4.33
CA ILE A 54 4.04 5.34 4.81
C ILE A 54 2.80 5.68 3.98
N ILE A 55 2.11 4.64 3.52
CA ILE A 55 0.91 4.82 2.71
C ILE A 55 -0.25 3.98 3.25
N THR A 56 -1.35 4.64 3.60
CA THR A 56 -2.52 3.95 4.11
C THR A 56 -3.68 4.05 3.14
N VAL A 57 -4.15 2.90 2.65
CA VAL A 57 -5.27 2.85 1.72
C VAL A 57 -6.32 1.86 2.17
N PHE A 58 -7.51 2.36 2.48
CA PHE A 58 -8.61 1.51 2.94
C PHE A 58 -9.82 1.64 2.00
N TYR A 59 -10.54 0.55 1.83
CA TYR A 59 -11.71 0.53 0.96
C TYR A 59 -12.81 -0.35 1.55
N GLU A 60 -14.04 0.14 1.49
CA GLU A 60 -15.18 -0.61 2.01
C GLU A 60 -15.86 -1.41 0.90
N ARG A 61 -16.95 -2.08 1.25
CA ARG A 61 -17.69 -2.88 0.28
C ARG A 61 -17.90 -2.12 -1.02
N GLU A 62 -18.08 -0.80 -0.90
CA GLU A 62 -18.29 0.05 -2.06
C GLU A 62 -17.20 -0.18 -3.10
N TYR A 63 -15.98 -0.41 -2.64
CA TYR A 63 -14.85 -0.63 -3.52
C TYR A 63 -14.22 -2.00 -3.28
N PHE A 64 -14.93 -2.85 -2.52
CA PHE A 64 -14.46 -4.19 -2.21
C PHE A 64 -13.22 -4.12 -1.32
N PRO A 65 -13.42 -4.37 -0.01
CA PRO A 65 -12.34 -4.34 0.97
C PRO A 65 -11.38 -5.52 0.80
N PHE A 66 -10.08 -5.26 1.00
CA PHE A 66 -9.06 -6.29 0.88
C PHE A 66 -8.97 -7.12 2.16
N GLY A 67 -8.87 -8.44 2.00
CA GLY A 67 -8.77 -9.32 3.14
C GLY A 67 -9.43 -10.65 2.90
N SER A 68 -8.81 -11.49 2.08
CA SER A 68 -9.35 -12.81 1.77
C SER A 68 -8.57 -13.90 2.49
N GLU A 69 -8.25 -13.66 3.76
CA GLU A 69 -7.50 -14.62 4.56
C GLU A 69 -8.24 -15.96 4.63
N GLU A 70 -9.56 -15.91 4.39
CA GLU A 70 -10.38 -17.11 4.44
C GLU A 70 -10.03 -18.05 3.29
N SER A 71 -9.48 -17.48 2.21
CA SER A 71 -9.12 -18.27 1.03
C SER A 71 -7.77 -18.95 1.25
N LYS A 72 -6.74 -18.16 1.55
CA LYS A 72 -5.41 -18.69 1.78
C LYS A 72 -5.34 -19.43 3.11
N VAL A 73 -6.26 -19.12 4.01
CA VAL A 73 -6.31 -19.76 5.32
C VAL A 73 -5.08 -19.41 6.14
N LYS A 74 -4.68 -18.15 6.09
CA LYS A 74 -3.52 -17.68 6.84
C LYS A 74 -3.32 -16.18 6.66
N MET A 75 -2.66 -15.55 7.63
CA MET A 75 -2.40 -14.12 7.57
C MET A 75 -1.61 -13.75 6.32
N ALA A 76 -0.87 -14.73 5.79
CA ALA A 76 -0.07 -14.50 4.59
C ALA A 76 -0.90 -13.86 3.49
N ASP A 77 -2.19 -14.14 3.48
CA ASP A 77 -3.10 -13.59 2.48
C ASP A 77 -3.19 -12.07 2.61
N PHE A 78 -3.19 -11.60 3.85
CA PHE A 78 -3.29 -10.17 4.12
C PHE A 78 -2.03 -9.44 3.63
N ILE A 79 -0.87 -9.94 4.06
CA ILE A 79 0.40 -9.34 3.67
C ILE A 79 0.65 -9.50 2.17
N ALA A 80 0.24 -10.65 1.64
CA ALA A 80 0.41 -10.92 0.21
C ALA A 80 -0.52 -10.08 -0.64
N ARG A 81 -1.80 -10.04 -0.26
CA ARG A 81 -2.79 -9.26 -0.99
C ARG A 81 -2.41 -7.80 -1.03
N GLU A 82 -1.89 -7.29 0.09
CA GLU A 82 -1.49 -5.89 0.20
C GLU A 82 -0.18 -5.66 -0.56
N GLU A 83 0.80 -6.52 -0.32
CA GLU A 83 2.09 -6.40 -0.98
C GLU A 83 1.95 -6.41 -2.49
N ILE A 84 1.26 -7.42 -3.02
CA ILE A 84 1.04 -7.54 -4.45
C ILE A 84 0.17 -6.40 -4.97
N GLU A 85 -0.73 -5.92 -4.12
CA GLU A 85 -1.62 -4.83 -4.49
C GLU A 85 -0.83 -3.57 -4.84
N MET A 86 0.12 -3.22 -3.98
CA MET A 86 0.94 -2.04 -4.19
C MET A 86 2.01 -2.31 -5.26
N MET A 87 2.66 -3.45 -5.16
CA MET A 87 3.70 -3.83 -6.12
C MET A 87 3.15 -3.86 -7.54
N VAL A 88 1.99 -4.48 -7.70
CA VAL A 88 1.34 -4.58 -9.01
C VAL A 88 0.78 -3.23 -9.44
N PHE A 89 0.22 -2.50 -8.49
CA PHE A 89 -0.36 -1.19 -8.77
C PHE A 89 0.66 -0.28 -9.45
N LEU A 90 1.80 -0.11 -8.82
CA LEU A 90 2.86 0.74 -9.35
C LEU A 90 3.42 0.16 -10.64
N SER A 91 3.54 -1.17 -10.68
CA SER A 91 4.07 -1.85 -11.86
C SER A 91 3.29 -1.46 -13.11
N SER A 92 2.00 -1.20 -12.93
CA SER A 92 1.13 -0.81 -14.05
C SER A 92 1.53 0.57 -14.58
N VAL A 93 1.98 1.43 -13.69
CA VAL A 93 2.39 2.79 -14.07
C VAL A 93 3.82 2.80 -14.61
N LEU A 94 4.65 1.90 -14.09
CA LEU A 94 6.04 1.81 -14.51
C LEU A 94 6.16 1.10 -15.86
N GLU A 95 5.24 0.16 -16.10
CA GLU A 95 5.24 -0.59 -17.35
C GLU A 95 5.18 0.34 -18.55
N ASP A 96 4.64 1.54 -18.34
CA ASP A 96 4.52 2.53 -19.41
C ASP A 96 5.31 3.79 -19.07
N MET A 1 26.41 1.18 -9.65
CA MET A 1 25.33 1.10 -8.68
C MET A 1 23.97 1.03 -9.36
N VAL A 2 23.14 0.08 -8.94
CA VAL A 2 21.82 -0.09 -9.52
C VAL A 2 20.82 -0.57 -8.46
N PHE A 3 19.58 -0.11 -8.59
CA PHE A 3 18.53 -0.49 -7.64
C PHE A 3 17.18 0.06 -8.09
N TYR A 4 16.10 -0.56 -7.60
CA TYR A 4 14.76 -0.14 -7.95
C TYR A 4 13.92 0.11 -6.70
N LEU A 5 12.65 0.45 -6.89
CA LEU A 5 11.75 0.71 -5.78
C LEU A 5 10.81 -0.47 -5.54
N LYS A 6 10.69 -0.88 -4.29
CA LYS A 6 9.83 -2.00 -3.93
C LYS A 6 8.84 -1.59 -2.84
N VAL A 7 7.65 -2.19 -2.88
CA VAL A 7 6.61 -1.90 -1.91
C VAL A 7 6.26 -3.13 -1.08
N LYS A 8 6.39 -3.00 0.24
CA LYS A 8 6.09 -4.11 1.15
C LYS A 8 5.26 -3.63 2.33
N VAL A 9 4.47 -4.53 2.90
CA VAL A 9 3.62 -4.21 4.04
C VAL A 9 4.45 -4.12 5.33
N GLU A 10 4.20 -3.06 6.10
CA GLU A 10 4.92 -2.86 7.35
C GLU A 10 3.97 -2.95 8.55
N ASP A 11 2.70 -2.62 8.31
CA ASP A 11 1.69 -2.68 9.36
C ASP A 11 0.29 -2.64 8.77
N PHE A 12 -0.45 -3.74 8.93
CA PHE A 12 -1.81 -3.83 8.42
C PHE A 12 -2.83 -3.73 9.54
N GLY A 13 -4.08 -3.40 9.19
CA GLY A 13 -5.13 -3.28 10.19
C GLY A 13 -6.49 -3.07 9.56
N PHE A 14 -7.54 -3.32 10.35
CA PHE A 14 -8.90 -3.16 9.86
C PHE A 14 -9.69 -2.22 10.77
N ARG A 15 -10.51 -1.37 10.17
CA ARG A 15 -11.33 -0.43 10.92
C ARG A 15 -12.81 -0.75 10.78
N GLU A 16 -13.41 -1.25 11.87
CA GLU A 16 -14.83 -1.60 11.87
C GLU A 16 -15.70 -0.35 11.79
N ASP A 17 -15.17 0.77 12.27
CA ASP A 17 -15.89 2.03 12.25
C ASP A 17 -16.10 2.52 10.82
N MET A 18 -15.20 2.13 9.92
CA MET A 18 -15.28 2.53 8.53
C MET A 18 -15.83 1.39 7.67
N GLY A 19 -15.61 0.15 8.12
CA GLY A 19 -16.09 -1.00 7.38
C GLY A 19 -15.10 -1.45 6.31
N LEU A 20 -13.88 -0.93 6.37
CA LEU A 20 -12.85 -1.28 5.40
C LEU A 20 -11.53 -1.59 6.10
N ASN A 21 -10.60 -2.16 5.35
CA ASN A 21 -9.28 -2.51 5.89
C ASN A 21 -8.19 -1.64 5.28
N TYR A 22 -7.17 -1.34 6.06
CA TYR A 22 -6.06 -0.52 5.61
C TYR A 22 -4.72 -1.19 5.86
N VAL A 23 -3.69 -0.75 5.16
CA VAL A 23 -2.35 -1.30 5.33
C VAL A 23 -1.27 -0.27 5.02
N ARG A 24 -0.20 -0.29 5.80
CA ARG A 24 0.90 0.65 5.60
C ARG A 24 2.04 0.00 4.83
N TYR A 25 2.48 0.67 3.76
CA TYR A 25 3.56 0.15 2.94
C TYR A 25 4.86 0.90 3.20
N ARG A 26 5.98 0.20 3.04
CA ARG A 26 7.29 0.81 3.26
C ARG A 26 8.02 1.03 1.94
N VAL A 27 8.21 2.30 1.58
CA VAL A 27 8.90 2.65 0.35
C VAL A 27 10.11 3.53 0.62
N SER A 28 11.28 3.05 0.27
CA SER A 28 12.53 3.80 0.48
C SER A 28 13.21 4.10 -0.85
N GLY A 29 13.67 5.33 -1.01
CA GLY A 29 14.34 5.73 -2.24
C GLY A 29 13.64 6.88 -2.93
N LEU A 30 12.93 7.69 -2.16
CA LEU A 30 12.21 8.84 -2.72
C LEU A 30 12.71 10.14 -2.10
N ASP A 31 12.14 11.25 -2.54
CA ASP A 31 12.53 12.56 -2.03
C ASP A 31 11.32 13.28 -1.45
N GLU A 32 11.57 14.41 -0.78
CA GLU A 32 10.50 15.19 -0.16
C GLU A 32 9.62 15.82 -1.23
N GLU A 33 10.23 16.30 -2.31
CA GLU A 33 9.49 16.93 -3.39
C GLU A 33 8.78 15.88 -4.25
N LEU A 34 9.48 14.79 -4.53
CA LEU A 34 8.92 13.71 -5.35
C LEU A 34 7.66 13.14 -4.69
N THR A 35 7.72 12.94 -3.38
CA THR A 35 6.59 12.40 -2.64
C THR A 35 5.32 13.20 -2.90
N GLU A 36 5.47 14.53 -2.96
CA GLU A 36 4.34 15.40 -3.21
C GLU A 36 3.68 15.09 -4.54
N LYS A 37 4.46 14.53 -5.47
CA LYS A 37 3.96 14.18 -6.78
C LYS A 37 3.02 12.98 -6.71
N LEU A 38 3.52 11.90 -6.12
CA LEU A 38 2.73 10.67 -5.98
C LEU A 38 1.53 10.90 -5.05
N ILE A 39 1.80 11.48 -3.89
CA ILE A 39 0.75 11.76 -2.92
C ILE A 39 -0.38 12.58 -3.55
N GLU A 40 -0.03 13.36 -4.56
CA GLU A 40 -1.00 14.21 -5.25
C GLU A 40 -1.84 13.38 -6.21
N ARG A 41 -1.27 12.29 -6.70
CA ARG A 41 -1.96 11.40 -7.64
C ARG A 41 -2.70 10.30 -6.90
N LEU A 42 -2.19 9.93 -5.72
CA LEU A 42 -2.80 8.88 -4.92
C LEU A 42 -3.73 9.47 -3.87
N ASP A 43 -3.51 10.75 -3.54
CA ASP A 43 -4.34 11.43 -2.55
C ASP A 43 -4.38 10.63 -1.25
N GLU A 44 -3.28 10.00 -0.90
CA GLU A 44 -3.20 9.21 0.32
C GLU A 44 -2.37 9.92 1.38
N ASP A 45 -2.06 9.21 2.46
CA ASP A 45 -1.26 9.78 3.55
C ASP A 45 0.17 9.28 3.49
N THR A 46 1.08 10.17 3.08
CA THR A 46 2.49 9.83 2.99
C THR A 46 3.32 10.58 4.02
N GLU A 47 4.39 9.94 4.50
CA GLU A 47 5.26 10.55 5.48
C GLU A 47 6.63 9.88 5.49
N ARG A 48 7.68 10.69 5.68
CA ARG A 48 9.03 10.17 5.71
C ARG A 48 9.47 9.82 7.13
N ASP A 49 9.95 8.60 7.31
CA ASP A 49 10.39 8.14 8.62
C ASP A 49 11.61 7.24 8.50
N ASP A 50 12.73 7.69 9.05
CA ASP A 50 13.97 6.93 9.00
C ASP A 50 14.39 6.66 7.56
N GLY A 51 13.91 7.49 6.64
CA GLY A 51 14.24 7.32 5.24
C GLY A 51 13.21 6.49 4.50
N ASP A 52 12.21 6.00 5.22
CA ASP A 52 11.17 5.18 4.64
C ASP A 52 9.91 6.01 4.36
N LEU A 53 8.97 5.42 3.64
CA LEU A 53 7.72 6.11 3.30
C LEU A 53 6.52 5.25 3.64
N ILE A 54 5.55 5.84 4.33
CA ILE A 54 4.34 5.12 4.71
C ILE A 54 3.20 5.41 3.75
N ILE A 55 2.44 4.37 3.40
CA ILE A 55 1.32 4.52 2.48
C ILE A 55 0.11 3.72 2.96
N THR A 56 -0.96 4.43 3.31
CA THR A 56 -2.18 3.78 3.78
C THR A 56 -3.30 3.91 2.75
N VAL A 57 -3.78 2.77 2.25
CA VAL A 57 -4.85 2.77 1.27
C VAL A 57 -5.96 1.81 1.68
N PHE A 58 -7.15 2.34 1.91
CA PHE A 58 -8.29 1.52 2.32
C PHE A 58 -9.43 1.65 1.30
N TYR A 59 -10.17 0.56 1.11
CA TYR A 59 -11.29 0.55 0.17
C TYR A 59 -12.49 -0.15 0.76
N GLU A 60 -13.67 0.41 0.54
CA GLU A 60 -14.91 -0.17 1.05
C GLU A 60 -15.53 -1.11 0.03
N ARG A 61 -16.70 -1.66 0.37
CA ARG A 61 -17.40 -2.58 -0.51
C ARG A 61 -17.43 -2.04 -1.95
N GLU A 62 -17.50 -0.73 -2.08
CA GLU A 62 -17.54 -0.10 -3.40
C GLU A 62 -16.38 -0.57 -4.26
N TYR A 63 -15.22 -0.78 -3.63
CA TYR A 63 -14.03 -1.23 -4.34
C TYR A 63 -13.54 -2.56 -3.78
N PHE A 64 -14.37 -3.20 -2.96
CA PHE A 64 -14.01 -4.48 -2.36
C PHE A 64 -12.88 -4.31 -1.35
N PRO A 65 -13.22 -4.30 -0.06
CA PRO A 65 -12.24 -4.15 1.03
C PRO A 65 -11.34 -5.38 1.17
N PHE A 66 -10.15 -5.16 1.72
CA PHE A 66 -9.20 -6.24 1.90
C PHE A 66 -9.49 -7.01 3.19
N GLY A 67 -10.09 -8.19 3.05
CA GLY A 67 -10.42 -9.00 4.21
C GLY A 67 -10.82 -10.41 3.83
N SER A 68 -9.94 -11.09 3.08
CA SER A 68 -10.21 -12.45 2.64
C SER A 68 -9.12 -13.41 3.14
N GLU A 69 -8.60 -13.12 4.33
CA GLU A 69 -7.55 -13.94 4.92
C GLU A 69 -8.08 -15.33 5.26
N GLU A 70 -9.40 -15.42 5.45
CA GLU A 70 -10.02 -16.70 5.79
C GLU A 70 -9.70 -17.76 4.75
N SER A 71 -9.39 -17.31 3.53
CA SER A 71 -9.06 -18.22 2.44
C SER A 71 -7.74 -18.94 2.71
N LYS A 72 -6.67 -18.16 2.89
CA LYS A 72 -5.35 -18.71 3.16
C LYS A 72 -5.27 -19.27 4.57
N VAL A 73 -6.12 -18.74 5.46
CA VAL A 73 -6.14 -19.18 6.85
C VAL A 73 -4.84 -18.82 7.57
N LYS A 74 -4.31 -17.64 7.27
CA LYS A 74 -3.08 -17.17 7.89
C LYS A 74 -2.81 -15.71 7.52
N MET A 75 -2.16 -14.99 8.43
CA MET A 75 -1.84 -13.59 8.20
C MET A 75 -1.14 -13.40 6.86
N ALA A 76 -0.47 -14.45 6.40
CA ALA A 76 0.25 -14.40 5.13
C ALA A 76 -0.65 -13.87 4.01
N ASP A 77 -1.95 -14.14 4.14
CA ASP A 77 -2.92 -13.70 3.14
C ASP A 77 -3.00 -12.18 3.10
N PHE A 78 -2.95 -11.55 4.27
CA PHE A 78 -3.01 -10.09 4.37
C PHE A 78 -1.79 -9.45 3.71
N ILE A 79 -0.61 -9.90 4.10
CA ILE A 79 0.64 -9.37 3.56
C ILE A 79 0.78 -9.71 2.08
N ALA A 80 0.34 -10.91 1.72
CA ALA A 80 0.41 -11.37 0.33
C ALA A 80 -0.60 -10.61 -0.55
N ARG A 81 -1.77 -10.35 0.01
CA ARG A 81 -2.82 -9.64 -0.72
C ARG A 81 -2.47 -8.16 -0.88
N GLU A 82 -1.86 -7.59 0.16
CA GLU A 82 -1.46 -6.18 0.14
C GLU A 82 -0.23 -5.98 -0.72
N GLU A 83 0.79 -6.80 -0.51
CA GLU A 83 2.03 -6.70 -1.27
C GLU A 83 1.75 -6.75 -2.76
N ILE A 84 1.03 -7.77 -3.21
CA ILE A 84 0.70 -7.92 -4.61
C ILE A 84 -0.21 -6.79 -5.09
N GLU A 85 -1.05 -6.29 -4.18
CA GLU A 85 -1.97 -5.21 -4.51
C GLU A 85 -1.21 -3.96 -4.90
N MET A 86 -0.14 -3.66 -4.18
CA MET A 86 0.68 -2.48 -4.46
C MET A 86 1.59 -2.72 -5.66
N MET A 87 2.26 -3.87 -5.68
CA MET A 87 3.16 -4.22 -6.77
C MET A 87 2.40 -4.28 -8.10
N VAL A 88 1.22 -4.90 -8.08
CA VAL A 88 0.41 -5.02 -9.27
C VAL A 88 -0.21 -3.68 -9.66
N PHE A 89 -0.62 -2.90 -8.65
CA PHE A 89 -1.23 -1.61 -8.89
C PHE A 89 -0.29 -0.71 -9.69
N LEU A 90 0.92 -0.52 -9.20
CA LEU A 90 1.91 0.31 -9.87
C LEU A 90 2.28 -0.27 -11.23
N SER A 91 2.36 -1.60 -11.30
CA SER A 91 2.71 -2.28 -12.54
C SER A 91 1.74 -1.89 -13.66
N SER A 92 0.49 -1.65 -13.30
CA SER A 92 -0.54 -1.28 -14.27
C SER A 92 -0.28 0.12 -14.81
N VAL A 93 0.30 0.98 -13.98
CA VAL A 93 0.61 2.35 -14.38
C VAL A 93 1.91 2.40 -15.18
N LEU A 94 2.87 1.57 -14.80
CA LEU A 94 4.16 1.53 -15.48
C LEU A 94 4.05 0.77 -16.81
N GLU A 95 3.24 -0.28 -16.81
CA GLU A 95 3.05 -1.09 -18.02
C GLU A 95 2.38 -0.27 -19.12
N ASP A 96 1.55 0.69 -18.71
CA ASP A 96 0.84 1.54 -19.66
C ASP A 96 0.58 2.91 -19.07
N MET A 1 24.41 1.90 -12.37
CA MET A 1 23.46 2.73 -11.63
C MET A 1 22.04 2.56 -12.18
N VAL A 2 21.26 1.71 -11.53
CA VAL A 2 19.88 1.46 -11.95
C VAL A 2 18.91 1.73 -10.80
N PHE A 3 17.62 1.70 -11.13
CA PHE A 3 16.57 1.94 -10.12
C PHE A 3 15.88 0.64 -9.74
N TYR A 4 15.75 0.42 -8.44
CA TYR A 4 15.10 -0.79 -7.93
C TYR A 4 14.33 -0.51 -6.64
N LEU A 5 13.14 0.04 -6.78
CA LEU A 5 12.30 0.36 -5.62
C LEU A 5 11.38 -0.81 -5.28
N LYS A 6 11.29 -1.12 -3.99
CA LYS A 6 10.45 -2.20 -3.51
C LYS A 6 9.48 -1.71 -2.46
N VAL A 7 8.28 -2.30 -2.42
CA VAL A 7 7.26 -1.94 -1.46
C VAL A 7 6.76 -3.15 -0.69
N LYS A 8 6.90 -3.12 0.62
CA LYS A 8 6.45 -4.23 1.47
C LYS A 8 5.57 -3.72 2.60
N VAL A 9 4.71 -4.59 3.12
CA VAL A 9 3.82 -4.23 4.21
C VAL A 9 4.59 -4.04 5.51
N GLU A 10 4.24 -3.01 6.26
CA GLU A 10 4.91 -2.70 7.53
C GLU A 10 3.95 -2.90 8.70
N ASP A 11 2.68 -2.53 8.50
CA ASP A 11 1.67 -2.67 9.54
C ASP A 11 0.27 -2.45 8.98
N PHE A 12 -0.57 -3.47 9.09
CA PHE A 12 -1.94 -3.39 8.59
C PHE A 12 -2.94 -3.66 9.70
N GLY A 13 -4.20 -3.31 9.45
CA GLY A 13 -5.24 -3.52 10.45
C GLY A 13 -6.63 -3.29 9.89
N PHE A 14 -7.63 -3.38 10.75
CA PHE A 14 -9.02 -3.18 10.34
C PHE A 14 -9.79 -2.37 11.37
N ARG A 15 -10.64 -1.46 10.90
CA ARG A 15 -11.43 -0.62 11.77
C ARG A 15 -12.92 -0.93 11.63
N GLU A 16 -13.50 -1.50 12.68
CA GLU A 16 -14.92 -1.85 12.67
C GLU A 16 -15.79 -0.60 12.68
N ASP A 17 -15.22 0.51 13.18
CA ASP A 17 -15.94 1.77 13.24
C ASP A 17 -16.12 2.37 11.86
N MET A 18 -15.24 2.01 10.95
CA MET A 18 -15.30 2.51 9.57
C MET A 18 -15.88 1.46 8.63
N GLY A 19 -15.73 0.19 9.01
CA GLY A 19 -16.25 -0.89 8.19
C GLY A 19 -15.30 -1.26 7.06
N LEU A 20 -14.07 -0.75 7.12
CA LEU A 20 -13.08 -1.04 6.10
C LEU A 20 -11.74 -1.40 6.74
N ASN A 21 -10.80 -1.86 5.91
CA ASN A 21 -9.48 -2.25 6.38
C ASN A 21 -8.41 -1.35 5.80
N TYR A 22 -7.36 -1.10 6.57
CA TYR A 22 -6.26 -0.26 6.12
C TYR A 22 -4.92 -0.98 6.26
N VAL A 23 -3.94 -0.58 5.45
CA VAL A 23 -2.62 -1.18 5.49
C VAL A 23 -1.54 -0.16 5.16
N ARG A 24 -0.46 -0.18 5.93
CA ARG A 24 0.65 0.75 5.72
C ARG A 24 1.77 0.08 4.92
N TYR A 25 2.19 0.73 3.84
CA TYR A 25 3.26 0.21 3.00
C TYR A 25 4.55 0.99 3.19
N ARG A 26 5.68 0.31 3.05
CA ARG A 26 6.99 0.94 3.20
C ARG A 26 7.68 1.09 1.86
N VAL A 27 7.86 2.34 1.42
CA VAL A 27 8.51 2.62 0.15
C VAL A 27 9.73 3.52 0.34
N SER A 28 10.90 3.02 -0.06
CA SER A 28 12.13 3.77 0.08
C SER A 28 12.73 4.08 -1.30
N GLY A 29 13.18 5.32 -1.48
CA GLY A 29 13.77 5.72 -2.74
C GLY A 29 13.07 6.92 -3.35
N LEU A 30 12.19 7.55 -2.57
CA LEU A 30 11.44 8.71 -3.05
C LEU A 30 12.06 10.00 -2.52
N ASP A 31 11.56 11.14 -3.00
CA ASP A 31 12.05 12.43 -2.57
C ASP A 31 10.91 13.31 -2.06
N GLU A 32 11.27 14.42 -1.43
CA GLU A 32 10.28 15.35 -0.90
C GLU A 32 9.40 15.92 -2.00
N GLU A 33 10.02 16.27 -3.12
CA GLU A 33 9.30 16.83 -4.26
C GLU A 33 8.56 15.73 -5.03
N LEU A 34 9.14 14.53 -5.02
CA LEU A 34 8.54 13.39 -5.71
C LEU A 34 7.32 12.88 -4.97
N THR A 35 7.38 12.93 -3.64
CA THR A 35 6.28 12.46 -2.81
C THR A 35 4.97 13.13 -3.21
N GLU A 36 5.04 14.41 -3.54
CA GLU A 36 3.86 15.16 -3.94
C GLU A 36 3.23 14.57 -5.20
N LYS A 37 4.05 13.89 -6.00
CA LYS A 37 3.60 13.26 -7.23
C LYS A 37 2.75 12.03 -6.93
N LEU A 38 3.32 11.11 -6.16
CA LEU A 38 2.63 9.88 -5.79
C LEU A 38 1.40 10.18 -4.93
N ILE A 39 1.60 10.99 -3.89
CA ILE A 39 0.51 11.36 -3.00
C ILE A 39 -0.67 11.94 -3.77
N GLU A 40 -0.38 12.55 -4.92
CA GLU A 40 -1.41 13.14 -5.76
C GLU A 40 -2.16 12.06 -6.55
N ARG A 41 -1.40 11.17 -7.18
CA ARG A 41 -1.98 10.09 -7.97
C ARG A 41 -2.73 9.11 -7.08
N LEU A 42 -2.11 8.74 -5.96
CA LEU A 42 -2.73 7.80 -5.02
C LEU A 42 -3.79 8.49 -4.17
N ASP A 43 -3.51 9.73 -3.78
CA ASP A 43 -4.44 10.50 -2.98
C ASP A 43 -4.60 9.87 -1.59
N GLU A 44 -3.48 9.54 -0.96
CA GLU A 44 -3.50 8.94 0.37
C GLU A 44 -2.58 9.68 1.32
N ASP A 45 -2.51 9.21 2.56
CA ASP A 45 -1.66 9.84 3.57
C ASP A 45 -0.23 9.37 3.45
N THR A 46 0.66 10.27 3.06
CA THR A 46 2.07 9.94 2.90
C THR A 46 2.92 10.59 4.00
N GLU A 47 4.06 9.97 4.28
CA GLU A 47 4.96 10.49 5.32
C GLU A 47 6.36 9.92 5.15
N ARG A 48 7.37 10.75 5.39
CA ARG A 48 8.76 10.33 5.27
C ARG A 48 9.37 10.06 6.65
N ASP A 49 9.80 8.83 6.87
CA ASP A 49 10.40 8.44 8.14
C ASP A 49 11.69 7.65 7.91
N ASP A 50 12.82 8.26 8.26
CA ASP A 50 14.11 7.61 8.09
C ASP A 50 14.33 7.18 6.64
N GLY A 51 13.68 7.89 5.72
CA GLY A 51 13.81 7.57 4.32
C GLY A 51 12.69 6.69 3.81
N ASP A 52 11.95 6.09 4.75
CA ASP A 52 10.84 5.21 4.39
C ASP A 52 9.56 6.02 4.17
N LEU A 53 8.70 5.51 3.29
CA LEU A 53 7.44 6.18 2.98
C LEU A 53 6.25 5.34 3.41
N ILE A 54 5.36 5.93 4.20
CA ILE A 54 4.18 5.22 4.68
C ILE A 54 2.96 5.54 3.81
N ILE A 55 2.26 4.49 3.40
CA ILE A 55 1.07 4.66 2.56
C ILE A 55 -0.10 3.86 3.11
N THR A 56 -1.15 4.57 3.53
CA THR A 56 -2.34 3.93 4.08
C THR A 56 -3.55 4.14 3.18
N VAL A 57 -4.09 3.04 2.66
CA VAL A 57 -5.26 3.12 1.79
C VAL A 57 -6.35 2.15 2.24
N PHE A 58 -7.49 2.70 2.65
CA PHE A 58 -8.60 1.89 3.11
C PHE A 58 -9.85 2.14 2.25
N TYR A 59 -10.64 1.09 2.06
CA TYR A 59 -11.86 1.20 1.26
C TYR A 59 -12.96 0.31 1.82
N GLU A 60 -14.18 0.82 1.84
CA GLU A 60 -15.33 0.08 2.35
C GLU A 60 -16.03 -0.67 1.23
N ARG A 61 -17.13 -1.35 1.57
CA ARG A 61 -17.89 -2.11 0.60
C ARG A 61 -18.12 -1.30 -0.67
N GLU A 62 -18.27 0.02 -0.50
CA GLU A 62 -18.50 0.92 -1.64
C GLU A 62 -17.44 0.71 -2.71
N TYR A 63 -16.20 0.46 -2.28
CA TYR A 63 -15.10 0.25 -3.20
C TYR A 63 -14.47 -1.13 -3.01
N PHE A 64 -15.17 -1.98 -2.26
CA PHE A 64 -14.69 -3.33 -1.99
C PHE A 64 -13.44 -3.31 -1.11
N PRO A 65 -13.62 -3.60 0.18
CA PRO A 65 -12.52 -3.62 1.15
C PRO A 65 -11.56 -4.76 0.92
N PHE A 66 -10.31 -4.58 1.34
CA PHE A 66 -9.29 -5.62 1.18
C PHE A 66 -9.36 -6.64 2.31
N GLY A 67 -9.94 -7.80 2.01
CA GLY A 67 -10.07 -8.85 3.01
C GLY A 67 -10.51 -10.16 2.42
N SER A 68 -9.62 -11.15 2.42
CA SER A 68 -9.93 -12.46 1.87
C SER A 68 -9.06 -13.54 2.51
N GLU A 69 -8.59 -13.27 3.72
CA GLU A 69 -7.74 -14.21 4.44
C GLU A 69 -8.44 -15.56 4.60
N GLU A 70 -9.76 -15.55 4.53
CA GLU A 70 -10.55 -16.77 4.67
C GLU A 70 -10.23 -17.75 3.54
N SER A 71 -9.74 -17.22 2.42
CA SER A 71 -9.40 -18.05 1.27
C SER A 71 -8.12 -18.82 1.53
N LYS A 72 -7.03 -18.10 1.82
CA LYS A 72 -5.75 -18.73 2.08
C LYS A 72 -5.76 -19.42 3.44
N VAL A 73 -6.65 -18.99 4.32
CA VAL A 73 -6.76 -19.58 5.65
C VAL A 73 -5.52 -19.30 6.48
N LYS A 74 -4.95 -18.11 6.29
CA LYS A 74 -3.75 -17.71 7.02
C LYS A 74 -3.44 -16.23 6.80
N MET A 75 -2.79 -15.61 7.78
CA MET A 75 -2.44 -14.20 7.69
C MET A 75 -1.62 -13.93 6.43
N ALA A 76 -0.93 -14.95 5.94
CA ALA A 76 -0.11 -14.81 4.74
C ALA A 76 -0.89 -14.17 3.61
N ASP A 77 -2.21 -14.38 3.61
CA ASP A 77 -3.07 -13.82 2.58
C ASP A 77 -3.06 -12.29 2.64
N PHE A 78 -3.08 -11.76 3.85
CA PHE A 78 -3.08 -10.31 4.06
C PHE A 78 -1.78 -9.69 3.55
N ILE A 79 -0.66 -10.23 4.01
CA ILE A 79 0.66 -9.73 3.60
C ILE A 79 0.90 -9.99 2.12
N ALA A 80 0.38 -11.10 1.62
CA ALA A 80 0.53 -11.47 0.21
C ALA A 80 -0.29 -10.55 -0.69
N ARG A 81 -1.57 -10.38 -0.33
CA ARG A 81 -2.46 -9.53 -1.11
C ARG A 81 -2.06 -8.07 -0.98
N GLU A 82 -1.53 -7.70 0.17
CA GLU A 82 -1.10 -6.33 0.43
C GLU A 82 0.16 -5.99 -0.35
N GLU A 83 1.17 -6.86 -0.23
CA GLU A 83 2.44 -6.65 -0.92
C GLU A 83 2.23 -6.60 -2.44
N ILE A 84 1.57 -7.62 -2.97
CA ILE A 84 1.31 -7.68 -4.40
C ILE A 84 0.44 -6.52 -4.86
N GLU A 85 -0.43 -6.05 -3.97
CA GLU A 85 -1.32 -4.93 -4.28
C GLU A 85 -0.52 -3.71 -4.72
N MET A 86 0.50 -3.36 -3.93
CA MET A 86 1.34 -2.21 -4.24
C MET A 86 2.36 -2.55 -5.32
N MET A 87 3.00 -3.69 -5.18
CA MET A 87 4.00 -4.14 -6.14
C MET A 87 3.42 -4.15 -7.55
N VAL A 88 2.23 -4.75 -7.69
CA VAL A 88 1.57 -4.83 -8.99
C VAL A 88 1.05 -3.46 -9.42
N PHE A 89 0.55 -2.69 -8.47
CA PHE A 89 0.02 -1.37 -8.76
C PHE A 89 1.07 -0.50 -9.45
N LEU A 90 2.24 -0.38 -8.82
CA LEU A 90 3.33 0.42 -9.36
C LEU A 90 3.93 -0.25 -10.59
N SER A 91 4.03 -1.58 -10.55
CA SER A 91 4.59 -2.34 -11.65
C SER A 91 3.81 -2.08 -12.94
N SER A 92 2.51 -1.88 -12.81
CA SER A 92 1.66 -1.62 -13.97
C SER A 92 1.97 -0.26 -14.58
N VAL A 93 2.37 0.69 -13.74
CA VAL A 93 2.72 2.03 -14.19
C VAL A 93 4.08 2.06 -14.87
N LEU A 94 5.02 1.29 -14.32
CA LEU A 94 6.37 1.24 -14.86
C LEU A 94 6.41 0.35 -16.10
N GLU A 95 5.64 -0.73 -16.08
CA GLU A 95 5.58 -1.65 -17.20
C GLU A 95 4.86 -1.03 -18.40
N ASP A 96 3.97 -0.08 -18.11
CA ASP A 96 3.22 0.59 -19.16
C ASP A 96 3.36 2.10 -19.04
N MET A 1 22.88 3.58 -14.10
CA MET A 1 22.16 3.61 -12.83
C MET A 1 20.82 2.88 -12.96
N VAL A 2 20.73 1.70 -12.36
CA VAL A 2 19.51 0.91 -12.40
C VAL A 2 19.09 0.47 -11.00
N PHE A 3 17.81 0.65 -10.69
CA PHE A 3 17.27 0.27 -9.39
C PHE A 3 15.76 0.16 -9.43
N TYR A 4 15.24 -1.00 -9.03
CA TYR A 4 13.80 -1.23 -9.03
C TYR A 4 13.21 -1.01 -7.64
N LEU A 5 12.27 -0.07 -7.54
CA LEU A 5 11.63 0.23 -6.28
C LEU A 5 10.87 -0.97 -5.74
N LYS A 6 10.86 -1.12 -4.43
CA LYS A 6 10.17 -2.23 -3.78
C LYS A 6 9.18 -1.73 -2.73
N VAL A 7 7.98 -2.30 -2.72
CA VAL A 7 6.96 -1.91 -1.76
C VAL A 7 6.46 -3.11 -0.97
N LYS A 8 6.53 -3.01 0.35
CA LYS A 8 6.08 -4.09 1.23
C LYS A 8 5.26 -3.54 2.39
N VAL A 9 4.40 -4.38 2.95
CA VAL A 9 3.56 -3.98 4.07
C VAL A 9 4.37 -3.87 5.35
N GLU A 10 4.11 -2.81 6.12
CA GLU A 10 4.82 -2.59 7.38
C GLU A 10 3.88 -2.74 8.56
N ASP A 11 2.60 -2.42 8.35
CA ASP A 11 1.60 -2.51 9.40
C ASP A 11 0.19 -2.46 8.81
N PHE A 12 -0.53 -3.56 8.93
CA PHE A 12 -1.89 -3.65 8.41
C PHE A 12 -2.91 -3.62 9.54
N GLY A 13 -4.15 -3.26 9.22
CA GLY A 13 -5.20 -3.19 10.22
C GLY A 13 -6.56 -2.95 9.62
N PHE A 14 -7.57 -2.86 10.47
CA PHE A 14 -8.94 -2.62 10.01
C PHE A 14 -9.66 -1.64 10.92
N ARG A 15 -10.44 -0.74 10.33
CA ARG A 15 -11.18 0.25 11.08
C ARG A 15 -12.68 -0.02 11.04
N GLU A 16 -13.22 -0.49 12.16
CA GLU A 16 -14.64 -0.80 12.26
C GLU A 16 -15.48 0.47 12.25
N ASP A 17 -14.88 1.58 12.67
CA ASP A 17 -15.57 2.87 12.71
C ASP A 17 -16.00 3.29 11.31
N MET A 18 -15.24 2.86 10.31
CA MET A 18 -15.55 3.20 8.92
C MET A 18 -16.16 2.00 8.19
N GLY A 19 -15.56 0.83 8.37
CA GLY A 19 -16.05 -0.36 7.72
C GLY A 19 -15.15 -0.83 6.59
N LEU A 20 -13.91 -0.36 6.60
CA LEU A 20 -12.95 -0.73 5.57
C LEU A 20 -11.60 -1.11 6.19
N ASN A 21 -10.78 -1.80 5.40
CA ASN A 21 -9.47 -2.23 5.87
C ASN A 21 -8.37 -1.31 5.34
N TYR A 22 -7.33 -1.12 6.14
CA TYR A 22 -6.22 -0.27 5.75
C TYR A 22 -4.88 -0.97 5.97
N VAL A 23 -3.85 -0.51 5.27
CA VAL A 23 -2.52 -1.09 5.39
C VAL A 23 -1.44 -0.06 5.09
N ARG A 24 -0.35 -0.12 5.84
CA ARG A 24 0.76 0.80 5.66
C ARG A 24 1.87 0.17 4.83
N TYR A 25 2.29 0.86 3.78
CA TYR A 25 3.34 0.36 2.91
C TYR A 25 4.65 1.11 3.15
N ARG A 26 5.76 0.40 3.01
CA ARG A 26 7.08 1.00 3.21
C ARG A 26 7.82 1.14 1.88
N VAL A 27 8.03 2.39 1.46
CA VAL A 27 8.72 2.67 0.21
C VAL A 27 9.94 3.55 0.44
N SER A 28 11.06 3.17 -0.18
CA SER A 28 12.30 3.92 -0.04
C SER A 28 12.87 4.30 -1.41
N GLY A 29 13.37 5.52 -1.52
CA GLY A 29 13.94 5.98 -2.77
C GLY A 29 13.24 7.22 -3.31
N LEU A 30 12.56 7.94 -2.42
CA LEU A 30 11.84 9.15 -2.81
C LEU A 30 12.32 10.35 -2.00
N ASP A 31 11.93 11.54 -2.44
CA ASP A 31 12.32 12.78 -1.75
C ASP A 31 11.10 13.61 -1.40
N GLU A 32 11.31 14.70 -0.66
CA GLU A 32 10.21 15.58 -0.27
C GLU A 32 9.38 15.98 -1.49
N GLU A 33 10.06 16.37 -2.56
CA GLU A 33 9.37 16.78 -3.78
C GLU A 33 8.69 15.59 -4.46
N LEU A 34 9.44 14.50 -4.62
CA LEU A 34 8.90 13.30 -5.25
C LEU A 34 7.65 12.82 -4.53
N THR A 35 7.67 12.90 -3.20
CA THR A 35 6.54 12.48 -2.39
C THR A 35 5.25 13.15 -2.86
N GLU A 36 5.34 14.43 -3.20
CA GLU A 36 4.18 15.19 -3.66
C GLU A 36 3.60 14.56 -4.92
N LYS A 37 4.43 13.87 -5.68
CA LYS A 37 4.00 13.21 -6.91
C LYS A 37 3.13 11.99 -6.60
N LEU A 38 3.66 11.09 -5.79
CA LEU A 38 2.93 9.88 -5.41
C LEU A 38 1.69 10.22 -4.59
N ILE A 39 1.87 11.05 -3.57
CA ILE A 39 0.76 11.46 -2.72
C ILE A 39 -0.39 12.04 -3.55
N GLU A 40 -0.05 12.62 -4.69
CA GLU A 40 -1.05 13.21 -5.57
C GLU A 40 -1.79 12.13 -6.35
N ARG A 41 -1.03 11.21 -6.95
CA ARG A 41 -1.61 10.12 -7.73
C ARG A 41 -2.42 9.19 -6.84
N LEU A 42 -1.85 8.82 -5.70
CA LEU A 42 -2.51 7.92 -4.76
C LEU A 42 -3.58 8.67 -3.96
N ASP A 43 -3.28 9.91 -3.59
CA ASP A 43 -4.21 10.73 -2.83
C ASP A 43 -4.44 10.13 -1.44
N GLU A 44 -3.36 9.78 -0.76
CA GLU A 44 -3.44 9.19 0.57
C GLU A 44 -2.51 9.91 1.54
N ASP A 45 -2.47 9.42 2.77
CA ASP A 45 -1.61 10.02 3.79
C ASP A 45 -0.18 9.54 3.65
N THR A 46 0.74 10.47 3.44
CA THR A 46 2.15 10.14 3.28
C THR A 46 3.00 10.81 4.37
N GLU A 47 4.09 10.15 4.75
CA GLU A 47 4.98 10.70 5.77
C GLU A 47 6.35 10.04 5.69
N ARG A 48 7.40 10.83 5.91
CA ARG A 48 8.77 10.32 5.87
C ARG A 48 9.21 9.83 7.24
N ASP A 49 9.83 8.65 7.27
CA ASP A 49 10.30 8.07 8.52
C ASP A 49 11.49 7.15 8.27
N ASP A 50 12.62 7.47 8.88
CA ASP A 50 13.83 6.69 8.73
C ASP A 50 14.21 6.53 7.26
N GLY A 51 13.77 7.50 6.45
CA GLY A 51 14.08 7.46 5.03
C GLY A 51 12.98 6.80 4.23
N ASP A 52 12.16 5.98 4.89
CA ASP A 52 11.07 5.28 4.23
C ASP A 52 9.81 6.16 4.20
N LEU A 53 8.81 5.71 3.44
CA LEU A 53 7.56 6.44 3.32
C LEU A 53 6.38 5.56 3.64
N ILE A 54 5.44 6.09 4.43
CA ILE A 54 4.24 5.34 4.81
C ILE A 54 3.05 5.70 3.93
N ILE A 55 2.29 4.69 3.53
CA ILE A 55 1.12 4.91 2.69
C ILE A 55 -0.06 4.06 3.15
N THR A 56 -1.15 4.72 3.51
CA THR A 56 -2.35 4.03 3.98
C THR A 56 -3.49 4.17 2.98
N VAL A 57 -3.95 3.05 2.43
CA VAL A 57 -5.04 3.05 1.46
C VAL A 57 -6.12 2.05 1.85
N PHE A 58 -7.32 2.56 2.12
CA PHE A 58 -8.45 1.70 2.50
C PHE A 58 -9.59 1.85 1.51
N TYR A 59 -10.31 0.74 1.29
CA TYR A 59 -11.43 0.74 0.36
C TYR A 59 -12.61 -0.05 0.93
N GLU A 60 -13.82 0.48 0.74
CA GLU A 60 -15.02 -0.17 1.24
C GLU A 60 -15.63 -1.08 0.17
N ARG A 61 -16.76 -1.69 0.49
CA ARG A 61 -17.44 -2.59 -0.44
C ARG A 61 -17.51 -1.97 -1.84
N GLU A 62 -17.63 -0.65 -1.90
CA GLU A 62 -17.69 0.06 -3.17
C GLU A 62 -16.53 -0.32 -4.06
N TYR A 63 -15.36 -0.51 -3.46
CA TYR A 63 -14.16 -0.87 -4.20
C TYR A 63 -13.61 -2.21 -3.73
N PHE A 64 -14.41 -2.93 -2.95
CA PHE A 64 -14.00 -4.23 -2.42
C PHE A 64 -12.86 -4.08 -1.42
N PRO A 65 -13.20 -4.17 -0.13
CA PRO A 65 -12.21 -4.04 0.95
C PRO A 65 -11.26 -5.24 1.01
N PHE A 66 -10.08 -5.02 1.57
CA PHE A 66 -9.09 -6.07 1.70
C PHE A 66 -9.36 -6.95 2.92
N GLY A 67 -9.92 -8.14 2.69
CA GLY A 67 -10.22 -9.04 3.79
C GLY A 67 -10.69 -10.39 3.30
N SER A 68 -9.76 -11.29 3.03
CA SER A 68 -10.09 -12.63 2.55
C SER A 68 -9.02 -13.63 2.96
N GLU A 69 -8.48 -13.46 4.16
CA GLU A 69 -7.44 -14.34 4.67
C GLU A 69 -7.99 -15.75 4.91
N GLU A 70 -9.30 -15.84 5.09
CA GLU A 70 -9.95 -17.12 5.32
C GLU A 70 -9.64 -18.10 4.20
N SER A 71 -9.31 -17.56 3.03
CA SER A 71 -8.99 -18.39 1.87
C SER A 71 -7.68 -19.14 2.09
N LYS A 72 -6.61 -18.40 2.32
CA LYS A 72 -5.29 -18.98 2.55
C LYS A 72 -5.22 -19.64 3.92
N VAL A 73 -6.06 -19.18 4.84
CA VAL A 73 -6.08 -19.72 6.18
C VAL A 73 -4.79 -19.42 6.94
N LYS A 74 -4.23 -18.24 6.68
CA LYS A 74 -2.99 -17.84 7.33
C LYS A 74 -2.73 -16.34 7.10
N MET A 75 -2.02 -15.73 8.03
CA MET A 75 -1.70 -14.30 7.93
C MET A 75 -1.01 -14.00 6.60
N ALA A 76 -0.34 -15.00 6.05
CA ALA A 76 0.36 -14.83 4.78
C ALA A 76 -0.55 -14.23 3.72
N ASP A 77 -1.85 -14.51 3.84
CA ASP A 77 -2.83 -13.99 2.88
C ASP A 77 -2.90 -12.47 2.96
N PHE A 78 -2.80 -11.94 4.17
CA PHE A 78 -2.86 -10.49 4.38
C PHE A 78 -1.65 -9.80 3.77
N ILE A 79 -0.46 -10.30 4.10
CA ILE A 79 0.77 -9.72 3.58
C ILE A 79 0.90 -9.96 2.08
N ALA A 80 0.43 -11.12 1.64
CA ALA A 80 0.49 -11.47 0.22
C ALA A 80 -0.51 -10.65 -0.59
N ARG A 81 -1.75 -10.60 -0.12
CA ARG A 81 -2.80 -9.85 -0.80
C ARG A 81 -2.48 -8.36 -0.82
N GLU A 82 -1.85 -7.87 0.25
CA GLU A 82 -1.49 -6.47 0.35
C GLU A 82 -0.27 -6.16 -0.51
N GLU A 83 0.78 -6.95 -0.34
CA GLU A 83 2.01 -6.76 -1.10
C GLU A 83 1.72 -6.73 -2.60
N ILE A 84 1.05 -7.77 -3.09
CA ILE A 84 0.72 -7.86 -4.50
C ILE A 84 -0.20 -6.72 -4.92
N GLU A 85 -1.03 -6.25 -3.99
CA GLU A 85 -1.96 -5.16 -4.26
C GLU A 85 -1.21 -3.91 -4.70
N MET A 86 -0.19 -3.53 -3.93
CA MET A 86 0.61 -2.36 -4.24
C MET A 86 1.61 -2.65 -5.36
N MET A 87 2.29 -3.78 -5.26
CA MET A 87 3.27 -4.18 -6.26
C MET A 87 2.64 -4.21 -7.65
N VAL A 88 1.46 -4.82 -7.74
CA VAL A 88 0.75 -4.91 -9.02
C VAL A 88 0.15 -3.57 -9.41
N PHE A 89 -0.35 -2.84 -8.43
CA PHE A 89 -0.95 -1.54 -8.68
C PHE A 89 0.03 -0.61 -9.40
N LEU A 90 1.21 -0.44 -8.81
CA LEU A 90 2.23 0.42 -9.40
C LEU A 90 2.77 -0.17 -10.70
N SER A 91 2.87 -1.50 -10.74
CA SER A 91 3.36 -2.19 -11.91
C SER A 91 2.60 -1.76 -13.16
N SER A 92 1.30 -1.55 -13.02
CA SER A 92 0.45 -1.14 -14.12
C SER A 92 0.79 0.29 -14.56
N VAL A 93 1.21 1.11 -13.60
CA VAL A 93 1.55 2.50 -13.88
C VAL A 93 2.93 2.59 -14.54
N LEU A 94 3.85 1.75 -14.09
CA LEU A 94 5.20 1.74 -14.63
C LEU A 94 5.24 1.02 -15.98
N GLU A 95 4.46 -0.04 -16.10
CA GLU A 95 4.40 -0.82 -17.33
C GLU A 95 3.69 -0.03 -18.44
N ASP A 96 2.81 0.89 -18.04
CA ASP A 96 2.08 1.71 -18.99
C ASP A 96 2.52 3.16 -18.91
N MET A 1 20.49 6.27 -15.28
CA MET A 1 20.11 6.08 -13.89
C MET A 1 19.13 4.92 -13.75
N VAL A 2 19.47 3.96 -12.89
CA VAL A 2 18.62 2.80 -12.65
C VAL A 2 17.78 2.98 -11.40
N PHE A 3 16.52 2.56 -11.47
CA PHE A 3 15.62 2.68 -10.33
C PHE A 3 15.21 1.29 -9.83
N TYR A 4 14.96 1.19 -8.52
CA TYR A 4 14.57 -0.08 -7.91
C TYR A 4 13.82 0.16 -6.61
N LEU A 5 12.53 0.46 -6.72
CA LEU A 5 11.70 0.71 -5.55
C LEU A 5 10.97 -0.56 -5.12
N LYS A 6 10.90 -0.79 -3.82
CA LYS A 6 10.23 -1.96 -3.27
C LYS A 6 9.15 -1.55 -2.26
N VAL A 7 7.98 -2.17 -2.37
CA VAL A 7 6.87 -1.89 -1.47
C VAL A 7 6.44 -3.13 -0.71
N LYS A 8 6.50 -3.06 0.61
CA LYS A 8 6.10 -4.19 1.45
C LYS A 8 5.26 -3.72 2.63
N VAL A 9 4.43 -4.62 3.16
CA VAL A 9 3.57 -4.29 4.29
C VAL A 9 4.39 -4.11 5.56
N GLU A 10 4.28 -2.94 6.17
CA GLU A 10 5.01 -2.64 7.41
C GLU A 10 4.07 -2.65 8.61
N ASP A 11 2.78 -2.41 8.35
CA ASP A 11 1.78 -2.39 9.42
C ASP A 11 0.37 -2.43 8.83
N PHE A 12 -0.29 -3.57 8.98
CA PHE A 12 -1.64 -3.73 8.47
C PHE A 12 -2.66 -3.75 9.60
N GLY A 13 -3.90 -3.41 9.28
CA GLY A 13 -4.95 -3.39 10.29
C GLY A 13 -6.30 -3.01 9.72
N PHE A 14 -7.36 -3.58 10.29
CA PHE A 14 -8.71 -3.31 9.83
C PHE A 14 -9.44 -2.37 10.79
N ARG A 15 -10.21 -1.44 10.24
CA ARG A 15 -10.96 -0.49 11.05
C ARG A 15 -12.45 -0.79 11.00
N GLU A 16 -13.00 -1.28 12.10
CA GLU A 16 -14.43 -1.60 12.17
C GLU A 16 -15.27 -0.34 12.19
N ASP A 17 -14.66 0.77 12.63
CA ASP A 17 -15.36 2.05 12.70
C ASP A 17 -15.65 2.59 11.30
N MET A 18 -14.82 2.20 10.34
CA MET A 18 -14.99 2.65 8.96
C MET A 18 -15.61 1.54 8.11
N GLY A 19 -15.36 0.29 8.47
CA GLY A 19 -15.90 -0.83 7.73
C GLY A 19 -14.99 -1.26 6.59
N LEU A 20 -13.75 -0.79 6.61
CA LEU A 20 -12.78 -1.13 5.57
C LEU A 20 -11.45 -1.51 6.17
N ASN A 21 -10.58 -2.12 5.36
CA ASN A 21 -9.26 -2.53 5.83
C ASN A 21 -8.18 -1.61 5.25
N TYR A 22 -7.12 -1.40 6.03
CA TYR A 22 -6.02 -0.54 5.60
C TYR A 22 -4.67 -1.20 5.88
N VAL A 23 -3.64 -0.75 5.17
CA VAL A 23 -2.31 -1.30 5.35
C VAL A 23 -1.24 -0.27 5.01
N ARG A 24 -0.16 -0.25 5.79
CA ARG A 24 0.93 0.69 5.58
C ARG A 24 2.06 0.04 4.80
N TYR A 25 2.50 0.70 3.73
CA TYR A 25 3.58 0.19 2.90
C TYR A 25 4.88 0.94 3.17
N ARG A 26 6.00 0.24 3.01
CA ARG A 26 7.32 0.84 3.23
C ARG A 26 8.05 1.06 1.91
N VAL A 27 8.24 2.33 1.55
CA VAL A 27 8.93 2.67 0.31
C VAL A 27 10.13 3.56 0.58
N SER A 28 11.32 3.07 0.22
CA SER A 28 12.55 3.82 0.42
C SER A 28 13.26 4.07 -0.90
N GLY A 29 13.73 5.31 -1.08
CA GLY A 29 14.42 5.66 -2.32
C GLY A 29 13.86 6.93 -2.94
N LEU A 30 12.63 7.26 -2.61
CA LEU A 30 11.98 8.46 -3.14
C LEU A 30 12.56 9.72 -2.50
N ASP A 31 11.98 10.86 -2.83
CA ASP A 31 12.44 12.14 -2.30
C ASP A 31 11.29 12.89 -1.63
N GLU A 32 11.63 13.95 -0.91
CA GLU A 32 10.62 14.76 -0.22
C GLU A 32 9.72 15.48 -1.22
N GLU A 33 10.32 15.97 -2.30
CA GLU A 33 9.58 16.68 -3.33
C GLU A 33 8.79 15.69 -4.21
N LEU A 34 9.46 14.62 -4.61
CA LEU A 34 8.83 13.60 -5.45
C LEU A 34 7.57 13.06 -4.79
N THR A 35 7.63 12.83 -3.48
CA THR A 35 6.50 12.31 -2.73
C THR A 35 5.24 13.15 -2.98
N GLU A 36 5.43 14.47 -3.04
CA GLU A 36 4.32 15.38 -3.27
C GLU A 36 3.64 15.09 -4.61
N LYS A 37 4.41 14.54 -5.54
CA LYS A 37 3.88 14.20 -6.86
C LYS A 37 2.93 13.01 -6.79
N LEU A 38 3.42 11.91 -6.22
CA LEU A 38 2.61 10.71 -6.09
C LEU A 38 1.43 10.94 -5.15
N ILE A 39 1.70 11.50 -3.98
CA ILE A 39 0.66 11.79 -3.01
C ILE A 39 -0.46 12.62 -3.62
N GLU A 40 -0.12 13.41 -4.63
CA GLU A 40 -1.10 14.25 -5.31
C GLU A 40 -1.95 13.44 -6.28
N ARG A 41 -1.38 12.35 -6.79
CA ARG A 41 -2.08 11.49 -7.73
C ARG A 41 -2.76 10.34 -6.99
N LEU A 42 -2.33 10.08 -5.76
CA LEU A 42 -2.90 9.01 -4.96
C LEU A 42 -3.84 9.56 -3.90
N ASP A 43 -3.65 10.83 -3.56
CA ASP A 43 -4.49 11.48 -2.56
C ASP A 43 -4.48 10.69 -1.25
N GLU A 44 -3.40 9.97 -1.01
CA GLU A 44 -3.28 9.16 0.20
C GLU A 44 -2.45 9.90 1.26
N ASP A 45 -2.12 9.19 2.33
CA ASP A 45 -1.33 9.78 3.42
C ASP A 45 0.11 9.30 3.36
N THR A 46 1.00 10.18 2.95
CA THR A 46 2.42 9.85 2.85
C THR A 46 3.25 10.64 3.86
N GLU A 47 4.28 9.99 4.41
CA GLU A 47 5.15 10.64 5.39
C GLU A 47 6.51 9.94 5.45
N ARG A 48 7.56 10.73 5.62
CA ARG A 48 8.91 10.20 5.69
C ARG A 48 9.27 9.81 7.13
N ASP A 49 9.80 8.61 7.30
CA ASP A 49 10.18 8.12 8.61
C ASP A 49 11.45 7.27 8.53
N ASP A 50 12.55 7.82 9.02
CA ASP A 50 13.83 7.10 9.00
C ASP A 50 14.28 6.85 7.57
N GLY A 51 13.77 7.65 6.64
CA GLY A 51 14.14 7.49 5.24
C GLY A 51 13.14 6.65 4.47
N ASP A 52 12.16 6.09 5.18
CA ASP A 52 11.14 5.27 4.56
C ASP A 52 9.88 6.08 4.28
N LEU A 53 8.96 5.51 3.50
CA LEU A 53 7.72 6.18 3.17
C LEU A 53 6.52 5.31 3.52
N ILE A 54 5.55 5.89 4.22
CA ILE A 54 4.35 5.17 4.62
C ILE A 54 3.20 5.45 3.66
N ILE A 55 2.45 4.41 3.32
CA ILE A 55 1.31 4.54 2.41
C ILE A 55 0.12 3.72 2.90
N THR A 56 -0.97 4.41 3.24
CA THR A 56 -2.17 3.75 3.72
C THR A 56 -3.30 3.87 2.70
N VAL A 57 -3.76 2.72 2.21
CA VAL A 57 -4.84 2.70 1.23
C VAL A 57 -5.93 1.71 1.63
N PHE A 58 -7.12 2.21 1.90
CA PHE A 58 -8.24 1.37 2.30
C PHE A 58 -9.40 1.52 1.32
N TYR A 59 -10.13 0.42 1.10
CA TYR A 59 -11.26 0.42 0.19
C TYR A 59 -12.47 -0.27 0.82
N GLU A 60 -13.64 0.33 0.65
CA GLU A 60 -14.87 -0.22 1.20
C GLU A 60 -15.59 -1.09 0.17
N ARG A 61 -16.76 -1.58 0.54
CA ARG A 61 -17.55 -2.44 -0.35
C ARG A 61 -17.59 -1.86 -1.76
N GLU A 62 -17.76 -0.54 -1.86
CA GLU A 62 -17.82 0.13 -3.15
C GLU A 62 -16.64 -0.27 -4.02
N TYR A 63 -15.49 -0.53 -3.39
CA TYR A 63 -14.29 -0.93 -4.12
C TYR A 63 -13.81 -2.30 -3.66
N PHE A 64 -14.67 -3.02 -2.96
CA PHE A 64 -14.34 -4.35 -2.46
C PHE A 64 -13.15 -4.28 -1.52
N PRO A 65 -13.43 -4.34 -0.20
CA PRO A 65 -12.39 -4.29 0.84
C PRO A 65 -11.55 -5.56 0.87
N PHE A 66 -10.27 -5.39 1.20
CA PHE A 66 -9.35 -6.53 1.27
C PHE A 66 -9.46 -7.24 2.62
N GLY A 67 -10.11 -8.40 2.62
CA GLY A 67 -10.27 -9.15 3.86
C GLY A 67 -10.70 -10.58 3.60
N SER A 68 -10.08 -11.21 2.60
CA SER A 68 -10.38 -12.59 2.26
C SER A 68 -9.32 -13.55 2.81
N GLU A 69 -8.90 -13.30 4.05
CA GLU A 69 -7.89 -14.13 4.68
C GLU A 69 -8.42 -15.55 4.93
N GLU A 70 -9.75 -15.66 5.00
CA GLU A 70 -10.37 -16.96 5.24
C GLU A 70 -9.95 -17.97 4.18
N SER A 71 -9.56 -17.47 3.02
CA SER A 71 -9.12 -18.33 1.92
C SER A 71 -7.81 -19.03 2.27
N LYS A 72 -6.78 -18.23 2.55
CA LYS A 72 -5.46 -18.76 2.89
C LYS A 72 -5.47 -19.36 4.30
N VAL A 73 -6.43 -18.94 5.11
CA VAL A 73 -6.55 -19.44 6.48
C VAL A 73 -5.35 -19.01 7.32
N LYS A 74 -4.99 -17.74 7.23
CA LYS A 74 -3.87 -17.21 7.98
C LYS A 74 -3.66 -15.72 7.68
N MET A 75 -2.82 -15.08 8.48
CA MET A 75 -2.53 -13.65 8.30
C MET A 75 -1.72 -13.43 7.03
N ALA A 76 -0.98 -14.44 6.61
CA ALA A 76 -0.16 -14.36 5.41
C ALA A 76 -0.97 -13.85 4.22
N ASP A 77 -2.27 -14.13 4.23
CA ASP A 77 -3.16 -13.69 3.16
C ASP A 77 -3.24 -12.18 3.11
N PHE A 78 -3.29 -11.55 4.28
CA PHE A 78 -3.36 -10.10 4.37
C PHE A 78 -2.10 -9.45 3.81
N ILE A 79 -0.95 -9.89 4.29
CA ILE A 79 0.32 -9.35 3.84
C ILE A 79 0.58 -9.71 2.38
N ALA A 80 0.16 -10.90 1.98
CA ALA A 80 0.34 -11.37 0.62
C ALA A 80 -0.58 -10.61 -0.34
N ARG A 81 -1.79 -10.33 0.11
CA ARG A 81 -2.77 -9.62 -0.70
C ARG A 81 -2.40 -8.15 -0.84
N GLU A 82 -1.88 -7.57 0.24
CA GLU A 82 -1.48 -6.17 0.24
C GLU A 82 -0.18 -5.97 -0.53
N GLU A 83 0.82 -6.80 -0.22
CA GLU A 83 2.11 -6.72 -0.89
C GLU A 83 1.95 -6.76 -2.40
N ILE A 84 1.26 -7.78 -2.89
CA ILE A 84 1.03 -7.95 -4.32
C ILE A 84 0.13 -6.85 -4.86
N GLU A 85 -0.77 -6.35 -4.02
CA GLU A 85 -1.69 -5.29 -4.41
C GLU A 85 -0.93 -4.02 -4.78
N MET A 86 0.10 -3.71 -4.00
CA MET A 86 0.91 -2.52 -4.25
C MET A 86 1.89 -2.75 -5.39
N MET A 87 2.58 -3.90 -5.36
CA MET A 87 3.54 -4.24 -6.40
C MET A 87 2.86 -4.33 -7.76
N VAL A 88 1.69 -4.97 -7.79
CA VAL A 88 0.94 -5.13 -9.03
C VAL A 88 0.33 -3.81 -9.48
N PHE A 89 -0.14 -3.02 -8.52
CA PHE A 89 -0.74 -1.72 -8.81
C PHE A 89 0.23 -0.83 -9.58
N LEU A 90 1.41 -0.63 -9.01
CA LEU A 90 2.44 0.20 -9.64
C LEU A 90 2.90 -0.40 -10.95
N SER A 91 2.95 -1.73 -11.01
CA SER A 91 3.39 -2.43 -12.20
C SER A 91 2.49 -2.09 -13.38
N SER A 92 1.21 -1.85 -13.10
CA SER A 92 0.24 -1.51 -14.13
C SER A 92 0.52 -0.14 -14.72
N VAL A 93 1.06 0.76 -13.89
CA VAL A 93 1.38 2.11 -14.33
C VAL A 93 2.72 2.15 -15.06
N LEU A 94 3.66 1.32 -14.60
CA LEU A 94 4.99 1.26 -15.21
C LEU A 94 4.95 0.46 -16.51
N GLU A 95 4.14 -0.60 -16.52
CA GLU A 95 4.01 -1.45 -17.69
C GLU A 95 3.40 -0.68 -18.86
N ASP A 96 2.55 0.29 -18.54
CA ASP A 96 1.90 1.10 -19.56
C ASP A 96 2.58 2.45 -19.70
N MET A 1 19.38 6.11 -14.40
CA MET A 1 18.81 5.61 -13.15
C MET A 1 17.82 4.49 -13.42
N VAL A 2 17.53 3.70 -12.39
CA VAL A 2 16.60 2.58 -12.51
C VAL A 2 15.60 2.57 -11.36
N PHE A 3 14.33 2.35 -11.68
CA PHE A 3 13.28 2.32 -10.67
C PHE A 3 13.00 0.88 -10.23
N TYR A 4 13.72 0.43 -9.21
CA TYR A 4 13.56 -0.92 -8.69
C TYR A 4 13.03 -0.90 -7.26
N LEU A 5 12.33 0.17 -6.92
CA LEU A 5 11.77 0.33 -5.57
C LEU A 5 10.89 -0.87 -5.21
N LYS A 6 10.84 -1.19 -3.92
CA LYS A 6 10.03 -2.30 -3.45
C LYS A 6 9.06 -1.85 -2.37
N VAL A 7 7.85 -2.38 -2.40
CA VAL A 7 6.83 -2.03 -1.41
C VAL A 7 6.42 -3.25 -0.59
N LYS A 8 6.49 -3.11 0.74
CA LYS A 8 6.13 -4.19 1.64
C LYS A 8 5.27 -3.68 2.79
N VAL A 9 4.46 -4.57 3.36
CA VAL A 9 3.59 -4.21 4.47
C VAL A 9 4.37 -4.06 5.77
N GLU A 10 4.21 -2.91 6.42
CA GLU A 10 4.91 -2.65 7.68
C GLU A 10 3.94 -2.66 8.85
N ASP A 11 2.68 -2.35 8.58
CA ASP A 11 1.65 -2.34 9.61
C ASP A 11 0.26 -2.38 8.99
N PHE A 12 -0.43 -3.50 9.16
CA PHE A 12 -1.77 -3.67 8.62
C PHE A 12 -2.82 -3.62 9.73
N GLY A 13 -4.03 -3.22 9.36
CA GLY A 13 -5.11 -3.13 10.33
C GLY A 13 -6.47 -2.95 9.69
N PHE A 14 -7.51 -2.92 10.50
CA PHE A 14 -8.87 -2.75 10.00
C PHE A 14 -9.66 -1.81 10.90
N ARG A 15 -10.47 -0.95 10.27
CA ARG A 15 -11.28 0.00 11.01
C ARG A 15 -12.76 -0.36 10.93
N GLU A 16 -13.33 -0.78 12.05
CA GLU A 16 -14.74 -1.16 12.12
C GLU A 16 -15.64 0.05 11.96
N ASP A 17 -15.11 1.22 12.34
CA ASP A 17 -15.88 2.47 12.25
C ASP A 17 -16.08 2.86 10.79
N MET A 18 -15.17 2.42 9.92
CA MET A 18 -15.24 2.74 8.50
C MET A 18 -15.81 1.56 7.72
N GLY A 19 -15.46 0.35 8.14
CA GLY A 19 -15.93 -0.84 7.45
C GLY A 19 -14.99 -1.31 6.38
N LEU A 20 -13.75 -0.84 6.42
CA LEU A 20 -12.75 -1.22 5.43
C LEU A 20 -11.43 -1.56 6.11
N ASN A 21 -10.49 -2.11 5.34
CA ASN A 21 -9.18 -2.49 5.87
C ASN A 21 -8.10 -1.55 5.34
N TYR A 22 -7.09 -1.31 6.17
CA TYR A 22 -5.98 -0.43 5.79
C TYR A 22 -4.64 -1.10 6.05
N VAL A 23 -3.61 -0.66 5.34
CA VAL A 23 -2.28 -1.21 5.49
C VAL A 23 -1.21 -0.18 5.14
N ARG A 24 -0.14 -0.15 5.93
CA ARG A 24 0.95 0.80 5.71
C ARG A 24 2.10 0.12 4.97
N TYR A 25 2.54 0.76 3.88
CA TYR A 25 3.63 0.22 3.08
C TYR A 25 4.92 1.01 3.32
N ARG A 26 6.05 0.32 3.26
CA ARG A 26 7.35 0.94 3.47
C ARG A 26 8.13 1.05 2.16
N VAL A 27 8.32 2.28 1.69
CA VAL A 27 9.04 2.52 0.44
C VAL A 27 10.23 3.45 0.68
N SER A 28 11.41 3.01 0.24
CA SER A 28 12.63 3.79 0.40
C SER A 28 13.25 4.11 -0.95
N GLY A 29 13.67 5.35 -1.13
CA GLY A 29 14.29 5.76 -2.39
C GLY A 29 13.66 7.00 -2.97
N LEU A 30 12.53 7.41 -2.41
CA LEU A 30 11.82 8.60 -2.88
C LEU A 30 12.44 9.86 -2.29
N ASP A 31 11.91 11.01 -2.70
CA ASP A 31 12.42 12.30 -2.21
C ASP A 31 11.29 13.12 -1.60
N GLU A 32 11.66 14.14 -0.83
CA GLU A 32 10.68 15.01 -0.19
C GLU A 32 9.78 15.68 -1.23
N GLU A 33 10.39 16.14 -2.31
CA GLU A 33 9.66 16.81 -3.38
C GLU A 33 8.91 15.79 -4.24
N LEU A 34 9.59 14.71 -4.60
CA LEU A 34 8.99 13.67 -5.41
C LEU A 34 7.73 13.12 -4.76
N THR A 35 7.79 12.92 -3.45
CA THR A 35 6.64 12.40 -2.70
C THR A 35 5.39 13.23 -2.97
N GLU A 36 5.57 14.55 -3.04
CA GLU A 36 4.44 15.45 -3.28
C GLU A 36 3.78 15.13 -4.62
N LYS A 37 4.55 14.56 -5.54
CA LYS A 37 4.04 14.20 -6.86
C LYS A 37 3.09 13.01 -6.77
N LEU A 38 3.57 11.93 -6.18
CA LEU A 38 2.78 10.71 -6.03
C LEU A 38 1.59 10.95 -5.11
N ILE A 39 1.85 11.55 -3.95
CA ILE A 39 0.81 11.83 -2.97
C ILE A 39 -0.31 12.65 -3.61
N GLU A 40 0.04 13.44 -4.63
CA GLU A 40 -0.94 14.27 -5.31
C GLU A 40 -1.78 13.45 -6.28
N ARG A 41 -1.20 12.35 -6.76
CA ARG A 41 -1.90 11.47 -7.70
C ARG A 41 -2.58 10.32 -6.96
N LEU A 42 -2.16 10.08 -5.73
CA LEU A 42 -2.73 9.02 -4.91
C LEU A 42 -3.67 9.58 -3.86
N ASP A 43 -3.50 10.86 -3.54
CA ASP A 43 -4.33 11.52 -2.55
C ASP A 43 -4.34 10.74 -1.23
N GLU A 44 -3.26 10.02 -0.97
CA GLU A 44 -3.14 9.23 0.25
C GLU A 44 -2.36 9.98 1.32
N ASP A 45 -2.02 9.29 2.40
CA ASP A 45 -1.27 9.88 3.49
C ASP A 45 0.18 9.42 3.48
N THR A 46 1.07 10.27 2.97
CA THR A 46 2.49 9.94 2.91
C THR A 46 3.29 10.77 3.90
N GLU A 47 4.31 10.14 4.49
CA GLU A 47 5.16 10.83 5.47
C GLU A 47 6.52 10.15 5.56
N ARG A 48 7.56 10.96 5.73
CA ARG A 48 8.92 10.45 5.83
C ARG A 48 9.21 9.93 7.24
N ASP A 49 9.71 8.72 7.34
CA ASP A 49 10.02 8.12 8.63
C ASP A 49 11.32 7.30 8.55
N ASP A 50 12.40 7.88 9.06
CA ASP A 50 13.69 7.21 9.05
C ASP A 50 14.17 6.97 7.62
N GLY A 51 13.69 7.79 6.69
CA GLY A 51 14.07 7.66 5.30
C GLY A 51 13.06 6.88 4.49
N ASP A 52 12.21 6.11 5.18
CA ASP A 52 11.19 5.32 4.52
C ASP A 52 9.92 6.14 4.30
N LEU A 53 9.00 5.59 3.51
CA LEU A 53 7.74 6.28 3.22
C LEU A 53 6.55 5.40 3.59
N ILE A 54 5.59 5.98 4.29
CA ILE A 54 4.39 5.26 4.70
C ILE A 54 3.23 5.53 3.76
N ILE A 55 2.49 4.48 3.43
CA ILE A 55 1.35 4.60 2.52
C ILE A 55 0.17 3.79 3.02
N THR A 56 -0.91 4.48 3.39
CA THR A 56 -2.11 3.82 3.89
C THR A 56 -3.26 3.97 2.91
N VAL A 57 -3.74 2.83 2.40
CA VAL A 57 -4.85 2.83 1.45
C VAL A 57 -5.92 1.82 1.86
N PHE A 58 -7.10 2.34 2.18
CA PHE A 58 -8.22 1.49 2.59
C PHE A 58 -9.41 1.68 1.65
N TYR A 59 -10.16 0.59 1.43
CA TYR A 59 -11.33 0.63 0.56
C TYR A 59 -12.43 -0.29 1.07
N GLU A 60 -13.66 0.19 1.03
CA GLU A 60 -14.80 -0.60 1.49
C GLU A 60 -15.44 -1.35 0.33
N ARG A 61 -16.54 -2.05 0.63
CA ARG A 61 -17.25 -2.81 -0.39
C ARG A 61 -17.39 -2.01 -1.69
N GLU A 62 -17.62 -0.71 -1.54
CA GLU A 62 -17.78 0.17 -2.70
C GLU A 62 -16.62 -0.02 -3.68
N TYR A 63 -15.42 -0.20 -3.14
CA TYR A 63 -14.24 -0.39 -3.97
C TYR A 63 -13.62 -1.76 -3.74
N PHE A 64 -14.36 -2.63 -3.07
CA PHE A 64 -13.89 -3.98 -2.78
C PHE A 64 -12.69 -3.94 -1.84
N PRO A 65 -12.93 -4.24 -0.56
CA PRO A 65 -11.88 -4.24 0.47
C PRO A 65 -10.90 -5.40 0.29
N PHE A 66 -9.68 -5.21 0.77
CA PHE A 66 -8.65 -6.25 0.67
C PHE A 66 -8.78 -7.26 1.79
N GLY A 67 -8.65 -8.54 1.45
CA GLY A 67 -8.75 -9.60 2.44
C GLY A 67 -9.07 -10.94 1.82
N SER A 68 -8.17 -11.90 1.97
CA SER A 68 -8.36 -13.23 1.42
C SER A 68 -8.07 -14.31 2.47
N GLU A 69 -8.30 -13.97 3.73
CA GLU A 69 -8.06 -14.90 4.82
C GLU A 69 -9.01 -16.09 4.74
N GLU A 70 -10.14 -15.89 4.08
CA GLU A 70 -11.14 -16.95 3.93
C GLU A 70 -10.59 -18.10 3.09
N SER A 71 -9.61 -17.79 2.24
CA SER A 71 -9.00 -18.79 1.38
C SER A 71 -7.67 -19.28 1.96
N LYS A 72 -6.76 -18.34 2.20
CA LYS A 72 -5.46 -18.67 2.75
C LYS A 72 -5.58 -19.19 4.19
N VAL A 73 -6.44 -18.55 4.98
CA VAL A 73 -6.65 -18.96 6.35
C VAL A 73 -5.40 -18.74 7.19
N LYS A 74 -4.86 -17.53 7.14
CA LYS A 74 -3.67 -17.18 7.90
C LYS A 74 -3.26 -15.74 7.66
N MET A 75 -2.58 -15.14 8.63
CA MET A 75 -2.14 -13.76 8.53
C MET A 75 -1.39 -13.54 7.21
N ALA A 76 -0.72 -14.58 6.73
CA ALA A 76 0.04 -14.50 5.48
C ALA A 76 -0.83 -13.96 4.35
N ASP A 77 -2.13 -14.24 4.43
CA ASP A 77 -3.07 -13.80 3.41
C ASP A 77 -3.15 -12.26 3.38
N PHE A 78 -3.03 -11.65 4.55
CA PHE A 78 -3.10 -10.20 4.66
C PHE A 78 -1.86 -9.55 4.03
N ILE A 79 -0.68 -10.01 4.46
CA ILE A 79 0.57 -9.47 3.95
C ILE A 79 0.75 -9.82 2.47
N ALA A 80 0.30 -11.01 2.09
CA ALA A 80 0.40 -11.46 0.71
C ALA A 80 -0.56 -10.71 -0.20
N ARG A 81 -1.75 -10.42 0.32
CA ARG A 81 -2.76 -9.70 -0.43
C ARG A 81 -2.39 -8.24 -0.59
N GLU A 82 -1.81 -7.67 0.47
CA GLU A 82 -1.41 -6.26 0.45
C GLU A 82 -0.15 -6.07 -0.39
N GLU A 83 0.85 -6.91 -0.14
CA GLU A 83 2.12 -6.83 -0.87
C GLU A 83 1.87 -6.87 -2.38
N ILE A 84 1.15 -7.89 -2.82
CA ILE A 84 0.85 -8.05 -4.24
C ILE A 84 -0.07 -6.93 -4.73
N GLU A 85 -0.92 -6.45 -3.85
CA GLU A 85 -1.86 -5.38 -4.19
C GLU A 85 -1.11 -4.11 -4.59
N MET A 86 -0.08 -3.77 -3.84
CA MET A 86 0.72 -2.59 -4.11
C MET A 86 1.69 -2.84 -5.27
N MET A 87 2.38 -3.98 -5.23
CA MET A 87 3.33 -4.34 -6.27
C MET A 87 2.64 -4.42 -7.62
N VAL A 88 1.48 -5.06 -7.66
CA VAL A 88 0.72 -5.20 -8.90
C VAL A 88 0.10 -3.88 -9.31
N PHE A 89 -0.37 -3.11 -8.34
CA PHE A 89 -0.99 -1.82 -8.60
C PHE A 89 -0.05 -0.91 -9.38
N LEU A 90 1.15 -0.72 -8.85
CA LEU A 90 2.15 0.13 -9.49
C LEU A 90 2.60 -0.47 -10.82
N SER A 91 2.71 -1.79 -10.86
CA SER A 91 3.13 -2.50 -12.06
C SER A 91 2.23 -2.14 -13.24
N SER A 92 0.96 -1.91 -12.96
CA SER A 92 -0.01 -1.55 -13.99
C SER A 92 0.35 -0.23 -14.64
N VAL A 93 0.94 0.67 -13.85
CA VAL A 93 1.33 1.99 -14.35
C VAL A 93 2.69 1.93 -15.04
N LEU A 94 3.56 1.08 -14.53
CA LEU A 94 4.91 0.92 -15.10
C LEU A 94 4.86 0.06 -16.36
N GLU A 95 3.77 -0.67 -16.52
CA GLU A 95 3.61 -1.55 -17.68
C GLU A 95 2.89 -0.82 -18.81
N ASP A 96 2.84 0.50 -18.72
CA ASP A 96 2.19 1.33 -19.73
C ASP A 96 0.69 1.11 -19.72
N MET A 1 12.92 6.62 -15.28
CA MET A 1 13.97 7.44 -14.69
C MET A 1 14.22 7.06 -13.24
N VAL A 2 13.89 5.82 -12.89
CA VAL A 2 14.07 5.33 -11.53
C VAL A 2 14.50 3.87 -11.51
N PHE A 3 14.67 3.32 -10.32
CA PHE A 3 15.08 1.93 -10.17
C PHE A 3 13.92 1.07 -9.67
N TYR A 4 14.17 -0.23 -9.54
CA TYR A 4 13.14 -1.16 -9.07
C TYR A 4 12.65 -0.77 -7.68
N LEU A 5 11.42 -0.27 -7.62
CA LEU A 5 10.83 0.14 -6.35
C LEU A 5 10.52 -1.07 -5.47
N LYS A 6 10.56 -0.88 -4.16
CA LYS A 6 10.28 -1.95 -3.22
C LYS A 6 9.17 -1.54 -2.25
N VAL A 7 8.00 -2.17 -2.39
CA VAL A 7 6.87 -1.88 -1.52
C VAL A 7 6.41 -3.13 -0.78
N LYS A 8 6.44 -3.06 0.55
CA LYS A 8 6.02 -4.18 1.38
C LYS A 8 5.14 -3.71 2.54
N VAL A 9 4.30 -4.61 3.03
CA VAL A 9 3.41 -4.29 4.14
C VAL A 9 4.19 -4.15 5.45
N GLU A 10 3.90 -3.08 6.18
CA GLU A 10 4.57 -2.82 7.46
C GLU A 10 3.62 -3.02 8.63
N ASP A 11 2.34 -2.72 8.40
CA ASP A 11 1.32 -2.87 9.43
C ASP A 11 -0.08 -2.82 8.82
N PHE A 12 -0.80 -3.93 8.91
CA PHE A 12 -2.14 -4.01 8.37
C PHE A 12 -3.18 -4.07 9.49
N GLY A 13 -4.40 -3.67 9.18
CA GLY A 13 -5.46 -3.69 10.17
C GLY A 13 -6.82 -3.39 9.57
N PHE A 14 -7.81 -3.17 10.43
CA PHE A 14 -9.17 -2.87 9.98
C PHE A 14 -9.80 -1.78 10.84
N ARG A 15 -10.52 -0.88 10.19
CA ARG A 15 -11.18 0.22 10.89
C ARG A 15 -12.68 0.01 10.93
N GLU A 16 -13.20 -0.38 12.09
CA GLU A 16 -14.62 -0.63 12.26
C GLU A 16 -15.40 0.69 12.24
N ASP A 17 -14.71 1.79 12.55
CA ASP A 17 -15.33 3.10 12.58
C ASP A 17 -15.91 3.46 11.22
N MET A 18 -15.36 2.83 10.16
CA MET A 18 -15.82 3.08 8.80
C MET A 18 -16.34 1.79 8.17
N GLY A 19 -15.73 0.67 8.54
CA GLY A 19 -16.14 -0.61 7.99
C GLY A 19 -15.25 -1.05 6.84
N LEU A 20 -14.06 -0.48 6.75
CA LEU A 20 -13.12 -0.81 5.69
C LEU A 20 -11.77 -1.25 6.27
N ASN A 21 -11.00 -1.97 5.46
CA ASN A 21 -9.69 -2.44 5.89
C ASN A 21 -8.58 -1.51 5.40
N TYR A 22 -7.55 -1.33 6.20
CA TYR A 22 -6.43 -0.47 5.85
C TYR A 22 -5.10 -1.19 6.06
N VAL A 23 -4.07 -0.72 5.36
CA VAL A 23 -2.74 -1.32 5.47
C VAL A 23 -1.65 -0.28 5.20
N ARG A 24 -0.55 -0.38 5.94
CA ARG A 24 0.56 0.55 5.79
C ARG A 24 1.67 -0.07 4.94
N TYR A 25 2.09 0.66 3.91
CA TYR A 25 3.14 0.17 3.02
C TYR A 25 4.45 0.93 3.27
N ARG A 26 5.56 0.23 3.09
CA ARG A 26 6.88 0.83 3.28
C ARG A 26 7.59 1.04 1.94
N VAL A 27 7.80 2.31 1.59
CA VAL A 27 8.47 2.64 0.34
C VAL A 27 9.73 3.46 0.59
N SER A 28 10.84 3.03 0.01
CA SER A 28 12.11 3.73 0.17
C SER A 28 12.75 4.03 -1.19
N GLY A 29 13.29 5.24 -1.32
CA GLY A 29 13.92 5.63 -2.58
C GLY A 29 13.27 6.86 -3.19
N LEU A 30 12.58 7.64 -2.36
CA LEU A 30 11.91 8.85 -2.83
C LEU A 30 12.38 10.06 -2.05
N ASP A 31 11.94 11.24 -2.49
CA ASP A 31 12.31 12.49 -1.82
C ASP A 31 11.07 13.29 -1.44
N GLU A 32 11.27 14.37 -0.69
CA GLU A 32 10.17 15.22 -0.25
C GLU A 32 9.41 15.77 -1.45
N GLU A 33 10.15 16.18 -2.48
CA GLU A 33 9.54 16.73 -3.68
C GLU A 33 8.77 15.66 -4.45
N LEU A 34 9.40 14.51 -4.63
CA LEU A 34 8.78 13.40 -5.36
C LEU A 34 7.55 12.89 -4.61
N THR A 35 7.64 12.87 -3.28
CA THR A 35 6.53 12.41 -2.46
C THR A 35 5.23 13.13 -2.81
N GLU A 36 5.34 14.44 -3.03
CA GLU A 36 4.17 15.25 -3.38
C GLU A 36 3.51 14.73 -4.65
N LYS A 37 4.31 14.09 -5.50
CA LYS A 37 3.81 13.54 -6.76
C LYS A 37 2.91 12.34 -6.51
N LEU A 38 3.43 11.36 -5.79
CA LEU A 38 2.69 10.15 -5.47
C LEU A 38 1.50 10.46 -4.57
N ILE A 39 1.75 11.20 -3.49
CA ILE A 39 0.70 11.57 -2.55
C ILE A 39 -0.45 12.28 -3.27
N GLU A 40 -0.13 12.94 -4.37
CA GLU A 40 -1.13 13.66 -5.14
C GLU A 40 -1.96 12.69 -5.99
N ARG A 41 -1.28 11.79 -6.69
CA ARG A 41 -1.94 10.81 -7.54
C ARG A 41 -2.75 9.83 -6.70
N LEU A 42 -2.15 9.33 -5.62
CA LEU A 42 -2.82 8.39 -4.74
C LEU A 42 -3.80 9.11 -3.81
N ASP A 43 -3.46 10.33 -3.44
CA ASP A 43 -4.31 11.13 -2.56
C ASP A 43 -4.43 10.47 -1.19
N GLU A 44 -3.35 9.84 -0.74
CA GLU A 44 -3.34 9.17 0.55
C GLU A 44 -2.46 9.93 1.54
N ASP A 45 -2.22 9.32 2.70
CA ASP A 45 -1.40 9.94 3.74
C ASP A 45 0.03 9.41 3.69
N THR A 46 0.95 10.25 3.23
CA THR A 46 2.35 9.87 3.13
C THR A 46 3.20 10.62 4.15
N GLU A 47 4.18 9.93 4.73
CA GLU A 47 5.06 10.54 5.72
C GLU A 47 6.44 9.86 5.71
N ARG A 48 7.48 10.66 5.90
CA ARG A 48 8.84 10.14 5.91
C ARG A 48 9.23 9.68 7.31
N ASP A 49 9.87 8.52 7.39
CA ASP A 49 10.30 7.97 8.67
C ASP A 49 11.53 7.08 8.49
N ASP A 50 12.69 7.60 8.90
CA ASP A 50 13.93 6.84 8.79
C ASP A 50 14.26 6.56 7.33
N GLY A 51 13.74 7.38 6.44
CA GLY A 51 13.99 7.20 5.02
C GLY A 51 12.87 6.44 4.33
N ASP A 52 12.06 5.75 5.12
CA ASP A 52 10.94 4.98 4.57
C ASP A 52 9.71 5.86 4.40
N LEU A 53 8.70 5.32 3.72
CA LEU A 53 7.45 6.06 3.49
C LEU A 53 6.24 5.20 3.83
N ILE A 54 5.31 5.77 4.59
CA ILE A 54 4.10 5.06 4.99
C ILE A 54 2.93 5.43 4.09
N ILE A 55 2.14 4.42 3.71
CA ILE A 55 0.98 4.65 2.86
C ILE A 55 -0.22 3.85 3.34
N THR A 56 -1.28 4.54 3.73
CA THR A 56 -2.50 3.88 4.21
C THR A 56 -3.64 4.07 3.22
N VAL A 57 -4.16 2.96 2.69
CA VAL A 57 -5.26 3.00 1.74
C VAL A 57 -6.38 2.06 2.16
N PHE A 58 -7.55 2.62 2.44
CA PHE A 58 -8.70 1.83 2.85
C PHE A 58 -9.86 2.02 1.89
N TYR A 59 -10.64 0.96 1.69
CA TYR A 59 -11.78 1.00 0.78
C TYR A 59 -12.92 0.13 1.30
N GLU A 60 -14.15 0.63 1.16
CA GLU A 60 -15.32 -0.10 1.62
C GLU A 60 -15.91 -0.94 0.49
N ARG A 61 -17.03 -1.61 0.77
CA ARG A 61 -17.70 -2.44 -0.21
C ARG A 61 -17.75 -1.75 -1.57
N GLU A 62 -17.96 -0.43 -1.56
CA GLU A 62 -18.04 0.35 -2.79
C GLU A 62 -16.84 0.06 -3.68
N TYR A 63 -15.67 -0.10 -3.07
CA TYR A 63 -14.44 -0.36 -3.81
C TYR A 63 -13.86 -1.72 -3.42
N PHE A 64 -14.66 -2.53 -2.72
CA PHE A 64 -14.22 -3.84 -2.28
C PHE A 64 -13.07 -3.73 -1.28
N PRO A 65 -13.40 -3.91 0.01
CA PRO A 65 -12.41 -3.84 1.09
C PRO A 65 -11.43 -5.01 1.06
N PHE A 66 -10.25 -4.79 1.65
CA PHE A 66 -9.22 -5.83 1.69
C PHE A 66 -9.49 -6.81 2.83
N GLY A 67 -9.73 -8.06 2.47
CA GLY A 67 -9.99 -9.09 3.48
C GLY A 67 -10.23 -10.45 2.87
N SER A 68 -9.17 -11.24 2.77
CA SER A 68 -9.27 -12.58 2.19
C SER A 68 -8.38 -13.57 2.94
N GLU A 69 -7.97 -13.19 4.14
CA GLU A 69 -7.12 -14.03 4.97
C GLU A 69 -7.85 -15.29 5.39
N GLU A 70 -9.19 -15.23 5.40
CA GLU A 70 -10.00 -16.37 5.79
C GLU A 70 -9.72 -17.57 4.90
N SER A 71 -9.24 -17.31 3.69
CA SER A 71 -8.93 -18.38 2.74
C SER A 71 -7.66 -19.11 3.15
N LYS A 72 -6.56 -18.37 3.26
CA LYS A 72 -5.28 -18.95 3.65
C LYS A 72 -5.28 -19.34 5.12
N VAL A 73 -6.20 -18.76 5.88
CA VAL A 73 -6.30 -19.04 7.30
C VAL A 73 -5.13 -18.45 8.07
N LYS A 74 -4.49 -17.44 7.48
CA LYS A 74 -3.34 -16.79 8.11
C LYS A 74 -3.12 -15.40 7.52
N MET A 75 -2.23 -14.64 8.15
CA MET A 75 -1.92 -13.29 7.68
C MET A 75 -1.15 -13.33 6.37
N ALA A 76 -0.50 -14.46 6.10
CA ALA A 76 0.28 -14.63 4.88
C ALA A 76 -0.53 -14.17 3.66
N ASP A 77 -1.84 -14.38 3.71
CA ASP A 77 -2.71 -13.99 2.60
C ASP A 77 -2.75 -12.48 2.44
N PHE A 78 -2.87 -11.76 3.56
CA PHE A 78 -2.92 -10.31 3.54
C PHE A 78 -1.63 -9.74 2.98
N ILE A 79 -0.49 -10.17 3.52
CA ILE A 79 0.81 -9.69 3.07
C ILE A 79 1.10 -10.14 1.64
N ALA A 80 0.60 -11.32 1.29
CA ALA A 80 0.79 -11.87 -0.05
C ALA A 80 -0.02 -11.08 -1.08
N ARG A 81 -1.29 -10.85 -0.77
CA ARG A 81 -2.17 -10.12 -1.68
C ARG A 81 -1.82 -8.63 -1.69
N GLU A 82 -1.34 -8.14 -0.55
CA GLU A 82 -0.97 -6.73 -0.44
C GLU A 82 0.34 -6.45 -1.17
N GLU A 83 1.34 -7.28 -0.91
CA GLU A 83 2.64 -7.12 -1.55
C GLU A 83 2.51 -7.07 -3.07
N ILE A 84 1.85 -8.06 -3.64
CA ILE A 84 1.64 -8.13 -5.08
C ILE A 84 0.73 -7.01 -5.55
N GLU A 85 -0.20 -6.60 -4.69
CA GLU A 85 -1.14 -5.54 -5.02
C GLU A 85 -0.39 -4.22 -5.30
N MET A 86 0.55 -3.90 -4.43
CA MET A 86 1.33 -2.67 -4.57
C MET A 86 2.39 -2.83 -5.66
N MET A 87 3.10 -3.95 -5.63
CA MET A 87 4.14 -4.22 -6.62
C MET A 87 3.57 -4.22 -8.03
N VAL A 88 2.42 -4.86 -8.20
CA VAL A 88 1.76 -4.93 -9.49
C VAL A 88 1.12 -3.59 -9.86
N PHE A 89 0.55 -2.93 -8.86
CA PHE A 89 -0.10 -1.64 -9.08
C PHE A 89 0.83 -0.67 -9.80
N LEU A 90 2.02 -0.48 -9.24
CA LEU A 90 3.00 0.43 -9.84
C LEU A 90 3.54 -0.14 -11.15
N SER A 91 3.80 -1.44 -11.15
CA SER A 91 4.33 -2.11 -12.35
C SER A 91 3.37 -1.92 -13.53
N SER A 92 2.08 -1.84 -13.23
CA SER A 92 1.07 -1.66 -14.26
C SER A 92 1.24 -0.32 -14.98
N VAL A 93 1.72 0.68 -14.24
CA VAL A 93 1.93 2.01 -14.80
C VAL A 93 3.27 2.09 -15.52
N LEU A 94 4.26 1.39 -14.98
CA LEU A 94 5.60 1.38 -15.57
C LEU A 94 5.66 0.46 -16.79
N GLU A 95 4.67 -0.42 -16.90
CA GLU A 95 4.61 -1.34 -18.02
C GLU A 95 3.79 -0.77 -19.17
N ASP A 96 3.56 0.55 -19.12
CA ASP A 96 2.79 1.22 -20.17
C ASP A 96 1.33 0.80 -20.12
N MET A 1 18.06 -5.83 -16.69
CA MET A 1 18.46 -4.87 -15.66
C MET A 1 17.57 -3.64 -15.69
N VAL A 2 17.03 -3.28 -14.52
CA VAL A 2 16.15 -2.13 -14.41
C VAL A 2 16.07 -1.63 -12.97
N PHE A 3 15.86 -0.33 -12.80
CA PHE A 3 15.76 0.27 -11.47
C PHE A 3 14.31 0.30 -11.00
N TYR A 4 14.09 -0.16 -9.77
CA TYR A 4 12.75 -0.19 -9.20
C TYR A 4 12.81 -0.11 -7.67
N LEU A 5 11.65 0.12 -7.05
CA LEU A 5 11.57 0.22 -5.60
C LEU A 5 10.89 -1.02 -5.01
N LYS A 6 10.87 -1.09 -3.68
CA LYS A 6 10.25 -2.21 -3.00
C LYS A 6 9.17 -1.74 -2.03
N VAL A 7 8.02 -2.39 -2.05
CA VAL A 7 6.91 -2.03 -1.18
C VAL A 7 6.44 -3.24 -0.37
N LYS A 8 6.49 -3.11 0.96
CA LYS A 8 6.06 -4.19 1.84
C LYS A 8 5.22 -3.65 3.00
N VAL A 9 4.35 -4.49 3.54
CA VAL A 9 3.50 -4.09 4.65
C VAL A 9 4.31 -3.90 5.93
N GLU A 10 4.04 -2.80 6.63
CA GLU A 10 4.74 -2.49 7.87
C GLU A 10 3.79 -2.51 9.05
N ASP A 11 2.51 -2.29 8.78
CA ASP A 11 1.49 -2.28 9.84
C ASP A 11 0.09 -2.30 9.23
N PHE A 12 -0.64 -3.38 9.46
CA PHE A 12 -2.00 -3.53 8.95
C PHE A 12 -3.03 -3.39 10.06
N GLY A 13 -4.24 -3.01 9.68
CA GLY A 13 -5.29 -2.84 10.66
C GLY A 13 -6.68 -2.76 10.02
N PHE A 14 -7.69 -2.60 10.85
CA PHE A 14 -9.07 -2.50 10.37
C PHE A 14 -9.80 -1.35 11.04
N ARG A 15 -10.62 -0.64 10.24
CA ARG A 15 -11.37 0.49 10.76
C ARG A 15 -12.87 0.18 10.77
N GLU A 16 -13.36 -0.32 11.90
CA GLU A 16 -14.77 -0.65 12.04
C GLU A 16 -15.65 0.58 11.87
N ASP A 17 -15.07 1.74 12.13
CA ASP A 17 -15.79 3.01 12.01
C ASP A 17 -16.33 3.20 10.60
N MET A 18 -15.67 2.56 9.63
CA MET A 18 -16.09 2.66 8.23
C MET A 18 -16.46 1.29 7.68
N GLY A 19 -15.80 0.25 8.19
CA GLY A 19 -16.08 -1.11 7.73
C GLY A 19 -15.09 -1.58 6.68
N LEU A 20 -13.94 -0.92 6.63
CA LEU A 20 -12.90 -1.27 5.67
C LEU A 20 -11.59 -1.59 6.37
N ASN A 21 -10.61 -2.11 5.63
CA ASN A 21 -9.32 -2.46 6.18
C ASN A 21 -8.23 -1.52 5.64
N TYR A 22 -7.24 -1.24 6.48
CA TYR A 22 -6.15 -0.35 6.10
C TYR A 22 -4.79 -1.01 6.35
N VAL A 23 -3.79 -0.59 5.60
CA VAL A 23 -2.44 -1.14 5.75
C VAL A 23 -1.38 -0.10 5.38
N ARG A 24 -0.30 -0.07 6.15
CA ARG A 24 0.78 0.87 5.91
C ARG A 24 1.93 0.20 5.15
N TYR A 25 2.35 0.82 4.05
CA TYR A 25 3.43 0.27 3.24
C TYR A 25 4.71 1.08 3.42
N ARG A 26 5.85 0.40 3.37
CA ARG A 26 7.14 1.06 3.53
C ARG A 26 7.90 1.11 2.21
N VAL A 27 8.08 2.32 1.69
CA VAL A 27 8.79 2.50 0.42
C VAL A 27 9.99 3.42 0.59
N SER A 28 11.12 3.03 0.02
CA SER A 28 12.34 3.82 0.11
C SER A 28 12.95 4.05 -1.27
N GLY A 29 13.37 5.28 -1.52
CA GLY A 29 13.96 5.61 -2.81
C GLY A 29 13.42 6.89 -3.40
N LEU A 30 12.35 7.40 -2.79
CA LEU A 30 11.72 8.63 -3.26
C LEU A 30 12.43 9.85 -2.71
N ASP A 31 11.99 11.04 -3.14
CA ASP A 31 12.59 12.28 -2.67
C ASP A 31 11.53 13.21 -2.10
N GLU A 32 11.98 14.28 -1.46
CA GLU A 32 11.06 15.26 -0.86
C GLU A 32 10.16 15.87 -1.92
N GLU A 33 10.76 16.25 -3.06
CA GLU A 33 10.00 16.86 -4.15
C GLU A 33 9.22 15.80 -4.92
N LEU A 34 9.76 14.59 -4.99
CA LEU A 34 9.11 13.49 -5.70
C LEU A 34 7.88 13.01 -4.95
N THR A 35 7.96 13.04 -3.61
CA THR A 35 6.85 12.61 -2.78
C THR A 35 5.56 13.32 -3.15
N GLU A 36 5.68 14.61 -3.44
CA GLU A 36 4.51 15.42 -3.82
C GLU A 36 3.85 14.85 -5.07
N LYS A 37 4.63 14.17 -5.90
CA LYS A 37 4.13 13.57 -7.12
C LYS A 37 3.24 12.37 -6.83
N LEU A 38 3.78 11.43 -6.06
CA LEU A 38 3.03 10.22 -5.70
C LEU A 38 1.84 10.56 -4.81
N ILE A 39 2.10 11.35 -3.77
CA ILE A 39 1.04 11.75 -2.85
C ILE A 39 -0.13 12.39 -3.59
N GLU A 40 0.17 12.99 -4.73
CA GLU A 40 -0.85 13.65 -5.54
C GLU A 40 -1.68 12.62 -6.31
N ARG A 41 -0.99 11.68 -6.96
CA ARG A 41 -1.65 10.64 -7.73
C ARG A 41 -2.27 9.59 -6.82
N LEU A 42 -1.84 9.59 -5.56
CA LEU A 42 -2.35 8.62 -4.58
C LEU A 42 -3.44 9.26 -3.72
N ASP A 43 -3.25 10.51 -3.35
CA ASP A 43 -4.23 11.23 -2.54
C ASP A 43 -4.37 10.58 -1.17
N GLU A 44 -3.32 9.90 -0.73
CA GLU A 44 -3.33 9.23 0.56
C GLU A 44 -2.49 9.99 1.58
N ASP A 45 -2.26 9.37 2.73
CA ASP A 45 -1.46 9.99 3.79
C ASP A 45 -0.02 9.53 3.72
N THR A 46 0.86 10.40 3.23
CA THR A 46 2.27 10.08 3.12
C THR A 46 3.11 10.87 4.11
N GLU A 47 4.17 10.25 4.62
CA GLU A 47 5.05 10.90 5.58
C GLU A 47 6.41 10.21 5.64
N ARG A 48 7.46 11.00 5.78
CA ARG A 48 8.82 10.46 5.85
C ARG A 48 9.13 9.96 7.26
N ASP A 49 9.59 8.72 7.34
CA ASP A 49 9.94 8.12 8.62
C ASP A 49 11.20 7.27 8.51
N ASP A 50 12.30 7.78 9.03
CA ASP A 50 13.57 7.06 8.99
C ASP A 50 14.03 6.84 7.55
N GLY A 51 13.57 7.71 6.65
CA GLY A 51 13.93 7.60 5.26
C GLY A 51 12.88 6.87 4.44
N ASP A 52 12.07 6.06 5.10
CA ASP A 52 11.01 5.31 4.43
C ASP A 52 9.74 6.14 4.33
N LEU A 53 8.80 5.67 3.53
CA LEU A 53 7.52 6.37 3.33
C LEU A 53 6.35 5.47 3.73
N ILE A 54 5.41 6.03 4.48
CA ILE A 54 4.23 5.29 4.91
C ILE A 54 3.02 5.66 4.06
N ILE A 55 2.28 4.63 3.63
CA ILE A 55 1.09 4.85 2.81
C ILE A 55 -0.07 3.98 3.30
N THR A 56 -1.15 4.62 3.70
CA THR A 56 -2.33 3.91 4.19
C THR A 56 -3.49 4.05 3.22
N VAL A 57 -3.96 2.92 2.69
CA VAL A 57 -5.07 2.92 1.75
C VAL A 57 -6.13 1.90 2.15
N PHE A 58 -7.32 2.39 2.49
CA PHE A 58 -8.42 1.51 2.90
C PHE A 58 -9.62 1.70 1.98
N TYR A 59 -10.35 0.60 1.76
CA TYR A 59 -11.52 0.65 0.90
C TYR A 59 -12.60 -0.31 1.40
N GLU A 60 -13.85 0.14 1.37
CA GLU A 60 -14.97 -0.68 1.82
C GLU A 60 -15.60 -1.44 0.66
N ARG A 61 -16.68 -2.16 0.95
CA ARG A 61 -17.37 -2.93 -0.08
C ARG A 61 -17.54 -2.11 -1.36
N GLU A 62 -17.80 -0.82 -1.20
CA GLU A 62 -17.98 0.08 -2.34
C GLU A 62 -16.83 -0.08 -3.32
N TYR A 63 -15.62 -0.23 -2.79
CA TYR A 63 -14.43 -0.38 -3.64
C TYR A 63 -13.77 -1.73 -3.42
N PHE A 64 -14.50 -2.64 -2.76
CA PHE A 64 -14.00 -3.98 -2.49
C PHE A 64 -12.79 -3.92 -1.56
N PRO A 65 -13.03 -4.25 -0.28
CA PRO A 65 -11.97 -4.25 0.74
C PRO A 65 -10.96 -5.36 0.54
N PHE A 66 -9.75 -5.17 1.04
CA PHE A 66 -8.69 -6.17 0.91
C PHE A 66 -8.83 -7.23 1.99
N GLY A 67 -9.04 -8.48 1.56
CA GLY A 67 -9.19 -9.58 2.50
C GLY A 67 -9.51 -10.88 1.82
N SER A 68 -8.80 -11.94 2.21
CA SER A 68 -9.02 -13.26 1.63
C SER A 68 -8.30 -14.34 2.45
N GLU A 69 -8.16 -14.09 3.74
CA GLU A 69 -7.50 -15.03 4.64
C GLU A 69 -8.20 -16.39 4.60
N GLU A 70 -9.47 -16.39 4.21
CA GLU A 70 -10.25 -17.61 4.13
C GLU A 70 -9.80 -18.47 2.95
N SER A 71 -9.19 -17.83 1.96
CA SER A 71 -8.72 -18.54 0.77
C SER A 71 -7.37 -19.18 1.04
N LYS A 72 -6.39 -18.36 1.42
CA LYS A 72 -5.04 -18.85 1.71
C LYS A 72 -5.02 -19.64 3.01
N VAL A 73 -5.92 -19.28 3.94
CA VAL A 73 -6.00 -19.95 5.23
C VAL A 73 -4.75 -19.69 6.05
N LYS A 74 -4.38 -18.42 6.19
CA LYS A 74 -3.21 -18.04 6.96
C LYS A 74 -3.02 -16.53 6.96
N MET A 75 -2.12 -16.04 7.80
CA MET A 75 -1.84 -14.61 7.89
C MET A 75 -1.16 -14.11 6.62
N ALA A 76 -0.44 -15.00 5.95
CA ALA A 76 0.27 -14.64 4.72
C ALA A 76 -0.67 -13.96 3.73
N ASP A 77 -1.95 -14.31 3.80
CA ASP A 77 -2.95 -13.73 2.91
C ASP A 77 -3.08 -12.23 3.15
N PHE A 78 -2.98 -11.83 4.41
CA PHE A 78 -3.09 -10.41 4.77
C PHE A 78 -1.90 -9.62 4.22
N ILE A 79 -0.70 -10.09 4.53
CA ILE A 79 0.51 -9.42 4.08
C ILE A 79 0.64 -9.49 2.56
N ALA A 80 0.21 -10.62 1.98
CA ALA A 80 0.27 -10.80 0.54
C ALA A 80 -0.76 -9.94 -0.17
N ARG A 81 -2.00 -10.01 0.29
CA ARG A 81 -3.09 -9.24 -0.31
C ARG A 81 -2.76 -7.75 -0.30
N GLU A 82 -2.14 -7.29 0.78
CA GLU A 82 -1.77 -5.89 0.90
C GLU A 82 -0.54 -5.57 0.05
N GLU A 83 0.49 -6.40 0.18
CA GLU A 83 1.72 -6.21 -0.57
C GLU A 83 1.45 -6.20 -2.07
N ILE A 84 0.81 -7.25 -2.56
CA ILE A 84 0.49 -7.36 -3.98
C ILE A 84 -0.34 -6.18 -4.44
N GLU A 85 -1.14 -5.62 -3.54
CA GLU A 85 -1.98 -4.47 -3.86
C GLU A 85 -1.15 -3.32 -4.40
N MET A 86 -0.08 -2.98 -3.69
CA MET A 86 0.81 -1.90 -4.10
C MET A 86 1.75 -2.35 -5.21
N MET A 87 2.37 -3.51 -5.02
CA MET A 87 3.29 -4.05 -6.01
C MET A 87 2.63 -4.12 -7.38
N VAL A 88 1.39 -4.60 -7.42
CA VAL A 88 0.65 -4.72 -8.67
C VAL A 88 0.19 -3.35 -9.17
N PHE A 89 -0.21 -2.50 -8.24
CA PHE A 89 -0.68 -1.16 -8.58
C PHE A 89 0.37 -0.42 -9.41
N LEU A 90 1.58 -0.34 -8.88
CA LEU A 90 2.67 0.34 -9.58
C LEU A 90 3.08 -0.42 -10.84
N SER A 91 3.04 -1.75 -10.76
CA SER A 91 3.41 -2.59 -11.89
C SER A 91 2.56 -2.26 -13.12
N SER A 92 1.30 -1.91 -12.88
CA SER A 92 0.39 -1.57 -13.96
C SER A 92 0.79 -0.26 -14.62
N VAL A 93 1.36 0.64 -13.82
CA VAL A 93 1.80 1.94 -14.33
C VAL A 93 3.10 1.81 -15.11
N LEU A 94 4.00 0.96 -14.64
CA LEU A 94 5.28 0.75 -15.29
C LEU A 94 5.13 -0.14 -16.51
N GLU A 95 4.24 -1.12 -16.41
CA GLU A 95 4.00 -2.05 -17.52
C GLU A 95 3.26 -1.36 -18.65
N ASP A 96 2.50 -0.32 -18.31
CA ASP A 96 1.75 0.44 -19.30
C ASP A 96 2.16 1.91 -19.31
N MET A 1 21.16 3.06 -9.25
CA MET A 1 21.06 3.34 -10.67
C MET A 1 19.70 2.91 -11.23
N VAL A 2 19.08 1.94 -10.56
CA VAL A 2 17.78 1.44 -10.98
C VAL A 2 16.73 1.68 -9.90
N PHE A 3 15.55 2.13 -10.33
CA PHE A 3 14.46 2.40 -9.40
C PHE A 3 13.61 1.15 -9.17
N TYR A 4 14.28 0.05 -8.84
CA TYR A 4 13.61 -1.22 -8.60
C TYR A 4 13.31 -1.40 -7.11
N LEU A 5 12.91 -0.31 -6.46
CA LEU A 5 12.59 -0.35 -5.04
C LEU A 5 11.61 -1.48 -4.73
N LYS A 6 11.43 -1.75 -3.43
CA LYS A 6 10.52 -2.80 -3.00
C LYS A 6 9.48 -2.26 -2.02
N VAL A 7 8.23 -2.70 -2.18
CA VAL A 7 7.15 -2.26 -1.31
C VAL A 7 6.59 -3.41 -0.50
N LYS A 8 6.64 -3.28 0.83
CA LYS A 8 6.14 -4.31 1.72
C LYS A 8 5.32 -3.71 2.85
N VAL A 9 4.34 -4.47 3.34
CA VAL A 9 3.49 -4.00 4.43
C VAL A 9 4.26 -3.90 5.74
N GLU A 10 4.15 -2.76 6.39
CA GLU A 10 4.85 -2.53 7.66
C GLU A 10 3.92 -2.82 8.83
N ASP A 11 2.65 -2.41 8.70
CA ASP A 11 1.67 -2.63 9.76
C ASP A 11 0.27 -2.32 9.25
N PHE A 12 -0.54 -3.36 9.10
CA PHE A 12 -1.91 -3.20 8.62
C PHE A 12 -2.91 -3.56 9.72
N GLY A 13 -4.18 -3.26 9.47
CA GLY A 13 -5.22 -3.55 10.44
C GLY A 13 -6.61 -3.38 9.87
N PHE A 14 -7.59 -3.18 10.76
CA PHE A 14 -8.98 -3.00 10.34
C PHE A 14 -9.65 -1.90 11.15
N ARG A 15 -10.46 -1.09 10.48
CA ARG A 15 -11.17 0.00 11.14
C ARG A 15 -12.67 -0.25 11.14
N GLU A 16 -13.20 -0.76 12.24
CA GLU A 16 -14.62 -1.03 12.37
C GLU A 16 -15.43 0.25 12.43
N ASP A 17 -14.79 1.32 12.88
CA ASP A 17 -15.44 2.62 12.99
C ASP A 17 -15.95 3.10 11.63
N MET A 18 -15.31 2.61 10.57
CA MET A 18 -15.70 2.99 9.22
C MET A 18 -16.23 1.78 8.45
N GLY A 19 -15.80 0.58 8.87
CA GLY A 19 -16.25 -0.63 8.21
C GLY A 19 -15.33 -1.05 7.09
N LEU A 20 -14.10 -0.54 7.12
CA LEU A 20 -13.12 -0.87 6.09
C LEU A 20 -11.79 -1.27 6.72
N ASN A 21 -10.87 -1.78 5.89
CA ASN A 21 -9.56 -2.20 6.36
C ASN A 21 -8.46 -1.30 5.81
N TYR A 22 -7.41 -1.10 6.59
CA TYR A 22 -6.30 -0.26 6.17
C TYR A 22 -4.98 -1.01 6.27
N VAL A 23 -3.98 -0.55 5.52
CA VAL A 23 -2.67 -1.18 5.52
C VAL A 23 -1.56 -0.17 5.19
N ARG A 24 -0.48 -0.22 5.96
CA ARG A 24 0.64 0.70 5.75
C ARG A 24 1.74 0.02 4.94
N TYR A 25 2.18 0.68 3.88
CA TYR A 25 3.23 0.15 3.02
C TYR A 25 4.55 0.87 3.26
N ARG A 26 5.66 0.16 3.05
CA ARG A 26 6.98 0.74 3.24
C ARG A 26 7.68 0.96 1.90
N VAL A 27 7.90 2.22 1.55
CA VAL A 27 8.56 2.57 0.30
C VAL A 27 9.80 3.40 0.54
N SER A 28 10.95 2.89 0.09
CA SER A 28 12.22 3.59 0.27
C SER A 28 12.85 3.91 -1.09
N GLY A 29 13.34 5.14 -1.21
CA GLY A 29 13.97 5.56 -2.46
C GLY A 29 13.44 6.88 -2.97
N LEU A 30 12.12 7.05 -2.88
CA LEU A 30 11.48 8.28 -3.34
C LEU A 30 12.10 9.50 -2.68
N ASP A 31 11.69 10.68 -3.12
CA ASP A 31 12.21 11.93 -2.57
C ASP A 31 11.09 12.74 -1.93
N GLU A 32 11.47 13.77 -1.18
CA GLU A 32 10.50 14.63 -0.52
C GLU A 32 9.60 15.34 -1.53
N GLU A 33 10.22 15.82 -2.61
CA GLU A 33 9.47 16.52 -3.66
C GLU A 33 8.69 15.53 -4.51
N LEU A 34 9.34 14.44 -4.90
CA LEU A 34 8.68 13.41 -5.72
C LEU A 34 7.43 12.90 -5.05
N THR A 35 7.51 12.70 -3.74
CA THR A 35 6.36 12.20 -2.97
C THR A 35 5.12 13.04 -3.22
N GLU A 36 5.31 14.35 -3.30
CA GLU A 36 4.20 15.27 -3.54
C GLU A 36 3.52 14.96 -4.87
N LYS A 37 4.27 14.38 -5.80
CA LYS A 37 3.74 14.02 -7.11
C LYS A 37 2.78 12.84 -7.01
N LEU A 38 3.26 11.75 -6.42
CA LEU A 38 2.45 10.55 -6.26
C LEU A 38 1.27 10.81 -5.33
N ILE A 39 1.56 11.40 -4.17
CA ILE A 39 0.53 11.70 -3.20
C ILE A 39 -0.59 12.53 -3.82
N GLU A 40 -0.25 13.30 -4.84
CA GLU A 40 -1.23 14.14 -5.52
C GLU A 40 -2.08 13.31 -6.48
N ARG A 41 -1.53 12.20 -6.95
CA ARG A 41 -2.24 11.33 -7.88
C ARG A 41 -2.93 10.19 -7.12
N LEU A 42 -2.48 9.95 -5.89
CA LEU A 42 -3.06 8.90 -5.06
C LEU A 42 -3.98 9.47 -4.00
N ASP A 43 -3.78 10.75 -3.69
CA ASP A 43 -4.60 11.43 -2.68
C ASP A 43 -4.59 10.67 -1.37
N GLU A 44 -3.51 9.93 -1.13
CA GLU A 44 -3.37 9.16 0.09
C GLU A 44 -2.54 9.91 1.14
N ASP A 45 -2.26 9.26 2.25
CA ASP A 45 -1.49 9.87 3.33
C ASP A 45 -0.04 9.37 3.29
N THR A 46 0.86 10.21 2.78
CA THR A 46 2.27 9.86 2.69
C THR A 46 3.10 10.66 3.68
N GLU A 47 4.10 10.02 4.27
CA GLU A 47 4.97 10.68 5.23
C GLU A 47 6.34 10.02 5.27
N ARG A 48 7.38 10.83 5.42
CA ARG A 48 8.75 10.33 5.46
C ARG A 48 9.12 9.91 6.88
N ASP A 49 9.60 8.67 7.01
CA ASP A 49 10.00 8.14 8.31
C ASP A 49 11.30 7.35 8.20
N ASP A 50 12.40 7.99 8.58
CA ASP A 50 13.71 7.34 8.53
C ASP A 50 14.10 7.02 7.09
N GLY A 51 13.51 7.75 6.14
CA GLY A 51 13.81 7.52 4.75
C GLY A 51 12.72 6.72 4.05
N ASP A 52 11.91 6.02 4.83
CA ASP A 52 10.83 5.22 4.28
C ASP A 52 9.57 6.04 4.09
N LEU A 53 8.59 5.47 3.41
CA LEU A 53 7.33 6.17 3.15
C LEU A 53 6.14 5.33 3.61
N ILE A 54 5.23 5.94 4.35
CA ILE A 54 4.04 5.26 4.85
C ILE A 54 2.83 5.53 3.96
N ILE A 55 2.25 4.47 3.41
CA ILE A 55 1.09 4.60 2.54
C ILE A 55 -0.10 3.82 3.10
N THR A 56 -1.16 4.53 3.46
CA THR A 56 -2.35 3.91 4.00
C THR A 56 -3.54 4.06 3.05
N VAL A 57 -4.06 2.94 2.58
CA VAL A 57 -5.20 2.96 1.67
C VAL A 57 -6.29 2.00 2.13
N PHE A 58 -7.45 2.55 2.46
CA PHE A 58 -8.57 1.74 2.93
C PHE A 58 -9.78 1.93 2.02
N TYR A 59 -10.56 0.86 1.85
CA TYR A 59 -11.74 0.91 1.00
C TYR A 59 -12.87 0.06 1.60
N GLU A 60 -14.09 0.58 1.55
CA GLU A 60 -15.25 -0.13 2.07
C GLU A 60 -15.93 -0.93 0.98
N ARG A 61 -17.05 -1.55 1.33
CA ARG A 61 -17.81 -2.36 0.37
C ARG A 61 -17.94 -1.64 -0.97
N GLU A 62 -18.12 -0.32 -0.90
CA GLU A 62 -18.25 0.49 -2.11
C GLU A 62 -17.13 0.19 -3.11
N TYR A 63 -15.93 -0.02 -2.57
CA TYR A 63 -14.77 -0.31 -3.41
C TYR A 63 -14.20 -1.70 -3.09
N PHE A 64 -14.97 -2.49 -2.36
CA PHE A 64 -14.54 -3.83 -1.97
C PHE A 64 -13.32 -3.78 -1.06
N PRO A 65 -13.56 -3.97 0.25
CA PRO A 65 -12.48 -3.96 1.25
C PRO A 65 -11.56 -5.16 1.13
N PHE A 66 -10.32 -4.99 1.59
CA PHE A 66 -9.34 -6.07 1.55
C PHE A 66 -9.50 -7.01 2.74
N GLY A 67 -10.10 -8.17 2.49
CA GLY A 67 -10.31 -9.12 3.55
C GLY A 67 -10.71 -10.49 3.02
N SER A 68 -9.76 -11.21 2.45
CA SER A 68 -10.02 -12.53 1.90
C SER A 68 -9.00 -13.55 2.40
N GLU A 69 -8.50 -13.33 3.62
CA GLU A 69 -7.52 -14.22 4.21
C GLU A 69 -8.12 -15.59 4.48
N GLU A 70 -9.44 -15.65 4.59
CA GLU A 70 -10.14 -16.91 4.84
C GLU A 70 -9.77 -17.95 3.80
N SER A 71 -9.36 -17.48 2.62
CA SER A 71 -8.99 -18.38 1.54
C SER A 71 -7.69 -19.12 1.86
N LYS A 72 -6.63 -18.35 2.12
CA LYS A 72 -5.34 -18.93 2.44
C LYS A 72 -5.35 -19.54 3.85
N VAL A 73 -6.27 -19.06 4.68
CA VAL A 73 -6.39 -19.56 6.05
C VAL A 73 -5.16 -19.16 6.88
N LYS A 74 -4.76 -17.91 6.76
CA LYS A 74 -3.61 -17.40 7.50
C LYS A 74 -3.36 -15.93 7.19
N MET A 75 -2.51 -15.30 7.98
CA MET A 75 -2.19 -13.89 7.79
C MET A 75 -1.37 -13.69 6.51
N ALA A 76 -0.65 -14.73 6.11
CA ALA A 76 0.17 -14.67 4.90
C ALA A 76 -0.63 -14.14 3.72
N ASP A 77 -1.93 -14.40 3.73
CA ASP A 77 -2.80 -13.95 2.66
C ASP A 77 -2.86 -12.42 2.61
N PHE A 78 -2.94 -11.80 3.77
CA PHE A 78 -3.00 -10.34 3.85
C PHE A 78 -1.72 -9.71 3.31
N ILE A 79 -0.58 -10.17 3.82
CA ILE A 79 0.71 -9.65 3.40
C ILE A 79 0.98 -10.00 1.94
N ALA A 80 0.53 -11.17 1.52
CA ALA A 80 0.72 -11.63 0.14
C ALA A 80 -0.17 -10.83 -0.81
N ARG A 81 -1.39 -10.55 -0.39
CA ARG A 81 -2.34 -9.80 -1.22
C ARG A 81 -1.93 -8.33 -1.31
N GLU A 82 -1.42 -7.80 -0.20
CA GLU A 82 -1.00 -6.40 -0.15
C GLU A 82 0.32 -6.21 -0.91
N GLU A 83 1.30 -7.06 -0.61
CA GLU A 83 2.61 -6.98 -1.25
C GLU A 83 2.46 -6.98 -2.77
N ILE A 84 1.76 -8.00 -3.28
CA ILE A 84 1.55 -8.12 -4.72
C ILE A 84 0.68 -6.99 -5.25
N GLU A 85 -0.22 -6.49 -4.41
CA GLU A 85 -1.11 -5.41 -4.79
C GLU A 85 -0.32 -4.17 -5.19
N MET A 86 0.65 -3.81 -4.36
CA MET A 86 1.49 -2.64 -4.62
C MET A 86 2.53 -2.94 -5.69
N MET A 87 3.20 -4.08 -5.55
CA MET A 87 4.22 -4.49 -6.52
C MET A 87 3.64 -4.55 -7.93
N VAL A 88 2.45 -5.14 -8.05
CA VAL A 88 1.79 -5.25 -9.35
C VAL A 88 1.24 -3.91 -9.80
N PHE A 89 0.71 -3.13 -8.87
CA PHE A 89 0.14 -1.83 -9.17
C PHE A 89 1.21 -0.89 -9.72
N LEU A 90 2.29 -0.73 -8.96
CA LEU A 90 3.39 0.15 -9.36
C LEU A 90 4.01 -0.32 -10.67
N SER A 91 4.02 -1.64 -10.87
CA SER A 91 4.59 -2.22 -12.08
C SER A 91 3.73 -1.90 -13.29
N SER A 92 2.42 -1.95 -13.10
CA SER A 92 1.48 -1.66 -14.19
C SER A 92 1.53 -0.19 -14.59
N VAL A 93 1.82 0.67 -13.61
CA VAL A 93 1.91 2.11 -13.85
C VAL A 93 3.22 2.46 -14.54
N LEU A 94 4.29 1.80 -14.15
CA LEU A 94 5.61 2.05 -14.73
C LEU A 94 5.73 1.38 -16.09
N GLU A 95 5.15 0.20 -16.22
CA GLU A 95 5.19 -0.54 -17.48
C GLU A 95 4.32 0.12 -18.54
N ASP A 96 3.30 0.84 -18.09
CA ASP A 96 2.39 1.54 -19.00
C ASP A 96 1.97 2.89 -18.42
N MET A 1 14.24 4.56 -16.83
CA MET A 1 14.20 4.25 -15.40
C MET A 1 14.63 2.81 -15.15
N VAL A 2 15.85 2.64 -14.65
CA VAL A 2 16.38 1.32 -14.36
C VAL A 2 16.57 1.11 -12.86
N PHE A 3 15.63 1.63 -12.08
CA PHE A 3 15.69 1.50 -10.62
C PHE A 3 14.98 0.24 -10.15
N TYR A 4 15.12 -0.07 -8.87
CA TYR A 4 14.50 -1.25 -8.29
C TYR A 4 13.82 -0.91 -6.96
N LEU A 5 12.55 -0.53 -7.03
CA LEU A 5 11.79 -0.18 -5.83
C LEU A 5 11.02 -1.38 -5.31
N LYS A 6 10.92 -1.49 -3.99
CA LYS A 6 10.20 -2.58 -3.36
C LYS A 6 9.13 -2.07 -2.40
N VAL A 7 7.95 -2.67 -2.46
CA VAL A 7 6.85 -2.28 -1.60
C VAL A 7 6.37 -3.44 -0.75
N LYS A 8 6.43 -3.26 0.57
CA LYS A 8 6.00 -4.30 1.50
C LYS A 8 5.17 -3.70 2.64
N VAL A 9 4.28 -4.51 3.21
CA VAL A 9 3.43 -4.06 4.31
C VAL A 9 4.25 -3.85 5.58
N GLU A 10 4.00 -2.72 6.25
CA GLU A 10 4.72 -2.41 7.48
C GLU A 10 3.82 -2.63 8.70
N ASP A 11 2.56 -2.24 8.57
CA ASP A 11 1.59 -2.38 9.66
C ASP A 11 0.17 -2.17 9.15
N PHE A 12 -0.56 -3.25 8.98
CA PHE A 12 -1.94 -3.18 8.50
C PHE A 12 -2.92 -3.49 9.62
N GLY A 13 -4.19 -3.18 9.39
CA GLY A 13 -5.22 -3.42 10.39
C GLY A 13 -6.62 -3.23 9.86
N PHE A 14 -7.59 -3.14 10.76
CA PHE A 14 -8.98 -2.95 10.37
C PHE A 14 -9.68 -1.96 11.29
N ARG A 15 -10.46 -1.06 10.71
CA ARG A 15 -11.18 -0.06 11.48
C ARG A 15 -12.64 -0.46 11.66
N GLU A 16 -13.01 -0.77 12.90
CA GLU A 16 -14.39 -1.18 13.20
C GLU A 16 -15.33 0.02 13.13
N ASP A 17 -14.79 1.21 13.32
CA ASP A 17 -15.59 2.43 13.27
C ASP A 17 -15.84 2.84 11.82
N MET A 18 -15.03 2.35 10.90
CA MET A 18 -15.17 2.66 9.49
C MET A 18 -15.76 1.47 8.73
N GLY A 19 -15.61 0.28 9.29
CA GLY A 19 -16.14 -0.92 8.65
C GLY A 19 -15.37 -1.28 7.39
N LEU A 20 -14.11 -0.86 7.33
CA LEU A 20 -13.27 -1.15 6.16
C LEU A 20 -11.89 -1.61 6.60
N ASN A 21 -11.11 -2.10 5.64
CA ASN A 21 -9.76 -2.58 5.92
C ASN A 21 -8.71 -1.57 5.47
N TYR A 22 -7.62 -1.47 6.22
CA TYR A 22 -6.55 -0.54 5.89
C TYR A 22 -5.19 -1.21 6.04
N VAL A 23 -4.20 -0.70 5.31
CA VAL A 23 -2.85 -1.25 5.36
C VAL A 23 -1.81 -0.19 5.04
N ARG A 24 -0.68 -0.24 5.72
CA ARG A 24 0.40 0.73 5.51
C ARG A 24 1.53 0.09 4.71
N TYR A 25 1.96 0.78 3.65
CA TYR A 25 3.04 0.29 2.81
C TYR A 25 4.33 1.06 3.08
N ARG A 26 5.45 0.34 3.06
CA ARG A 26 6.75 0.94 3.31
C ARG A 26 7.58 0.99 2.03
N VAL A 27 7.79 2.20 1.52
CA VAL A 27 8.57 2.39 0.29
C VAL A 27 9.75 3.32 0.52
N SER A 28 10.91 2.94 0.01
CA SER A 28 12.11 3.74 0.17
C SER A 28 12.77 4.00 -1.18
N GLY A 29 13.19 5.24 -1.41
CA GLY A 29 13.82 5.61 -2.66
C GLY A 29 13.32 6.93 -3.21
N LEU A 30 12.32 7.50 -2.54
CA LEU A 30 11.74 8.77 -2.97
C LEU A 30 12.25 9.91 -2.11
N ASP A 31 11.97 11.14 -2.54
CA ASP A 31 12.39 12.33 -1.80
C ASP A 31 11.21 13.24 -1.50
N GLU A 32 11.46 14.28 -0.72
CA GLU A 32 10.40 15.23 -0.35
C GLU A 32 9.74 15.81 -1.59
N GLU A 33 10.52 15.96 -2.66
CA GLU A 33 10.00 16.50 -3.91
C GLU A 33 9.14 15.48 -4.64
N LEU A 34 9.67 14.27 -4.81
CA LEU A 34 8.95 13.20 -5.49
C LEU A 34 7.69 12.82 -4.72
N THR A 35 7.78 12.88 -3.39
CA THR A 35 6.64 12.55 -2.54
C THR A 35 5.39 13.33 -2.95
N GLU A 36 5.58 14.60 -3.30
CA GLU A 36 4.48 15.46 -3.71
C GLU A 36 3.79 14.90 -4.96
N LYS A 37 4.54 14.12 -5.74
CA LYS A 37 4.02 13.53 -6.96
C LYS A 37 3.09 12.36 -6.64
N LEU A 38 3.59 11.41 -5.86
CA LEU A 38 2.80 10.25 -5.48
C LEU A 38 1.61 10.65 -4.61
N ILE A 39 1.87 11.48 -3.60
CA ILE A 39 0.82 11.94 -2.71
C ILE A 39 -0.33 12.57 -3.49
N GLU A 40 -0.02 13.11 -4.66
CA GLU A 40 -1.03 13.74 -5.50
C GLU A 40 -1.84 12.70 -6.25
N ARG A 41 -1.15 11.74 -6.86
CA ARG A 41 -1.81 10.67 -7.60
C ARG A 41 -2.45 9.66 -6.67
N LEU A 42 -2.06 9.70 -5.40
CA LEU A 42 -2.60 8.79 -4.40
C LEU A 42 -3.68 9.47 -3.56
N ASP A 43 -3.44 10.73 -3.20
CA ASP A 43 -4.40 11.49 -2.41
C ASP A 43 -4.60 10.85 -1.04
N GLU A 44 -3.62 10.08 -0.60
CA GLU A 44 -3.69 9.41 0.69
C GLU A 44 -2.78 10.09 1.71
N ASP A 45 -2.76 9.55 2.92
CA ASP A 45 -1.93 10.10 3.99
C ASP A 45 -0.48 9.64 3.85
N THR A 46 0.40 10.57 3.51
CA THR A 46 1.81 10.26 3.33
C THR A 46 2.65 10.86 4.46
N GLU A 47 3.82 10.27 4.70
CA GLU A 47 4.71 10.75 5.75
C GLU A 47 6.12 10.22 5.54
N ARG A 48 7.12 11.07 5.82
CA ARG A 48 8.51 10.69 5.67
C ARG A 48 9.13 10.33 7.01
N ASP A 49 9.53 9.07 7.15
CA ASP A 49 10.14 8.60 8.40
C ASP A 49 11.36 7.74 8.10
N ASP A 50 12.53 8.21 8.52
CA ASP A 50 13.78 7.48 8.31
C ASP A 50 13.99 7.19 6.82
N GLY A 51 13.40 8.03 5.98
CA GLY A 51 13.53 7.86 4.55
C GLY A 51 12.41 7.03 3.95
N ASP A 52 11.68 6.33 4.80
CA ASP A 52 10.57 5.49 4.36
C ASP A 52 9.29 6.29 4.24
N LEU A 53 8.41 5.87 3.34
CA LEU A 53 7.14 6.55 3.12
C LEU A 53 5.97 5.67 3.50
N ILE A 54 5.09 6.18 4.35
CA ILE A 54 3.92 5.42 4.80
C ILE A 54 2.68 5.82 3.99
N ILE A 55 1.93 4.83 3.54
CA ILE A 55 0.72 5.06 2.77
C ILE A 55 -0.42 4.18 3.25
N THR A 56 -1.51 4.80 3.69
CA THR A 56 -2.68 4.07 4.18
C THR A 56 -3.86 4.25 3.24
N VAL A 57 -4.38 3.13 2.75
CA VAL A 57 -5.52 3.16 1.84
C VAL A 57 -6.62 2.20 2.30
N PHE A 58 -7.77 2.76 2.64
CA PHE A 58 -8.91 1.95 3.10
C PHE A 58 -10.11 2.15 2.19
N TYR A 59 -10.89 1.08 2.02
CA TYR A 59 -12.08 1.13 1.17
C TYR A 59 -13.18 0.22 1.71
N GLU A 60 -14.42 0.69 1.65
CA GLU A 60 -15.55 -0.08 2.13
C GLU A 60 -16.18 -0.89 1.00
N ARG A 61 -17.25 -1.61 1.33
CA ARG A 61 -17.95 -2.43 0.33
C ARG A 61 -18.17 -1.65 -0.96
N GLU A 62 -18.39 -0.34 -0.83
CA GLU A 62 -18.61 0.51 -1.98
C GLU A 62 -17.49 0.35 -3.01
N TYR A 63 -16.28 0.18 -2.50
CA TYR A 63 -15.10 0.01 -3.37
C TYR A 63 -14.42 -1.33 -3.12
N PHE A 64 -15.11 -2.20 -2.40
CA PHE A 64 -14.57 -3.52 -2.08
C PHE A 64 -13.38 -3.41 -1.15
N PRO A 65 -13.60 -3.71 0.13
CA PRO A 65 -12.56 -3.64 1.17
C PRO A 65 -11.51 -4.74 0.99
N PHE A 66 -10.31 -4.51 1.52
CA PHE A 66 -9.23 -5.47 1.42
C PHE A 66 -9.35 -6.55 2.50
N GLY A 67 -9.83 -7.72 2.09
CA GLY A 67 -9.99 -8.82 3.04
C GLY A 67 -10.35 -10.11 2.36
N SER A 68 -9.51 -11.13 2.54
CA SER A 68 -9.74 -12.44 1.94
C SER A 68 -8.76 -13.47 2.48
N GLU A 69 -8.34 -13.28 3.72
CA GLU A 69 -7.40 -14.20 4.36
C GLU A 69 -8.05 -15.56 4.58
N GLU A 70 -9.37 -15.59 4.62
CA GLU A 70 -10.10 -16.83 4.83
C GLU A 70 -9.69 -17.88 3.79
N SER A 71 -9.19 -17.42 2.64
CA SER A 71 -8.76 -18.31 1.58
C SER A 71 -7.52 -19.09 1.99
N LYS A 72 -6.45 -18.37 2.29
CA LYS A 72 -5.19 -19.00 2.70
C LYS A 72 -5.30 -19.54 4.12
N VAL A 73 -6.25 -19.01 4.89
CA VAL A 73 -6.45 -19.45 6.26
C VAL A 73 -5.31 -18.99 7.16
N LYS A 74 -4.65 -17.92 6.75
CA LYS A 74 -3.53 -17.37 7.52
C LYS A 74 -3.29 -15.90 7.16
N MET A 75 -2.42 -15.25 7.92
CA MET A 75 -2.10 -13.85 7.68
C MET A 75 -1.29 -13.68 6.40
N ALA A 76 -0.60 -14.75 6.00
CA ALA A 76 0.21 -14.72 4.79
C ALA A 76 -0.58 -14.17 3.61
N ASP A 77 -1.89 -14.38 3.62
CA ASP A 77 -2.75 -13.90 2.56
C ASP A 77 -2.78 -12.37 2.52
N PHE A 78 -2.79 -11.76 3.70
CA PHE A 78 -2.80 -10.30 3.80
C PHE A 78 -1.52 -9.70 3.25
N ILE A 79 -0.38 -10.19 3.75
CA ILE A 79 0.92 -9.70 3.33
C ILE A 79 1.18 -10.05 1.86
N ALA A 80 0.70 -11.22 1.44
CA ALA A 80 0.87 -11.67 0.07
C ALA A 80 0.01 -10.86 -0.89
N ARG A 81 -1.26 -10.69 -0.53
CA ARG A 81 -2.20 -9.94 -1.36
C ARG A 81 -1.86 -8.46 -1.35
N GLU A 82 -1.43 -7.95 -0.19
CA GLU A 82 -1.08 -6.55 -0.05
C GLU A 82 0.21 -6.23 -0.81
N GLU A 83 1.14 -7.18 -0.80
CA GLU A 83 2.42 -7.01 -1.48
C GLU A 83 2.24 -7.08 -3.00
N ILE A 84 1.62 -8.15 -3.46
CA ILE A 84 1.38 -8.35 -4.89
C ILE A 84 0.48 -7.24 -5.44
N GLU A 85 -0.43 -6.75 -4.60
CA GLU A 85 -1.34 -5.69 -5.01
C GLU A 85 -0.59 -4.44 -5.45
N MET A 86 0.36 -4.02 -4.61
CA MET A 86 1.15 -2.83 -4.91
C MET A 86 2.21 -3.13 -5.98
N MET A 87 2.92 -4.25 -5.80
CA MET A 87 3.95 -4.66 -6.75
C MET A 87 3.38 -4.77 -8.16
N VAL A 88 2.23 -5.42 -8.28
CA VAL A 88 1.58 -5.59 -9.57
C VAL A 88 0.98 -4.29 -10.07
N PHE A 89 0.42 -3.51 -9.14
CA PHE A 89 -0.19 -2.23 -9.49
C PHE A 89 0.83 -1.30 -10.14
N LEU A 90 1.94 -1.07 -9.46
CA LEU A 90 2.98 -0.20 -9.96
C LEU A 90 3.63 -0.79 -11.21
N SER A 91 3.74 -2.13 -11.24
CA SER A 91 4.33 -2.81 -12.38
C SER A 91 3.67 -2.39 -13.68
N SER A 92 2.36 -2.15 -13.62
CA SER A 92 1.60 -1.75 -14.80
C SER A 92 1.98 -0.34 -15.23
N VAL A 93 2.35 0.49 -14.27
CA VAL A 93 2.74 1.86 -14.55
C VAL A 93 4.19 1.93 -15.02
N LEU A 94 5.03 1.09 -14.44
CA LEU A 94 6.45 1.05 -14.80
C LEU A 94 6.66 0.32 -16.13
N GLU A 95 5.88 -0.73 -16.36
CA GLU A 95 5.98 -1.50 -17.59
C GLU A 95 5.59 -0.67 -18.79
N ASP A 96 4.75 0.34 -18.56
CA ASP A 96 4.29 1.22 -19.63
C ASP A 96 4.96 2.59 -19.52
N MET A 1 20.93 -3.22 -16.25
CA MET A 1 21.74 -2.74 -15.13
C MET A 1 21.04 -1.59 -14.41
N VAL A 2 19.75 -1.76 -14.14
CA VAL A 2 18.98 -0.73 -13.45
C VAL A 2 18.34 -1.28 -12.18
N PHE A 3 18.26 -0.44 -11.16
CA PHE A 3 17.67 -0.83 -9.89
C PHE A 3 16.14 -0.83 -9.97
N TYR A 4 15.51 -1.17 -8.85
CA TYR A 4 14.04 -1.20 -8.80
C TYR A 4 13.55 -0.90 -7.39
N LEU A 5 12.28 -0.50 -7.29
CA LEU A 5 11.68 -0.18 -6.00
C LEU A 5 10.94 -1.38 -5.43
N LYS A 6 10.99 -1.52 -4.11
CA LYS A 6 10.32 -2.63 -3.43
C LYS A 6 9.38 -2.12 -2.35
N VAL A 7 8.14 -2.60 -2.37
CA VAL A 7 7.14 -2.19 -1.39
C VAL A 7 6.70 -3.37 -0.53
N LYS A 8 6.75 -3.19 0.78
CA LYS A 8 6.36 -4.23 1.72
C LYS A 8 5.49 -3.67 2.83
N VAL A 9 4.67 -4.52 3.44
CA VAL A 9 3.79 -4.10 4.52
C VAL A 9 4.59 -3.80 5.79
N GLU A 10 4.35 -2.64 6.38
CA GLU A 10 5.05 -2.23 7.59
C GLU A 10 4.09 -2.22 8.79
N ASP A 11 2.80 -2.11 8.50
CA ASP A 11 1.79 -2.08 9.55
C ASP A 11 0.39 -2.16 8.95
N PHE A 12 -0.29 -3.28 9.16
CA PHE A 12 -1.64 -3.47 8.65
C PHE A 12 -2.66 -3.39 9.77
N GLY A 13 -3.91 -3.10 9.40
CA GLY A 13 -4.97 -2.99 10.39
C GLY A 13 -6.33 -2.77 9.75
N PHE A 14 -7.39 -3.08 10.50
CA PHE A 14 -8.75 -2.92 10.01
C PHE A 14 -9.55 -2.01 10.93
N ARG A 15 -10.36 -1.14 10.33
CA ARG A 15 -11.19 -0.22 11.10
C ARG A 15 -12.66 -0.58 11.00
N GLU A 16 -13.22 -1.06 12.11
CA GLU A 16 -14.62 -1.45 12.15
C GLU A 16 -15.53 -0.23 12.07
N ASP A 17 -15.02 0.92 12.51
CA ASP A 17 -15.79 2.15 12.49
C ASP A 17 -16.02 2.62 11.05
N MET A 18 -15.13 2.24 10.16
CA MET A 18 -15.25 2.61 8.75
C MET A 18 -15.81 1.47 7.93
N GLY A 19 -15.41 0.25 8.26
CA GLY A 19 -15.89 -0.91 7.53
C GLY A 19 -14.95 -1.32 6.41
N LEU A 20 -13.73 -0.82 6.45
CA LEU A 20 -12.73 -1.13 5.43
C LEU A 20 -11.39 -1.48 6.06
N ASN A 21 -10.53 -2.13 5.28
CA ASN A 21 -9.20 -2.52 5.76
C ASN A 21 -8.13 -1.57 5.24
N TYR A 22 -7.10 -1.35 6.04
CA TYR A 22 -6.01 -0.46 5.66
C TYR A 22 -4.66 -1.11 5.94
N VAL A 23 -3.63 -0.66 5.22
CA VAL A 23 -2.29 -1.20 5.40
C VAL A 23 -1.23 -0.16 5.04
N ARG A 24 -0.14 -0.14 5.80
CA ARG A 24 0.94 0.82 5.56
C ARG A 24 2.08 0.16 4.78
N TYR A 25 2.49 0.79 3.70
CA TYR A 25 3.56 0.26 2.87
C TYR A 25 4.86 1.04 3.09
N ARG A 26 5.98 0.35 3.00
CA ARG A 26 7.29 0.98 3.18
C ARG A 26 8.04 1.09 1.86
N VAL A 27 8.24 2.32 1.41
CA VAL A 27 8.94 2.58 0.15
C VAL A 27 10.16 3.47 0.37
N SER A 28 11.31 3.01 -0.11
CA SER A 28 12.55 3.77 0.04
C SER A 28 13.11 4.17 -1.32
N GLY A 29 13.54 5.42 -1.42
CA GLY A 29 14.09 5.92 -2.67
C GLY A 29 13.49 7.26 -3.08
N LEU A 30 12.20 7.44 -2.79
CA LEU A 30 11.51 8.68 -3.13
C LEU A 30 12.24 9.88 -2.53
N ASP A 31 11.73 11.07 -2.83
CA ASP A 31 12.32 12.31 -2.32
C ASP A 31 11.28 13.14 -1.58
N GLU A 32 11.76 14.12 -0.81
CA GLU A 32 10.87 15.00 -0.05
C GLU A 32 9.87 15.69 -0.96
N GLU A 33 10.37 16.22 -2.08
CA GLU A 33 9.52 16.91 -3.05
C GLU A 33 8.72 15.91 -3.88
N LEU A 34 9.37 14.83 -4.27
CA LEU A 34 8.72 13.80 -5.08
C LEU A 34 7.46 13.27 -4.38
N THR A 35 7.55 13.09 -3.06
CA THR A 35 6.43 12.60 -2.28
C THR A 35 5.18 13.43 -2.53
N GLU A 36 5.35 14.74 -2.64
CA GLU A 36 4.23 15.64 -2.88
C GLU A 36 3.54 15.31 -4.20
N LYS A 37 4.29 14.72 -5.12
CA LYS A 37 3.75 14.34 -6.42
C LYS A 37 2.82 13.15 -6.30
N LEU A 38 3.33 12.06 -5.71
CA LEU A 38 2.55 10.85 -5.54
C LEU A 38 1.36 11.10 -4.60
N ILE A 39 1.64 11.71 -3.46
CA ILE A 39 0.61 12.01 -2.48
C ILE A 39 -0.53 12.79 -3.10
N GLU A 40 -0.21 13.57 -4.14
CA GLU A 40 -1.21 14.38 -4.82
C GLU A 40 -2.04 13.52 -5.78
N ARG A 41 -1.36 12.70 -6.58
CA ARG A 41 -2.03 11.84 -7.54
C ARG A 41 -2.86 10.78 -6.82
N LEU A 42 -2.27 10.16 -5.80
CA LEU A 42 -2.97 9.12 -5.03
C LEU A 42 -3.90 9.75 -4.00
N ASP A 43 -3.56 10.96 -3.56
CA ASP A 43 -4.38 11.66 -2.57
C ASP A 43 -4.42 10.90 -1.25
N GLU A 44 -3.44 10.03 -1.05
CA GLU A 44 -3.36 9.24 0.17
C GLU A 44 -2.55 9.97 1.24
N ASP A 45 -2.22 9.26 2.32
CA ASP A 45 -1.45 9.84 3.41
C ASP A 45 0.01 9.39 3.34
N THR A 46 0.87 10.27 2.84
CA THR A 46 2.29 9.97 2.72
C THR A 46 3.12 10.77 3.72
N GLU A 47 4.18 10.17 4.23
CA GLU A 47 5.05 10.82 5.20
C GLU A 47 6.41 10.15 5.26
N ARG A 48 7.41 10.88 5.76
CA ARG A 48 8.76 10.34 5.87
C ARG A 48 8.94 9.59 7.18
N ASP A 49 9.63 8.45 7.12
CA ASP A 49 9.87 7.63 8.30
C ASP A 49 11.20 6.91 8.19
N ASP A 50 12.22 7.46 8.84
CA ASP A 50 13.56 6.88 8.81
C ASP A 50 14.09 6.77 7.38
N GLY A 51 13.56 7.62 6.50
CA GLY A 51 13.99 7.61 5.12
C GLY A 51 12.96 6.99 4.19
N ASP A 52 12.15 6.08 4.74
CA ASP A 52 11.13 5.41 3.96
C ASP A 52 9.83 6.23 3.94
N LEU A 53 8.90 5.82 3.10
CA LEU A 53 7.62 6.51 2.98
C LEU A 53 6.46 5.60 3.34
N ILE A 54 5.47 6.15 4.04
CA ILE A 54 4.31 5.37 4.44
C ILE A 54 3.13 5.59 3.49
N ILE A 55 2.42 4.52 3.18
CA ILE A 55 1.28 4.61 2.27
C ILE A 55 0.11 3.80 2.81
N THR A 56 -0.99 4.50 3.13
CA THR A 56 -2.18 3.84 3.66
C THR A 56 -3.34 3.94 2.67
N VAL A 57 -3.81 2.80 2.19
CA VAL A 57 -4.91 2.76 1.25
C VAL A 57 -5.98 1.77 1.69
N PHE A 58 -7.17 2.28 1.99
CA PHE A 58 -8.28 1.43 2.42
C PHE A 58 -9.48 1.58 1.49
N TYR A 59 -10.21 0.49 1.30
CA TYR A 59 -11.37 0.50 0.43
C TYR A 59 -12.47 -0.40 0.98
N GLU A 60 -13.71 0.08 0.94
CA GLU A 60 -14.85 -0.68 1.43
C GLU A 60 -15.52 -1.46 0.30
N ARG A 61 -16.63 -2.12 0.62
CA ARG A 61 -17.36 -2.90 -0.37
C ARG A 61 -17.51 -2.13 -1.67
N GLU A 62 -17.71 -0.82 -1.56
CA GLU A 62 -17.87 0.02 -2.73
C GLU A 62 -16.74 -0.20 -3.72
N TYR A 63 -15.53 -0.39 -3.20
CA TYR A 63 -14.36 -0.62 -4.04
C TYR A 63 -13.77 -2.00 -3.79
N PHE A 64 -14.53 -2.85 -3.10
CA PHE A 64 -14.09 -4.20 -2.79
C PHE A 64 -12.85 -4.18 -1.89
N PRO A 65 -13.08 -4.42 -0.59
CA PRO A 65 -12.00 -4.44 0.42
C PRO A 65 -11.08 -5.63 0.25
N PHE A 66 -9.81 -5.45 0.61
CA PHE A 66 -8.81 -6.51 0.51
C PHE A 66 -8.87 -7.44 1.71
N GLY A 67 -8.84 -8.73 1.46
CA GLY A 67 -8.89 -9.71 2.53
C GLY A 67 -8.49 -11.11 2.07
N SER A 68 -9.48 -11.90 1.68
CA SER A 68 -9.22 -13.26 1.23
C SER A 68 -8.65 -14.12 2.36
N GLU A 69 -8.78 -13.62 3.58
CA GLU A 69 -8.29 -14.35 4.75
C GLU A 69 -9.07 -15.63 4.98
N GLU A 70 -10.29 -15.67 4.44
CA GLU A 70 -11.14 -16.85 4.59
C GLU A 70 -10.58 -18.03 3.79
N SER A 71 -9.79 -17.73 2.76
CA SER A 71 -9.21 -18.76 1.92
C SER A 71 -7.86 -19.21 2.48
N LYS A 72 -6.95 -18.25 2.65
CA LYS A 72 -5.63 -18.55 3.17
C LYS A 72 -5.69 -18.89 4.66
N VAL A 73 -6.78 -18.50 5.30
CA VAL A 73 -6.97 -18.77 6.72
C VAL A 73 -5.68 -18.54 7.50
N LYS A 74 -4.92 -17.53 7.09
CA LYS A 74 -3.67 -17.20 7.76
C LYS A 74 -3.28 -15.75 7.49
N MET A 75 -2.52 -15.17 8.41
CA MET A 75 -2.08 -13.78 8.29
C MET A 75 -1.37 -13.57 6.95
N ALA A 76 -0.78 -14.63 6.43
CA ALA A 76 -0.06 -14.56 5.16
C ALA A 76 -0.93 -13.92 4.08
N ASP A 77 -2.24 -14.09 4.19
CA ASP A 77 -3.17 -13.52 3.23
C ASP A 77 -3.10 -11.99 3.24
N PHE A 78 -2.89 -11.41 4.42
CA PHE A 78 -2.81 -9.97 4.56
C PHE A 78 -1.54 -9.44 3.91
N ILE A 79 -0.40 -9.99 4.32
CA ILE A 79 0.89 -9.56 3.78
C ILE A 79 0.99 -9.89 2.29
N ALA A 80 0.40 -11.00 1.88
CA ALA A 80 0.42 -11.41 0.48
C ALA A 80 -0.49 -10.53 -0.36
N ARG A 81 -1.72 -10.33 0.11
CA ARG A 81 -2.68 -9.50 -0.61
C ARG A 81 -2.26 -8.04 -0.60
N GLU A 82 -1.63 -7.62 0.49
CA GLU A 82 -1.17 -6.23 0.63
C GLU A 82 0.05 -5.98 -0.24
N GLU A 83 1.04 -6.87 -0.14
CA GLU A 83 2.27 -6.74 -0.92
C GLU A 83 1.97 -6.72 -2.42
N ILE A 84 1.23 -7.73 -2.88
CA ILE A 84 0.87 -7.83 -4.29
C ILE A 84 0.00 -6.65 -4.72
N GLU A 85 -0.80 -6.15 -3.78
CA GLU A 85 -1.69 -5.03 -4.07
C GLU A 85 -0.89 -3.78 -4.46
N MET A 86 0.18 -3.52 -3.72
CA MET A 86 1.04 -2.37 -4.00
C MET A 86 1.95 -2.63 -5.19
N MET A 87 2.58 -3.81 -5.19
CA MET A 87 3.48 -4.19 -6.28
C MET A 87 2.75 -4.19 -7.62
N VAL A 88 1.57 -4.80 -7.64
CA VAL A 88 0.78 -4.86 -8.86
C VAL A 88 0.21 -3.50 -9.23
N PHE A 89 -0.19 -2.74 -8.22
CA PHE A 89 -0.74 -1.40 -8.42
C PHE A 89 0.23 -0.53 -9.23
N LEU A 90 1.45 -0.42 -8.74
CA LEU A 90 2.47 0.38 -9.40
C LEU A 90 2.87 -0.24 -10.74
N SER A 91 2.86 -1.58 -10.79
CA SER A 91 3.22 -2.30 -11.99
C SER A 91 2.20 -2.06 -13.10
N SER A 92 0.95 -1.86 -12.70
CA SER A 92 -0.14 -1.63 -13.65
C SER A 92 0.03 -0.28 -14.34
N VAL A 93 0.60 0.69 -13.62
CA VAL A 93 0.81 2.02 -14.15
C VAL A 93 2.07 2.07 -15.00
N LEU A 94 3.09 1.33 -14.59
CA LEU A 94 4.36 1.29 -15.32
C LEU A 94 4.24 0.41 -16.57
N GLU A 95 3.48 -0.68 -16.45
CA GLU A 95 3.29 -1.59 -17.56
C GLU A 95 2.52 -0.92 -18.70
N ASP A 96 1.65 0.01 -18.35
CA ASP A 96 0.85 0.73 -19.33
C ASP A 96 0.22 1.97 -18.72
N MET A 1 20.78 5.14 -14.31
CA MET A 1 19.55 5.82 -13.91
C MET A 1 18.43 4.81 -13.72
N VAL A 2 18.77 3.61 -13.26
CA VAL A 2 17.78 2.57 -13.04
C VAL A 2 17.47 2.41 -11.55
N PHE A 3 16.18 2.38 -11.22
CA PHE A 3 15.75 2.24 -9.84
C PHE A 3 14.80 1.06 -9.69
N TYR A 4 14.91 0.36 -8.56
CA TYR A 4 14.07 -0.80 -8.30
C TYR A 4 13.60 -0.80 -6.84
N LEU A 5 12.53 -0.05 -6.57
CA LEU A 5 11.98 0.04 -5.23
C LEU A 5 10.90 -1.01 -5.01
N LYS A 6 10.78 -1.49 -3.78
CA LYS A 6 9.79 -2.50 -3.43
C LYS A 6 8.91 -2.04 -2.28
N VAL A 7 7.64 -2.45 -2.30
CA VAL A 7 6.70 -2.08 -1.25
C VAL A 7 6.29 -3.29 -0.43
N LYS A 8 6.37 -3.16 0.89
CA LYS A 8 6.01 -4.25 1.79
C LYS A 8 5.18 -3.72 2.96
N VAL A 9 4.36 -4.60 3.53
CA VAL A 9 3.51 -4.24 4.66
C VAL A 9 4.33 -4.10 5.94
N GLU A 10 4.16 -2.96 6.62
CA GLU A 10 4.89 -2.71 7.86
C GLU A 10 3.93 -2.66 9.05
N ASP A 11 2.71 -2.21 8.79
CA ASP A 11 1.70 -2.13 9.85
C ASP A 11 0.30 -2.13 9.25
N PHE A 12 -0.45 -3.20 9.52
CA PHE A 12 -1.81 -3.34 9.01
C PHE A 12 -2.83 -3.13 10.13
N GLY A 13 -4.06 -2.80 9.74
CA GLY A 13 -5.11 -2.58 10.72
C GLY A 13 -6.49 -2.54 10.09
N PHE A 14 -7.50 -2.21 10.89
CA PHE A 14 -8.87 -2.14 10.40
C PHE A 14 -9.59 -0.92 10.99
N ARG A 15 -10.39 -0.27 10.15
CA ARG A 15 -11.13 0.91 10.58
C ARG A 15 -12.61 0.57 10.78
N GLU A 16 -13.01 0.37 12.03
CA GLU A 16 -14.39 0.04 12.36
C GLU A 16 -15.30 1.25 12.16
N ASP A 17 -14.74 2.43 12.36
CA ASP A 17 -15.49 3.67 12.19
C ASP A 17 -15.95 3.85 10.75
N MET A 18 -15.25 3.22 9.83
CA MET A 18 -15.58 3.31 8.41
C MET A 18 -16.19 2.00 7.92
N GLY A 19 -15.44 0.91 8.09
CA GLY A 19 -15.92 -0.39 7.65
C GLY A 19 -15.01 -1.04 6.63
N LEU A 20 -13.76 -0.58 6.59
CA LEU A 20 -12.78 -1.11 5.64
C LEU A 20 -11.45 -1.39 6.35
N ASN A 21 -10.54 -2.06 5.64
CA ASN A 21 -9.23 -2.38 6.19
C ASN A 21 -8.15 -1.52 5.56
N TYR A 22 -7.13 -1.19 6.35
CA TYR A 22 -6.03 -0.37 5.87
C TYR A 22 -4.68 -1.00 6.21
N VAL A 23 -3.65 -0.61 5.46
CA VAL A 23 -2.31 -1.15 5.67
C VAL A 23 -1.25 -0.13 5.27
N ARG A 24 -0.19 -0.05 6.07
CA ARG A 24 0.90 0.89 5.80
C ARG A 24 2.06 0.18 5.10
N TYR A 25 2.51 0.75 3.98
CA TYR A 25 3.61 0.18 3.23
C TYR A 25 4.90 0.97 3.45
N ARG A 26 6.02 0.27 3.42
CA ARG A 26 7.32 0.90 3.62
C ARG A 26 8.11 0.94 2.32
N VAL A 27 8.32 2.14 1.79
CA VAL A 27 9.07 2.30 0.54
C VAL A 27 10.27 3.22 0.75
N SER A 28 11.45 2.73 0.38
CA SER A 28 12.68 3.49 0.53
C SER A 28 13.28 3.82 -0.84
N GLY A 29 13.73 5.06 -1.00
CA GLY A 29 14.31 5.48 -2.26
C GLY A 29 13.73 6.78 -2.76
N LEU A 30 12.45 7.01 -2.50
CA LEU A 30 11.78 8.23 -2.93
C LEU A 30 12.44 9.46 -2.33
N ASP A 31 11.94 10.64 -2.69
CA ASP A 31 12.48 11.89 -2.17
C ASP A 31 11.38 12.74 -1.54
N GLU A 32 11.78 13.73 -0.76
CA GLU A 32 10.83 14.61 -0.09
C GLU A 32 9.90 15.28 -1.11
N GLU A 33 10.49 15.77 -2.20
CA GLU A 33 9.71 16.43 -3.24
C GLU A 33 8.97 15.41 -4.10
N LEU A 34 9.66 14.31 -4.42
CA LEU A 34 9.06 13.26 -5.24
C LEU A 34 7.78 12.74 -4.61
N THR A 35 7.77 12.61 -3.29
CA THR A 35 6.61 12.13 -2.57
C THR A 35 5.36 12.93 -2.94
N GLU A 36 5.54 14.24 -3.07
CA GLU A 36 4.42 15.11 -3.42
C GLU A 36 3.83 14.74 -4.76
N LYS A 37 4.65 14.13 -5.63
CA LYS A 37 4.21 13.71 -6.95
C LYS A 37 3.27 12.51 -6.86
N LEU A 38 3.73 11.46 -6.19
CA LEU A 38 2.94 10.24 -6.02
C LEU A 38 1.70 10.52 -5.18
N ILE A 39 1.90 11.16 -4.04
CA ILE A 39 0.81 11.47 -3.14
C ILE A 39 -0.29 12.26 -3.86
N GLU A 40 0.10 13.00 -4.89
CA GLU A 40 -0.85 13.78 -5.67
C GLU A 40 -1.60 12.91 -6.65
N ARG A 41 -0.98 11.81 -7.06
CA ARG A 41 -1.59 10.88 -8.00
C ARG A 41 -2.32 9.75 -7.27
N LEU A 42 -2.00 9.59 -6.00
CA LEU A 42 -2.61 8.55 -5.18
C LEU A 42 -3.62 9.14 -4.20
N ASP A 43 -3.46 10.43 -3.91
CA ASP A 43 -4.35 11.13 -2.99
C ASP A 43 -4.41 10.41 -1.66
N GLU A 44 -3.35 9.69 -1.32
CA GLU A 44 -3.28 8.95 -0.06
C GLU A 44 -2.49 9.74 0.98
N ASP A 45 -2.19 9.09 2.09
CA ASP A 45 -1.43 9.72 3.17
C ASP A 45 0.02 9.28 3.16
N THR A 46 0.88 10.10 2.58
CA THR A 46 2.30 9.80 2.48
C THR A 46 3.12 10.72 3.38
N GLU A 47 4.17 10.18 3.99
CA GLU A 47 5.04 10.95 4.87
C GLU A 47 6.38 10.27 5.05
N ARG A 48 7.45 11.07 5.11
CA ARG A 48 8.79 10.55 5.27
C ARG A 48 9.05 10.15 6.72
N ASP A 49 9.47 8.92 6.93
CA ASP A 49 9.75 8.41 8.27
C ASP A 49 10.98 7.53 8.27
N ASP A 50 12.05 8.01 8.90
CA ASP A 50 13.31 7.27 8.97
C ASP A 50 13.86 6.99 7.58
N GLY A 51 13.47 7.83 6.62
CA GLY A 51 13.94 7.67 5.26
C GLY A 51 12.94 6.93 4.38
N ASP A 52 12.12 6.10 5.01
CA ASP A 52 11.11 5.34 4.28
C ASP A 52 9.82 6.15 4.12
N LEU A 53 8.90 5.66 3.30
CA LEU A 53 7.63 6.33 3.07
C LEU A 53 6.46 5.44 3.46
N ILE A 54 5.46 6.03 4.10
CA ILE A 54 4.28 5.29 4.53
C ILE A 54 3.13 5.47 3.55
N ILE A 55 2.43 4.38 3.26
CA ILE A 55 1.30 4.42 2.34
C ILE A 55 0.11 3.65 2.89
N THR A 56 -0.97 4.36 3.18
CA THR A 56 -2.18 3.75 3.71
C THR A 56 -3.31 3.80 2.70
N VAL A 57 -3.77 2.63 2.27
CA VAL A 57 -4.86 2.54 1.30
C VAL A 57 -5.94 1.56 1.76
N PHE A 58 -7.13 2.08 2.01
CA PHE A 58 -8.24 1.25 2.46
C PHE A 58 -9.42 1.34 1.49
N TYR A 59 -10.13 0.23 1.35
CA TYR A 59 -11.28 0.18 0.45
C TYR A 59 -12.44 -0.60 1.08
N GLU A 60 -13.65 -0.06 0.93
CA GLU A 60 -14.84 -0.70 1.48
C GLU A 60 -15.51 -1.59 0.44
N ARG A 61 -16.66 -2.15 0.81
CA ARG A 61 -17.41 -3.01 -0.10
C ARG A 61 -17.49 -2.39 -1.49
N GLU A 62 -17.63 -1.08 -1.55
CA GLU A 62 -17.72 -0.37 -2.82
C GLU A 62 -16.57 -0.76 -3.75
N TYR A 63 -15.39 -0.95 -3.17
CA TYR A 63 -14.21 -1.33 -3.93
C TYR A 63 -13.69 -2.69 -3.50
N PHE A 64 -14.51 -3.41 -2.73
CA PHE A 64 -14.14 -4.74 -2.26
C PHE A 64 -12.94 -4.66 -1.32
N PRO A 65 -13.21 -4.74 -0.01
CA PRO A 65 -12.16 -4.68 1.02
C PRO A 65 -11.28 -5.92 1.02
N PHE A 66 -10.04 -5.77 1.50
CA PHE A 66 -9.11 -6.89 1.56
C PHE A 66 -9.35 -7.73 2.81
N GLY A 67 -10.00 -8.88 2.63
CA GLY A 67 -10.28 -9.76 3.75
C GLY A 67 -10.55 -11.18 3.31
N SER A 68 -9.85 -11.62 2.27
CA SER A 68 -10.02 -12.98 1.75
C SER A 68 -8.97 -13.91 2.34
N GLU A 69 -8.59 -13.67 3.58
CA GLU A 69 -7.59 -14.49 4.26
C GLU A 69 -8.13 -15.90 4.49
N GLU A 70 -9.45 -16.02 4.53
CA GLU A 70 -10.09 -17.32 4.76
C GLU A 70 -9.65 -18.33 3.70
N SER A 71 -9.23 -17.82 2.55
CA SER A 71 -8.79 -18.68 1.45
C SER A 71 -7.48 -19.38 1.80
N LYS A 72 -6.44 -18.58 2.10
CA LYS A 72 -5.15 -19.12 2.46
C LYS A 72 -5.16 -19.73 3.86
N VAL A 73 -6.08 -19.24 4.69
CA VAL A 73 -6.20 -19.74 6.06
C VAL A 73 -4.98 -19.37 6.89
N LYS A 74 -4.37 -18.23 6.57
CA LYS A 74 -3.19 -17.76 7.30
C LYS A 74 -2.97 -16.28 7.07
N MET A 75 -2.03 -15.70 7.82
CA MET A 75 -1.72 -14.28 7.71
C MET A 75 -1.05 -13.98 6.37
N ALA A 76 -0.39 -14.99 5.81
CA ALA A 76 0.31 -14.83 4.53
C ALA A 76 -0.61 -14.20 3.49
N ASP A 77 -1.90 -14.44 3.61
CA ASP A 77 -2.88 -13.89 2.68
C ASP A 77 -2.96 -12.37 2.80
N PHE A 78 -2.89 -11.88 4.04
CA PHE A 78 -2.95 -10.45 4.29
C PHE A 78 -1.74 -9.74 3.71
N ILE A 79 -0.54 -10.23 4.06
CA ILE A 79 0.70 -9.64 3.57
C ILE A 79 0.82 -9.80 2.06
N ALA A 80 0.37 -10.92 1.55
CA ALA A 80 0.42 -11.20 0.11
C ALA A 80 -0.59 -10.34 -0.64
N ARG A 81 -1.80 -10.26 -0.11
CA ARG A 81 -2.86 -9.48 -0.74
C ARG A 81 -2.49 -7.99 -0.76
N GLU A 82 -1.91 -7.52 0.33
CA GLU A 82 -1.51 -6.11 0.43
C GLU A 82 -0.28 -5.83 -0.43
N GLU A 83 0.71 -6.71 -0.35
CA GLU A 83 1.94 -6.55 -1.11
C GLU A 83 1.64 -6.51 -2.61
N ILE A 84 0.93 -7.52 -3.09
CA ILE A 84 0.57 -7.59 -4.51
C ILE A 84 -0.36 -6.45 -4.91
N GLU A 85 -1.18 -6.01 -3.95
CA GLU A 85 -2.12 -4.92 -4.20
C GLU A 85 -1.38 -3.65 -4.61
N MET A 86 -0.33 -3.31 -3.87
CA MET A 86 0.46 -2.12 -4.15
C MET A 86 1.40 -2.36 -5.33
N MET A 87 2.10 -3.48 -5.31
CA MET A 87 3.03 -3.83 -6.37
C MET A 87 2.32 -3.85 -7.73
N VAL A 88 1.20 -4.56 -7.80
CA VAL A 88 0.43 -4.65 -9.04
C VAL A 88 -0.10 -3.29 -9.45
N PHE A 89 -0.52 -2.50 -8.46
CA PHE A 89 -1.06 -1.17 -8.73
C PHE A 89 -0.02 -0.28 -9.39
N LEU A 90 1.14 -0.15 -8.73
CA LEU A 90 2.21 0.68 -9.26
C LEU A 90 2.72 0.14 -10.59
N SER A 91 3.08 -1.14 -10.61
CA SER A 91 3.58 -1.78 -11.81
C SER A 91 2.62 -1.55 -12.98
N SER A 92 1.33 -1.60 -12.69
CA SER A 92 0.31 -1.41 -13.71
C SER A 92 0.30 0.03 -14.22
N VAL A 93 0.66 0.96 -13.33
CA VAL A 93 0.70 2.38 -13.69
C VAL A 93 1.99 2.72 -14.42
N LEU A 94 3.08 2.08 -14.01
CA LEU A 94 4.38 2.32 -14.63
C LEU A 94 4.49 1.60 -15.97
N GLU A 95 3.92 0.41 -16.04
CA GLU A 95 3.95 -0.39 -17.26
C GLU A 95 3.18 0.30 -18.38
N ASP A 96 2.21 1.13 -18.00
CA ASP A 96 1.40 1.86 -18.97
C ASP A 96 1.74 3.34 -18.95
N MET A 1 23.90 4.08 -12.06
CA MET A 1 22.90 4.60 -11.13
C MET A 1 21.68 3.67 -11.08
N VAL A 2 21.91 2.39 -11.35
CA VAL A 2 20.83 1.41 -11.34
C VAL A 2 20.37 1.11 -9.91
N PHE A 3 19.06 0.97 -9.73
CA PHE A 3 18.50 0.68 -8.41
C PHE A 3 17.00 0.45 -8.50
N TYR A 4 16.51 -0.50 -7.72
CA TYR A 4 15.10 -0.83 -7.72
C TYR A 4 14.53 -0.79 -6.30
N LEU A 5 13.35 -0.20 -6.16
CA LEU A 5 12.70 -0.10 -4.85
C LEU A 5 11.54 -1.07 -4.74
N LYS A 6 11.34 -1.61 -3.55
CA LYS A 6 10.26 -2.57 -3.30
C LYS A 6 9.38 -2.10 -2.15
N VAL A 7 8.09 -2.43 -2.23
CA VAL A 7 7.14 -2.05 -1.18
C VAL A 7 6.65 -3.26 -0.42
N LYS A 8 6.68 -3.18 0.91
CA LYS A 8 6.24 -4.28 1.76
C LYS A 8 5.36 -3.77 2.90
N VAL A 9 4.50 -4.64 3.41
CA VAL A 9 3.60 -4.27 4.50
C VAL A 9 4.40 -3.93 5.77
N GLU A 10 4.11 -2.78 6.36
CA GLU A 10 4.80 -2.35 7.57
C GLU A 10 3.85 -2.37 8.77
N ASP A 11 2.56 -2.18 8.50
CA ASP A 11 1.55 -2.17 9.55
C ASP A 11 0.15 -2.25 8.96
N PHE A 12 -0.49 -3.40 9.13
CA PHE A 12 -1.84 -3.61 8.61
C PHE A 12 -2.86 -3.62 9.74
N GLY A 13 -4.10 -3.27 9.41
CA GLY A 13 -5.15 -3.24 10.41
C GLY A 13 -6.53 -3.08 9.80
N PHE A 14 -7.56 -3.17 10.64
CA PHE A 14 -8.94 -3.04 10.17
C PHE A 14 -9.77 -2.21 11.14
N ARG A 15 -10.63 -1.36 10.59
CA ARG A 15 -11.48 -0.50 11.41
C ARG A 15 -12.95 -0.89 11.25
N GLU A 16 -13.50 -1.56 12.27
CA GLU A 16 -14.89 -1.99 12.24
C GLU A 16 -15.83 -0.78 12.22
N ASP A 17 -15.35 0.34 12.74
CA ASP A 17 -16.14 1.57 12.79
C ASP A 17 -16.39 2.10 11.38
N MET A 18 -15.49 1.77 10.46
CA MET A 18 -15.62 2.22 9.08
C MET A 18 -16.14 1.10 8.19
N GLY A 19 -15.78 -0.14 8.50
CA GLY A 19 -16.22 -1.27 7.72
C GLY A 19 -15.25 -1.64 6.62
N LEU A 20 -14.03 -1.11 6.70
CA LEU A 20 -13.01 -1.39 5.71
C LEU A 20 -11.68 -1.71 6.38
N ASN A 21 -10.72 -2.17 5.57
CA ASN A 21 -9.40 -2.52 6.09
C ASN A 21 -8.33 -1.58 5.53
N TYR A 22 -7.31 -1.32 6.33
CA TYR A 22 -6.22 -0.43 5.92
C TYR A 22 -4.87 -1.10 6.14
N VAL A 23 -3.88 -0.66 5.37
CA VAL A 23 -2.53 -1.21 5.48
C VAL A 23 -1.48 -0.15 5.13
N ARG A 24 -0.39 -0.15 5.89
CA ARG A 24 0.70 0.80 5.65
C ARG A 24 1.83 0.16 4.85
N TYR A 25 2.22 0.81 3.77
CA TYR A 25 3.29 0.30 2.92
C TYR A 25 4.57 1.09 3.13
N ARG A 26 5.70 0.39 3.09
CA ARG A 26 7.00 1.03 3.28
C ARG A 26 7.77 1.08 1.97
N VAL A 27 7.98 2.29 1.45
CA VAL A 27 8.71 2.48 0.20
C VAL A 27 9.90 3.40 0.40
N SER A 28 11.04 3.00 -0.15
CA SER A 28 12.27 3.79 -0.04
C SER A 28 12.90 4.01 -1.41
N GLY A 29 13.34 5.23 -1.66
CA GLY A 29 13.96 5.55 -2.93
C GLY A 29 13.37 6.78 -3.58
N LEU A 30 12.23 7.23 -3.06
CA LEU A 30 11.56 8.42 -3.59
C LEU A 30 12.33 9.69 -3.26
N ASP A 31 11.86 10.81 -3.75
CA ASP A 31 12.50 12.10 -3.51
C ASP A 31 11.51 13.10 -2.92
N GLU A 32 12.04 14.18 -2.36
CA GLU A 32 11.20 15.22 -1.77
C GLU A 32 10.17 15.73 -2.77
N GLU A 33 10.63 16.01 -3.99
CA GLU A 33 9.75 16.50 -5.05
C GLU A 33 8.91 15.37 -5.63
N LEU A 34 9.52 14.20 -5.78
CA LEU A 34 8.83 13.04 -6.33
C LEU A 34 7.63 12.66 -5.46
N THR A 35 7.79 12.81 -4.14
CA THR A 35 6.72 12.48 -3.21
C THR A 35 5.43 13.19 -3.59
N GLU A 36 5.54 14.43 -4.04
CA GLU A 36 4.38 15.22 -4.43
C GLU A 36 3.65 14.56 -5.60
N LYS A 37 4.39 13.78 -6.39
CA LYS A 37 3.81 13.09 -7.54
C LYS A 37 2.95 11.92 -7.09
N LEU A 38 3.53 11.03 -6.30
CA LEU A 38 2.81 9.87 -5.80
C LEU A 38 1.65 10.28 -4.89
N ILE A 39 1.95 11.16 -3.94
CA ILE A 39 0.95 11.63 -3.00
C ILE A 39 -0.27 12.20 -3.74
N GLU A 40 -0.04 12.71 -4.94
CA GLU A 40 -1.11 13.27 -5.74
C GLU A 40 -1.93 12.17 -6.41
N ARG A 41 -1.24 11.22 -7.03
CA ARG A 41 -1.91 10.10 -7.70
C ARG A 41 -2.64 9.22 -6.70
N LEU A 42 -1.96 8.90 -5.59
CA LEU A 42 -2.55 8.06 -4.55
C LEU A 42 -3.53 8.85 -3.70
N ASP A 43 -3.17 10.09 -3.39
CA ASP A 43 -4.02 10.96 -2.58
C ASP A 43 -4.33 10.32 -1.23
N GLU A 44 -3.28 9.87 -0.55
CA GLU A 44 -3.43 9.24 0.76
C GLU A 44 -2.44 9.80 1.76
N ASP A 45 -2.48 9.28 2.98
CA ASP A 45 -1.58 9.73 4.04
C ASP A 45 -0.14 9.33 3.73
N THR A 46 0.71 10.33 3.50
CA THR A 46 2.12 10.08 3.19
C THR A 46 3.03 10.84 4.15
N GLU A 47 4.15 10.22 4.52
CA GLU A 47 5.10 10.85 5.42
C GLU A 47 6.46 10.17 5.33
N ARG A 48 7.52 10.97 5.40
CA ARG A 48 8.88 10.45 5.31
C ARG A 48 9.40 10.07 6.70
N ASP A 49 9.90 8.84 6.82
CA ASP A 49 10.42 8.35 8.09
C ASP A 49 11.64 7.46 7.86
N ASP A 50 12.79 7.90 8.37
CA ASP A 50 14.03 7.15 8.22
C ASP A 50 14.34 6.90 6.75
N GLY A 51 13.83 7.76 5.89
CA GLY A 51 14.05 7.61 4.46
C GLY A 51 12.99 6.79 3.77
N ASP A 52 12.02 6.32 4.56
CA ASP A 52 10.93 5.51 4.02
C ASP A 52 9.65 6.33 3.88
N LEU A 53 8.66 5.77 3.21
CA LEU A 53 7.39 6.45 3.00
C LEU A 53 6.21 5.54 3.38
N ILE A 54 5.29 6.08 4.16
CA ILE A 54 4.12 5.32 4.60
C ILE A 54 2.91 5.64 3.73
N ILE A 55 2.16 4.60 3.37
CA ILE A 55 0.97 4.77 2.55
C ILE A 55 -0.19 3.92 3.06
N THR A 56 -1.27 4.58 3.47
CA THR A 56 -2.44 3.88 3.98
C THR A 56 -3.63 4.05 3.04
N VAL A 57 -4.12 2.94 2.51
CA VAL A 57 -5.27 2.97 1.60
C VAL A 57 -6.33 1.96 2.02
N PHE A 58 -7.50 2.46 2.39
CA PHE A 58 -8.60 1.61 2.82
C PHE A 58 -9.82 1.79 1.92
N TYR A 59 -10.56 0.71 1.71
CA TYR A 59 -11.76 0.77 0.87
C TYR A 59 -12.84 -0.17 1.40
N GLU A 60 -14.08 0.30 1.37
CA GLU A 60 -15.20 -0.50 1.85
C GLU A 60 -15.84 -1.28 0.71
N ARG A 61 -16.93 -1.97 1.02
CA ARG A 61 -17.64 -2.77 0.01
C ARG A 61 -17.79 -1.98 -1.28
N GLU A 62 -18.04 -0.69 -1.16
CA GLU A 62 -18.22 0.17 -2.32
C GLU A 62 -17.07 -0.02 -3.32
N TYR A 63 -15.86 -0.20 -2.80
CA TYR A 63 -14.68 -0.39 -3.63
C TYR A 63 -14.04 -1.75 -3.37
N PHE A 64 -14.78 -2.62 -2.67
CA PHE A 64 -14.29 -3.95 -2.36
C PHE A 64 -13.08 -3.88 -1.43
N PRO A 65 -13.31 -4.15 -0.13
CA PRO A 65 -12.26 -4.12 0.88
C PRO A 65 -11.26 -5.27 0.71
N PHE A 66 -10.02 -5.03 1.13
CA PHE A 66 -8.97 -6.04 1.02
C PHE A 66 -9.02 -7.00 2.21
N GLY A 67 -9.48 -8.22 1.96
CA GLY A 67 -9.58 -9.20 3.02
C GLY A 67 -9.75 -10.62 2.49
N SER A 68 -10.73 -11.34 3.03
CA SER A 68 -10.99 -12.71 2.60
C SER A 68 -9.80 -13.61 2.93
N GLU A 69 -9.22 -13.40 4.10
CA GLU A 69 -8.07 -14.20 4.55
C GLU A 69 -8.48 -15.65 4.77
N GLU A 70 -9.76 -15.87 5.03
CA GLU A 70 -10.27 -17.21 5.27
C GLU A 70 -9.96 -18.12 4.09
N SER A 71 -9.76 -17.54 2.93
CA SER A 71 -9.45 -18.31 1.72
C SER A 71 -8.10 -19.01 1.86
N LYS A 72 -7.06 -18.22 2.11
CA LYS A 72 -5.72 -18.77 2.26
C LYS A 72 -5.59 -19.53 3.58
N VAL A 73 -6.45 -19.20 4.54
CA VAL A 73 -6.42 -19.85 5.84
C VAL A 73 -5.14 -19.53 6.61
N LYS A 74 -4.75 -18.26 6.57
CA LYS A 74 -3.54 -17.80 7.25
C LYS A 74 -3.33 -16.30 7.06
N MET A 75 -2.42 -15.74 7.85
CA MET A 75 -2.13 -14.31 7.76
C MET A 75 -1.40 -13.98 6.46
N ALA A 76 -0.73 -14.99 5.89
CA ALA A 76 0.00 -14.80 4.64
C ALA A 76 -0.88 -14.13 3.59
N ASP A 77 -2.17 -14.36 3.67
CA ASP A 77 -3.13 -13.77 2.72
C ASP A 77 -3.12 -12.25 2.82
N PHE A 78 -3.05 -11.74 4.05
CA PHE A 78 -3.03 -10.31 4.29
C PHE A 78 -1.78 -9.67 3.69
N ILE A 79 -0.63 -10.21 4.04
CA ILE A 79 0.64 -9.70 3.55
C ILE A 79 0.78 -9.92 2.04
N ALA A 80 0.23 -11.03 1.57
CA ALA A 80 0.28 -11.36 0.15
C ALA A 80 -0.62 -10.43 -0.67
N ARG A 81 -1.84 -10.24 -0.18
CA ARG A 81 -2.79 -9.37 -0.86
C ARG A 81 -2.41 -7.90 -0.71
N GLU A 82 -1.78 -7.58 0.41
CA GLU A 82 -1.37 -6.20 0.67
C GLU A 82 -0.13 -5.84 -0.14
N GLU A 83 0.88 -6.71 -0.09
CA GLU A 83 2.12 -6.48 -0.82
C GLU A 83 1.85 -6.33 -2.32
N ILE A 84 1.15 -7.31 -2.88
CA ILE A 84 0.82 -7.29 -4.30
C ILE A 84 -0.04 -6.07 -4.66
N GLU A 85 -0.83 -5.62 -3.69
CA GLU A 85 -1.70 -4.46 -3.90
C GLU A 85 -0.88 -3.24 -4.31
N MET A 86 0.20 -2.99 -3.59
CA MET A 86 1.06 -1.85 -3.87
C MET A 86 1.97 -2.14 -5.06
N MET A 87 2.60 -3.32 -5.06
CA MET A 87 3.48 -3.71 -6.14
C MET A 87 2.77 -3.64 -7.49
N VAL A 88 1.59 -4.26 -7.57
CA VAL A 88 0.81 -4.25 -8.79
C VAL A 88 0.38 -2.83 -9.17
N PHE A 89 -0.01 -2.06 -8.17
CA PHE A 89 -0.43 -0.68 -8.40
C PHE A 89 0.66 0.13 -9.09
N LEU A 90 1.84 0.16 -8.48
CA LEU A 90 2.97 0.89 -9.02
C LEU A 90 3.35 0.35 -10.39
N SER A 91 3.59 -0.96 -10.47
CA SER A 91 3.96 -1.60 -11.72
C SER A 91 2.99 -1.23 -12.83
N SER A 92 1.70 -1.27 -12.52
CA SER A 92 0.66 -0.94 -13.49
C SER A 92 0.81 0.51 -13.98
N VAL A 93 1.31 1.37 -13.10
CA VAL A 93 1.50 2.77 -13.44
C VAL A 93 2.82 2.98 -14.18
N LEU A 94 3.81 2.17 -13.86
CA LEU A 94 5.11 2.26 -14.50
C LEU A 94 5.09 1.65 -15.89
N GLU A 95 4.27 0.62 -16.07
CA GLU A 95 4.16 -0.05 -17.36
C GLU A 95 3.89 0.96 -18.48
N ASP A 96 3.21 2.05 -18.13
CA ASP A 96 2.89 3.09 -19.10
C ASP A 96 3.53 4.43 -18.70
N MET A 1 17.87 1.38 -17.60
CA MET A 1 16.69 1.69 -16.80
C MET A 1 16.13 0.44 -16.14
N VAL A 2 16.83 -0.05 -15.11
CA VAL A 2 16.40 -1.24 -14.39
C VAL A 2 16.04 -0.91 -12.95
N PHE A 3 14.85 -0.33 -12.76
CA PHE A 3 14.39 0.03 -11.43
C PHE A 3 13.62 -1.12 -10.78
N TYR A 4 13.70 -1.21 -9.46
CA TYR A 4 13.01 -2.27 -8.72
C TYR A 4 12.62 -1.79 -7.33
N LEU A 5 11.50 -1.07 -7.25
CA LEU A 5 11.03 -0.56 -5.97
C LEU A 5 10.68 -1.70 -5.02
N LYS A 6 10.77 -1.42 -3.72
CA LYS A 6 10.47 -2.43 -2.71
C LYS A 6 9.41 -1.91 -1.73
N VAL A 7 8.20 -2.46 -1.84
CA VAL A 7 7.10 -2.05 -0.97
C VAL A 7 6.54 -3.24 -0.21
N LYS A 8 6.57 -3.17 1.12
CA LYS A 8 6.05 -4.25 1.96
C LYS A 8 5.22 -3.68 3.10
N VAL A 9 4.30 -4.50 3.61
CA VAL A 9 3.44 -4.09 4.71
C VAL A 9 4.24 -3.89 6.00
N GLU A 10 4.08 -2.72 6.61
CA GLU A 10 4.79 -2.41 7.85
C GLU A 10 3.84 -2.43 9.04
N ASP A 11 2.58 -2.06 8.79
CA ASP A 11 1.58 -2.04 9.84
C ASP A 11 0.17 -2.09 9.26
N PHE A 12 -0.52 -3.21 9.46
CA PHE A 12 -1.86 -3.39 8.95
C PHE A 12 -2.89 -3.32 10.07
N GLY A 13 -4.07 -2.83 9.76
CA GLY A 13 -5.13 -2.71 10.75
C GLY A 13 -6.51 -2.59 10.13
N PHE A 14 -7.54 -2.77 10.95
CA PHE A 14 -8.92 -2.69 10.48
C PHE A 14 -9.72 -1.69 11.29
N ARG A 15 -10.56 -0.91 10.62
CA ARG A 15 -11.39 0.09 11.29
C ARG A 15 -12.86 -0.28 11.21
N GLU A 16 -13.35 -0.95 12.25
CA GLU A 16 -14.75 -1.36 12.30
C GLU A 16 -15.68 -0.16 12.25
N ASP A 17 -15.18 0.99 12.68
CA ASP A 17 -15.96 2.22 12.68
C ASP A 17 -16.33 2.62 11.26
N MET A 18 -15.53 2.19 10.30
CA MET A 18 -15.78 2.51 8.89
C MET A 18 -16.19 1.27 8.12
N GLY A 19 -15.75 0.11 8.60
CA GLY A 19 -16.09 -1.15 7.93
C GLY A 19 -15.11 -1.50 6.84
N LEU A 20 -13.92 -0.91 6.89
CA LEU A 20 -12.89 -1.17 5.90
C LEU A 20 -11.56 -1.51 6.57
N ASN A 21 -10.60 -1.96 5.76
CA ASN A 21 -9.28 -2.31 6.28
C ASN A 21 -8.21 -1.39 5.71
N TYR A 22 -7.18 -1.12 6.52
CA TYR A 22 -6.10 -0.26 6.10
C TYR A 22 -4.74 -0.91 6.34
N VAL A 23 -3.73 -0.50 5.59
CA VAL A 23 -2.38 -1.04 5.73
C VAL A 23 -1.33 -0.03 5.32
N ARG A 24 -0.24 0.02 6.08
CA ARG A 24 0.85 0.95 5.79
C ARG A 24 1.98 0.26 5.04
N TYR A 25 2.40 0.87 3.94
CA TYR A 25 3.47 0.30 3.12
C TYR A 25 4.76 1.10 3.31
N ARG A 26 5.89 0.39 3.27
CA ARG A 26 7.20 1.01 3.43
C ARG A 26 7.96 1.04 2.12
N VAL A 27 8.18 2.23 1.59
CA VAL A 27 8.91 2.39 0.33
C VAL A 27 10.14 3.27 0.51
N SER A 28 11.26 2.84 -0.05
CA SER A 28 12.51 3.57 0.05
C SER A 28 12.99 4.03 -1.33
N GLY A 29 13.41 5.28 -1.42
CA GLY A 29 13.89 5.82 -2.68
C GLY A 29 13.01 6.95 -3.20
N LEU A 30 12.46 7.73 -2.28
CA LEU A 30 11.60 8.84 -2.65
C LEU A 30 12.13 10.16 -2.08
N ASP A 31 11.58 11.27 -2.55
CA ASP A 31 12.01 12.59 -2.08
C ASP A 31 10.81 13.39 -1.58
N GLU A 32 11.09 14.53 -0.95
CA GLU A 32 10.04 15.40 -0.43
C GLU A 32 9.19 15.96 -1.56
N GLU A 33 9.85 16.36 -2.65
CA GLU A 33 9.15 16.91 -3.80
C GLU A 33 8.46 15.82 -4.61
N LEU A 34 9.05 14.63 -4.60
CA LEU A 34 8.49 13.49 -5.32
C LEU A 34 7.26 12.95 -4.61
N THR A 35 7.31 12.93 -3.29
CA THR A 35 6.20 12.43 -2.48
C THR A 35 4.89 13.11 -2.87
N GLU A 36 4.95 14.41 -3.12
CA GLU A 36 3.78 15.18 -3.50
C GLU A 36 3.16 14.63 -4.79
N LYS A 37 3.99 13.99 -5.61
CA LYS A 37 3.53 13.42 -6.87
C LYS A 37 2.67 12.17 -6.62
N LEU A 38 3.21 11.22 -5.87
CA LEU A 38 2.51 9.99 -5.56
C LEU A 38 1.28 10.28 -4.70
N ILE A 39 1.48 11.04 -3.63
CA ILE A 39 0.40 11.38 -2.72
C ILE A 39 -0.78 12.00 -3.47
N GLU A 40 -0.47 12.64 -4.60
CA GLU A 40 -1.50 13.27 -5.42
C GLU A 40 -2.26 12.23 -6.24
N ARG A 41 -1.53 11.26 -6.76
CA ARG A 41 -2.13 10.20 -7.57
C ARG A 41 -2.90 9.22 -6.69
N LEU A 42 -2.31 8.83 -5.57
CA LEU A 42 -2.93 7.89 -4.65
C LEU A 42 -3.94 8.61 -3.75
N ASP A 43 -3.67 9.87 -3.47
CA ASP A 43 -4.56 10.68 -2.62
C ASP A 43 -4.68 10.06 -1.23
N GLU A 44 -3.54 9.72 -0.64
CA GLU A 44 -3.51 9.12 0.69
C GLU A 44 -2.56 9.88 1.61
N ASP A 45 -2.40 9.38 2.83
CA ASP A 45 -1.52 10.01 3.80
C ASP A 45 -0.09 9.52 3.63
N THR A 46 0.81 10.45 3.36
CA THR A 46 2.22 10.13 3.17
C THR A 46 3.09 10.76 4.25
N GLU A 47 4.19 10.10 4.59
CA GLU A 47 5.10 10.59 5.61
C GLU A 47 6.48 9.95 5.47
N ARG A 48 7.51 10.75 5.70
CA ARG A 48 8.89 10.27 5.59
C ARG A 48 9.39 9.77 6.94
N ASP A 49 10.08 8.64 6.93
CA ASP A 49 10.63 8.07 8.17
C ASP A 49 11.83 7.17 7.86
N ASP A 50 13.00 7.57 8.38
CA ASP A 50 14.22 6.81 8.16
C ASP A 50 14.50 6.63 6.67
N GLY A 51 13.99 7.55 5.86
CA GLY A 51 14.18 7.47 4.43
C GLY A 51 13.05 6.76 3.72
N ASP A 52 12.26 6.00 4.48
CA ASP A 52 11.14 5.27 3.92
C ASP A 52 9.89 6.14 3.89
N LEU A 53 8.85 5.65 3.20
CA LEU A 53 7.60 6.39 3.09
C LEU A 53 6.41 5.52 3.49
N ILE A 54 5.51 6.08 4.29
CA ILE A 54 4.34 5.35 4.75
C ILE A 54 3.12 5.70 3.91
N ILE A 55 2.38 4.69 3.49
CA ILE A 55 1.19 4.89 2.68
C ILE A 55 0.03 4.03 3.18
N THR A 56 -1.04 4.68 3.61
CA THR A 56 -2.22 3.97 4.11
C THR A 56 -3.41 4.14 3.17
N VAL A 57 -3.89 3.03 2.62
CA VAL A 57 -5.02 3.04 1.71
C VAL A 57 -6.07 2.02 2.11
N PHE A 58 -7.25 2.51 2.47
CA PHE A 58 -8.35 1.64 2.89
C PHE A 58 -9.56 1.83 1.99
N TYR A 59 -10.29 0.74 1.75
CA TYR A 59 -11.47 0.78 0.90
C TYR A 59 -12.58 -0.11 1.46
N GLU A 60 -13.81 0.40 1.44
CA GLU A 60 -14.95 -0.35 1.94
C GLU A 60 -15.65 -1.09 0.81
N ARG A 61 -16.76 -1.76 1.15
CA ARG A 61 -17.52 -2.52 0.16
C ARG A 61 -17.74 -1.69 -1.10
N GLU A 62 -17.88 -0.38 -0.92
CA GLU A 62 -18.11 0.52 -2.05
C GLU A 62 -17.03 0.33 -3.12
N TYR A 63 -15.80 0.07 -2.67
CA TYR A 63 -14.69 -0.13 -3.59
C TYR A 63 -14.09 -1.52 -3.41
N PHE A 64 -14.79 -2.39 -2.69
CA PHE A 64 -14.33 -3.74 -2.44
C PHE A 64 -13.08 -3.74 -1.57
N PRO A 65 -13.27 -4.03 -0.27
CA PRO A 65 -12.17 -4.08 0.70
C PRO A 65 -11.23 -5.24 0.46
N PHE A 66 -9.94 -5.05 0.77
CA PHE A 66 -8.95 -6.10 0.59
C PHE A 66 -8.93 -7.05 1.79
N GLY A 67 -8.85 -8.34 1.50
CA GLY A 67 -8.82 -9.33 2.56
C GLY A 67 -8.89 -10.75 2.03
N SER A 68 -10.05 -11.38 2.15
CA SER A 68 -10.24 -12.75 1.67
C SER A 68 -9.16 -13.67 2.25
N GLU A 69 -8.80 -13.43 3.51
CA GLU A 69 -7.79 -14.24 4.17
C GLU A 69 -8.27 -15.68 4.36
N GLU A 70 -9.58 -15.85 4.38
CA GLU A 70 -10.17 -17.18 4.56
C GLU A 70 -9.65 -18.14 3.49
N SER A 71 -9.23 -17.60 2.36
CA SER A 71 -8.72 -18.41 1.26
C SER A 71 -7.39 -19.05 1.64
N LYS A 72 -6.41 -18.23 1.98
CA LYS A 72 -5.09 -18.71 2.37
C LYS A 72 -5.12 -19.35 3.75
N VAL A 73 -6.12 -18.97 4.54
CA VAL A 73 -6.26 -19.50 5.89
C VAL A 73 -5.13 -19.06 6.79
N LYS A 74 -4.79 -17.78 6.72
CA LYS A 74 -3.71 -17.22 7.52
C LYS A 74 -3.55 -15.72 7.27
N MET A 75 -2.78 -15.06 8.12
CA MET A 75 -2.54 -13.62 7.99
C MET A 75 -1.71 -13.32 6.74
N ALA A 76 -0.92 -14.30 6.33
CA ALA A 76 -0.06 -14.14 5.15
C ALA A 76 -0.87 -13.63 3.96
N ASP A 77 -2.16 -13.98 3.92
CA ASP A 77 -3.04 -13.56 2.84
C ASP A 77 -3.19 -12.04 2.83
N PHE A 78 -3.30 -11.46 4.01
CA PHE A 78 -3.46 -10.01 4.14
C PHE A 78 -2.22 -9.28 3.64
N ILE A 79 -1.06 -9.69 4.13
CA ILE A 79 0.20 -9.08 3.72
C ILE A 79 0.53 -9.38 2.27
N ALA A 80 0.16 -10.58 1.83
CA ALA A 80 0.41 -10.99 0.45
C ALA A 80 -0.50 -10.24 -0.52
N ARG A 81 -1.79 -10.21 -0.21
CA ARG A 81 -2.76 -9.53 -1.05
C ARG A 81 -2.44 -8.03 -1.15
N GLU A 82 -1.95 -7.47 -0.05
CA GLU A 82 -1.60 -6.05 -0.02
C GLU A 82 -0.28 -5.79 -0.72
N GLU A 83 0.74 -6.58 -0.38
CA GLU A 83 2.06 -6.44 -0.98
C GLU A 83 1.96 -6.50 -2.50
N ILE A 84 1.35 -7.55 -3.01
CA ILE A 84 1.20 -7.73 -4.45
C ILE A 84 0.39 -6.58 -5.07
N GLU A 85 -0.54 -6.04 -4.28
CA GLU A 85 -1.37 -4.94 -4.75
C GLU A 85 -0.52 -3.71 -5.08
N MET A 86 0.46 -3.43 -4.22
CA MET A 86 1.35 -2.29 -4.43
C MET A 86 2.39 -2.59 -5.49
N MET A 87 3.01 -3.77 -5.38
CA MET A 87 4.04 -4.18 -6.34
C MET A 87 3.46 -4.25 -7.75
N VAL A 88 2.26 -4.79 -7.87
CA VAL A 88 1.60 -4.92 -9.17
C VAL A 88 1.08 -3.57 -9.66
N PHE A 89 0.58 -2.77 -8.73
CA PHE A 89 0.04 -1.46 -9.06
C PHE A 89 1.11 -0.60 -9.75
N LEU A 90 2.25 -0.45 -9.11
CA LEU A 90 3.34 0.34 -9.65
C LEU A 90 3.84 -0.26 -10.96
N SER A 91 3.91 -1.58 -11.02
CA SER A 91 4.37 -2.28 -12.22
C SER A 91 3.56 -1.85 -13.44
N SER A 92 2.26 -1.63 -13.22
CA SER A 92 1.37 -1.23 -14.31
C SER A 92 1.78 0.13 -14.86
N VAL A 93 2.31 0.99 -13.99
CA VAL A 93 2.74 2.32 -14.39
C VAL A 93 4.14 2.29 -14.99
N LEU A 94 4.99 1.41 -14.47
CA LEU A 94 6.35 1.28 -14.96
C LEU A 94 6.39 0.47 -16.26
N GLU A 95 5.32 -0.26 -16.54
CA GLU A 95 5.23 -1.06 -17.74
C GLU A 95 4.59 -0.28 -18.88
N ASP A 96 4.53 1.04 -18.72
CA ASP A 96 3.94 1.91 -19.74
C ASP A 96 2.45 1.70 -19.84
#